data_2Q8N
#
_entry.id   2Q8N
#
_cell.length_a   117.506
_cell.length_b   125.867
_cell.length_c   245.476
_cell.angle_alpha   90.000
_cell.angle_beta   90.000
_cell.angle_gamma   90.000
#
_symmetry.space_group_name_H-M   'I 21 21 21'
#
loop_
_entity.id
_entity.type
_entity.pdbx_description
1 polymer 'Glucose-6-phosphate isomerase'
2 non-polymer 'SULFATE ION'
3 non-polymer 'CHLORIDE ION'
4 non-polymer 'NONAETHYLENE GLYCOL'
5 water water
#
_entity_poly.entity_id   1
_entity_poly.type   'polypeptide(L)'
_entity_poly.pdbx_seq_one_letter_code
;MGSDKIHHHHHHMSLKFDFSNLFEPNISGGLTDEDVKSVEEKVTSAVRNFVENTPDFAKLDRSWIDSVKSLEDWIINFDT
VVVLGIGGSGLGNLALHYSLRPLNWNEMTREERNGYARVFVVDNVDPDLMSSVLDRIDPKTTLFNVISKSGSTAEVMATY
SIARGILEAYGLDPREHMLITTDPEKGFLRKLVKEEGFRSLEVPPGVGGRFSVLTPVGLLSAMAEGIDIDELHEGAKDAF
EKSMKENILENPAAMIALTHYLYLNKGKSISVMMAYSNRMIYLVDWYRQLWAESLGKRYNLKGEEVFTGQTPVKALGATD
QHSQIQLYNEGPNDKVITFLRVENFDREIVIPETGRAELSYLARKKLSELLLAEQTGTEEALRENNRPNMRVTFDGLTPY
NVGQFFAYYEAATAFMGYLLEINPFDQPGVELGKKITFALMGREGYTYEIKERSKKVIIE
;
_entity_poly.pdbx_strand_id   A,B,C
#
loop_
_chem_comp.id
_chem_comp.type
_chem_comp.name
_chem_comp.formula
2PE non-polymer 'NONAETHYLENE GLYCOL' 'C18 H38 O10'
CL non-polymer 'CHLORIDE ION' 'Cl -1'
SO4 non-polymer 'SULFATE ION' 'O4 S -2'
#
# COMPACT_ATOMS: atom_id res chain seq x y z
N HIS A 12 35.38 -15.48 -7.41
CA HIS A 12 34.73 -16.24 -8.51
C HIS A 12 35.06 -17.73 -8.45
N MET A 13 34.21 -18.48 -7.79
CA MET A 13 34.36 -19.92 -7.79
C MET A 13 33.05 -20.58 -8.24
N SER A 14 33.19 -21.73 -8.89
CA SER A 14 32.05 -22.47 -9.35
C SER A 14 31.20 -22.94 -8.20
N LEU A 15 29.88 -22.96 -8.44
CA LEU A 15 28.96 -23.64 -7.56
C LEU A 15 29.49 -25.07 -7.47
N LYS A 16 29.36 -25.66 -6.28
CA LYS A 16 29.67 -27.07 -6.10
C LYS A 16 28.37 -27.86 -6.07
N PHE A 17 28.35 -29.00 -6.76
CA PHE A 17 27.21 -29.91 -6.73
C PHE A 17 27.61 -31.25 -6.13
N ASP A 18 26.78 -31.76 -5.22
CA ASP A 18 26.98 -33.07 -4.57
C ASP A 18 25.71 -33.88 -4.75
N PHE A 19 25.77 -34.77 -5.73
CA PHE A 19 24.65 -35.62 -6.09
C PHE A 19 24.65 -36.98 -5.35
N SER A 20 25.56 -37.13 -4.42
CA SER A 20 25.80 -38.41 -3.76
C SER A 20 24.59 -39.04 -3.10
N ASN A 21 23.79 -38.28 -2.36
CA ASN A 21 22.58 -38.87 -1.77
C ASN A 21 21.43 -39.11 -2.73
N LEU A 22 21.68 -39.06 -4.04
CA LEU A 22 20.69 -39.54 -5.01
C LEU A 22 20.94 -41.05 -5.43
N PHE A 23 22.11 -41.57 -5.05
CA PHE A 23 22.62 -42.84 -5.54
C PHE A 23 22.71 -43.93 -4.48
N GLU A 24 22.49 -45.17 -4.95
CA GLU A 24 22.84 -46.39 -4.20
C GLU A 24 24.36 -46.45 -4.06
N PRO A 25 24.88 -46.90 -2.93
CA PRO A 25 24.27 -47.36 -1.70
C PRO A 25 23.93 -46.25 -0.68
N ASN A 26 24.17 -44.97 -1.00
CA ASN A 26 23.94 -43.90 -0.03
C ASN A 26 22.51 -43.84 0.41
N ILE A 27 21.60 -44.00 -0.52
CA ILE A 27 20.24 -44.35 -0.17
C ILE A 27 19.91 -45.78 -0.71
N SER A 28 19.25 -46.57 0.13
CA SER A 28 18.61 -47.81 -0.29
C SER A 28 17.44 -47.41 -1.18
N GLY A 29 17.38 -47.94 -2.40
CA GLY A 29 16.41 -47.52 -3.39
C GLY A 29 17.01 -46.50 -4.35
N GLY A 30 18.28 -46.14 -4.13
CA GLY A 30 18.95 -45.11 -4.91
C GLY A 30 19.16 -45.45 -6.37
N LEU A 31 19.58 -44.46 -7.16
CA LEU A 31 19.93 -44.68 -8.55
C LEU A 31 21.20 -45.53 -8.63
N THR A 32 21.28 -46.31 -9.71
CA THR A 32 22.41 -47.25 -9.92
C THR A 32 23.16 -46.88 -11.20
N ASP A 33 24.30 -47.52 -11.40
CA ASP A 33 25.04 -47.32 -12.65
C ASP A 33 24.24 -47.79 -13.86
N GLU A 34 23.42 -48.81 -13.64
CA GLU A 34 22.53 -49.34 -14.68
C GLU A 34 21.50 -48.28 -15.08
N ASP A 35 20.94 -47.62 -14.07
CA ASP A 35 20.05 -46.48 -14.30
C ASP A 35 20.74 -45.38 -15.12
N VAL A 36 21.96 -45.03 -14.76
CA VAL A 36 22.69 -43.99 -15.49
C VAL A 36 22.90 -44.41 -16.94
N LYS A 37 23.43 -45.64 -17.13
CA LYS A 37 23.63 -46.19 -18.48
C LYS A 37 22.32 -46.19 -19.30
N SER A 38 21.20 -46.45 -18.65
CA SER A 38 19.92 -46.42 -19.38
C SER A 38 19.58 -45.08 -20.08
N VAL A 39 20.14 -43.95 -19.64
CA VAL A 39 19.73 -42.62 -20.18
C VAL A 39 20.90 -41.76 -20.71
N GLU A 40 22.10 -42.10 -20.31
CA GLU A 40 23.33 -41.45 -20.73
C GLU A 40 23.39 -40.99 -22.17
N GLU A 41 22.93 -41.83 -23.10
CA GLU A 41 22.99 -41.50 -24.53
C GLU A 41 21.95 -40.44 -24.88
N LYS A 42 20.79 -40.52 -24.25
CA LYS A 42 19.73 -39.56 -24.48
C LYS A 42 20.12 -38.18 -23.89
N VAL A 43 20.84 -38.22 -22.78
CA VAL A 43 21.31 -37.02 -22.10
C VAL A 43 22.36 -36.38 -22.97
N THR A 44 23.36 -37.17 -23.39
CA THR A 44 24.41 -36.68 -24.29
C THR A 44 23.82 -36.00 -25.54
N SER A 45 22.70 -36.50 -26.02
CA SER A 45 22.05 -35.95 -27.20
C SER A 45 21.33 -34.63 -26.89
N ALA A 46 20.80 -34.55 -25.68
CA ALA A 46 20.23 -33.32 -25.15
C ALA A 46 21.33 -32.25 -25.19
N VAL A 47 22.49 -32.55 -24.62
CA VAL A 47 23.60 -31.62 -24.58
C VAL A 47 24.02 -31.23 -25.98
N ARG A 48 24.06 -32.21 -26.87
CA ARG A 48 24.53 -31.97 -28.22
C ARG A 48 23.55 -31.12 -28.98
N ASN A 49 22.27 -31.32 -28.71
CA ASN A 49 21.23 -30.49 -29.35
C ASN A 49 21.28 -29.03 -28.87
N PHE A 50 21.56 -28.86 -27.57
CA PHE A 50 21.75 -27.55 -26.97
C PHE A 50 22.96 -26.85 -27.62
N VAL A 51 24.05 -27.59 -27.80
CA VAL A 51 25.28 -27.07 -28.40
C VAL A 51 25.05 -26.72 -29.85
N GLU A 52 24.23 -27.49 -30.54
CA GLU A 52 24.08 -27.34 -31.99
C GLU A 52 22.90 -26.46 -32.40
N ASN A 53 21.86 -26.45 -31.57
CA ASN A 53 20.70 -25.57 -31.78
CA ASN A 53 20.70 -25.58 -31.78
C ASN A 53 20.44 -24.77 -30.51
N THR A 54 21.41 -23.97 -30.11
CA THR A 54 21.37 -23.26 -28.83
C THR A 54 20.21 -22.32 -28.74
N PRO A 55 19.44 -22.42 -27.63
CA PRO A 55 18.33 -21.50 -27.47
C PRO A 55 18.87 -20.07 -27.21
N ASP A 56 18.08 -19.09 -27.62
CA ASP A 56 18.52 -17.73 -27.52
C ASP A 56 18.92 -17.26 -26.11
N PHE A 57 18.26 -17.82 -25.08
CA PHE A 57 18.54 -17.45 -23.70
C PHE A 57 19.98 -17.73 -23.29
N ALA A 58 20.56 -18.74 -23.91
CA ALA A 58 21.91 -19.15 -23.54
C ALA A 58 23.01 -18.35 -24.24
N LYS A 59 22.63 -17.44 -25.14
CA LYS A 59 23.62 -16.68 -25.89
C LYS A 59 24.17 -15.43 -25.16
N LEU A 60 23.41 -14.92 -24.21
CA LEU A 60 23.81 -13.81 -23.35
C LEU A 60 24.28 -12.65 -24.21
N ASP A 61 23.45 -12.23 -25.13
CA ASP A 61 23.86 -11.21 -26.05
C ASP A 61 24.39 -9.99 -25.34
N ARG A 62 25.50 -9.45 -25.85
CA ARG A 62 26.11 -8.23 -25.32
C ARG A 62 25.15 -7.07 -25.28
N SER A 63 24.23 -7.04 -26.23
CA SER A 63 23.30 -5.94 -26.28
C SER A 63 22.33 -5.90 -25.10
N TRP A 64 22.17 -7.01 -24.38
CA TRP A 64 21.28 -7.05 -23.22
C TRP A 64 21.87 -6.15 -22.13
N ILE A 65 23.16 -6.31 -21.83
CA ILE A 65 23.83 -5.44 -20.87
C ILE A 65 23.99 -4.02 -21.43
N ASP A 66 24.41 -3.92 -22.68
CA ASP A 66 24.76 -2.63 -23.23
C ASP A 66 23.52 -1.71 -23.29
N SER A 67 22.36 -2.26 -23.62
CA SER A 67 21.11 -1.46 -23.66
C SER A 67 20.67 -1.00 -22.27
N VAL A 68 20.90 -1.83 -21.27
CA VAL A 68 20.59 -1.44 -19.91
C VAL A 68 21.61 -0.39 -19.41
N LYS A 69 22.92 -0.62 -19.60
CA LYS A 69 23.91 0.35 -19.18
C LYS A 69 23.76 1.69 -19.83
N SER A 70 23.19 1.72 -21.03
CA SER A 70 22.94 3.02 -21.69
C SER A 70 22.02 3.89 -20.86
N LEU A 71 21.27 3.32 -19.93
CA LEU A 71 20.33 4.10 -19.14
C LEU A 71 20.89 4.52 -17.78
N GLU A 72 22.13 4.17 -17.52
CA GLU A 72 22.66 4.36 -16.19
C GLU A 72 22.61 5.80 -15.71
N ASP A 73 22.97 6.72 -16.59
CA ASP A 73 22.95 8.14 -16.27
C ASP A 73 21.57 8.64 -15.99
N TRP A 74 20.60 8.17 -16.76
CA TRP A 74 19.21 8.60 -16.58
C TRP A 74 18.63 8.04 -15.27
N ILE A 75 18.97 6.79 -14.94
CA ILE A 75 18.41 6.06 -13.76
C ILE A 75 18.82 6.72 -12.44
N ILE A 76 19.97 7.38 -12.41
CA ILE A 76 20.40 8.09 -11.21
C ILE A 76 19.44 9.25 -10.86
N ASN A 77 18.58 9.66 -11.75
CA ASN A 77 17.54 10.62 -11.38
C ASN A 77 16.53 10.06 -10.35
N PHE A 78 16.47 8.74 -10.20
CA PHE A 78 15.41 8.11 -9.45
C PHE A 78 15.95 7.54 -8.15
N ASP A 79 15.12 7.59 -7.10
CA ASP A 79 15.49 6.86 -5.85
C ASP A 79 14.81 5.52 -5.69
N THR A 80 13.85 5.25 -6.54
CA THR A 80 13.04 4.04 -6.51
C THR A 80 12.69 3.58 -7.91
N VAL A 81 12.84 2.29 -8.20
CA VAL A 81 12.27 1.67 -9.40
C VAL A 81 11.19 0.71 -8.93
N VAL A 82 10.00 0.85 -9.52
CA VAL A 82 8.90 -0.06 -9.30
C VAL A 82 8.72 -0.89 -10.55
N VAL A 83 8.91 -2.21 -10.47
CA VAL A 83 8.71 -3.12 -11.59
C VAL A 83 7.24 -3.51 -11.62
N LEU A 84 6.54 -3.12 -12.70
CA LEU A 84 5.20 -3.59 -13.00
C LEU A 84 5.34 -4.74 -13.99
N GLY A 85 5.33 -5.96 -13.45
CA GLY A 85 5.58 -7.14 -14.22
C GLY A 85 5.10 -8.33 -13.42
N ILE A 86 4.84 -9.44 -14.09
CA ILE A 86 4.31 -10.64 -13.43
C ILE A 86 4.91 -11.88 -14.02
N GLY A 87 5.10 -12.88 -13.20
CA GLY A 87 5.63 -14.14 -13.67
C GLY A 87 7.03 -14.03 -14.19
N GLY A 88 7.21 -14.30 -15.47
CA GLY A 88 8.51 -14.18 -16.10
C GLY A 88 9.10 -12.77 -16.04
N SER A 89 8.20 -11.77 -16.01
CA SER A 89 8.61 -10.37 -15.98
C SER A 89 8.62 -9.78 -14.57
N GLY A 90 8.65 -10.62 -13.53
CA GLY A 90 8.55 -10.15 -12.15
C GLY A 90 9.37 -10.99 -11.18
N LEU A 91 9.32 -12.30 -11.31
CA LEU A 91 10.03 -13.18 -10.38
C LEU A 91 11.56 -13.09 -10.45
N GLY A 92 12.06 -12.89 -11.66
CA GLY A 92 13.46 -12.66 -11.87
C GLY A 92 13.96 -11.45 -11.12
N ASN A 93 13.20 -10.36 -11.24
CA ASN A 93 13.54 -9.15 -10.53
C ASN A 93 13.59 -9.32 -9.03
N LEU A 94 12.59 -10.03 -8.49
CA LEU A 94 12.59 -10.37 -7.07
C LEU A 94 13.69 -11.30 -6.66
N ALA A 95 13.98 -12.30 -7.47
CA ALA A 95 15.10 -13.24 -7.16
C ALA A 95 16.42 -12.52 -7.06
N LEU A 96 16.65 -11.58 -7.97
CA LEU A 96 17.87 -10.75 -8.02
C LEU A 96 17.93 -9.81 -6.79
N HIS A 97 16.81 -9.14 -6.54
CA HIS A 97 16.71 -8.18 -5.45
C HIS A 97 17.00 -8.82 -4.09
N TYR A 98 16.38 -9.96 -3.82
CA TYR A 98 16.51 -10.61 -2.53
C TYR A 98 17.86 -11.28 -2.39
N SER A 99 18.33 -11.90 -3.46
CA SER A 99 19.53 -12.72 -3.34
C SER A 99 20.78 -11.89 -3.33
N LEU A 100 20.71 -10.69 -3.94
CA LEU A 100 21.91 -9.89 -4.12
C LEU A 100 21.96 -8.52 -3.40
N ARG A 101 20.96 -8.24 -2.58
CA ARG A 101 20.93 -7.09 -1.68
C ARG A 101 20.43 -7.53 -0.34
N PRO A 102 20.82 -6.82 0.73
CA PRO A 102 20.35 -7.19 2.05
C PRO A 102 18.85 -7.08 2.15
N LEU A 103 18.25 -7.83 3.09
CA LEU A 103 16.80 -7.90 3.16
C LEU A 103 16.13 -6.54 3.47
N ASN A 104 16.84 -5.64 4.13
CA ASN A 104 16.27 -4.35 4.53
C ASN A 104 16.68 -3.25 3.56
N TRP A 105 17.18 -3.66 2.38
CA TRP A 105 17.57 -2.73 1.35
C TRP A 105 16.58 -1.56 1.11
N ASN A 106 15.30 -1.85 0.98
CA ASN A 106 14.32 -0.81 0.64
C ASN A 106 14.02 0.10 1.85
N GLU A 107 14.46 -0.32 3.02
CA GLU A 107 14.25 0.38 4.25
C GLU A 107 15.55 1.07 4.74
N MET A 108 16.61 0.97 3.95
CA MET A 108 17.85 1.66 4.20
C MET A 108 17.74 3.08 3.70
N THR A 109 18.57 3.97 4.21
CA THR A 109 18.62 5.34 3.69
C THR A 109 19.38 5.33 2.39
N ARG A 110 19.23 6.40 1.61
CA ARG A 110 19.92 6.52 0.35
C ARG A 110 21.44 6.50 0.52
N GLU A 111 21.91 6.99 1.66
CA GLU A 111 23.32 6.96 1.96
C GLU A 111 23.79 5.53 2.19
N GLU A 112 23.04 4.80 2.98
CA GLU A 112 23.33 3.38 3.21
C GLU A 112 23.31 2.58 1.93
N ARG A 113 22.51 2.98 0.94
CA ARG A 113 22.43 2.30 -0.37
CA ARG A 113 22.45 2.27 -0.34
C ARG A 113 23.48 2.82 -1.33
N ASN A 114 24.32 3.73 -0.87
CA ASN A 114 25.39 4.29 -1.67
C ASN A 114 24.88 4.96 -2.91
N GLY A 115 23.73 5.58 -2.79
CA GLY A 115 23.11 6.25 -3.92
C GLY A 115 22.26 5.39 -4.85
N TYR A 116 22.26 4.07 -4.69
CA TYR A 116 21.49 3.21 -5.61
C TYR A 116 20.05 3.14 -5.21
N ALA A 117 19.17 2.74 -6.13
CA ALA A 117 17.72 2.81 -5.95
C ALA A 117 17.13 1.68 -5.17
N ARG A 118 16.06 1.98 -4.48
CA ARG A 118 15.10 0.99 -3.98
C ARG A 118 14.42 0.26 -5.12
N VAL A 119 14.15 -1.04 -4.94
CA VAL A 119 13.40 -1.83 -5.93
C VAL A 119 12.14 -2.49 -5.34
N PHE A 120 10.96 -2.09 -5.83
CA PHE A 120 9.72 -2.74 -5.50
C PHE A 120 9.13 -3.42 -6.74
N VAL A 121 8.65 -4.66 -6.57
CA VAL A 121 8.00 -5.39 -7.66
C VAL A 121 6.50 -5.59 -7.39
N VAL A 122 5.65 -5.07 -8.27
CA VAL A 122 4.22 -5.24 -8.13
C VAL A 122 3.79 -6.34 -9.15
N ASP A 123 3.81 -7.60 -8.70
CA ASP A 123 3.50 -8.75 -9.53
C ASP A 123 2.16 -9.43 -9.17
N ASN A 124 1.19 -8.61 -8.79
CA ASN A 124 -0.15 -9.08 -8.54
C ASN A 124 -1.09 -7.94 -8.70
N VAL A 125 -2.37 -8.25 -8.88
CA VAL A 125 -3.43 -7.23 -8.95
C VAL A 125 -4.27 -7.20 -7.65
N ASP A 126 -3.58 -7.45 -6.55
CA ASP A 126 -4.12 -7.26 -5.21
C ASP A 126 -3.98 -5.80 -4.85
N PRO A 127 -5.06 -5.12 -4.54
CA PRO A 127 -4.82 -3.71 -4.23
C PRO A 127 -4.12 -3.45 -2.90
N ASP A 128 -4.04 -4.43 -2.00
CA ASP A 128 -3.25 -4.28 -0.81
C ASP A 128 -1.75 -4.26 -1.15
N LEU A 129 -1.33 -5.02 -2.14
CA LEU A 129 0.06 -4.95 -2.64
C LEU A 129 0.38 -3.57 -3.30
N MET A 130 -0.37 -3.18 -4.31
CA MET A 130 -0.11 -1.92 -5.01
C MET A 130 -0.21 -0.75 -4.05
N SER A 131 -1.26 -0.70 -3.22
CA SER A 131 -1.42 0.38 -2.26
C SER A 131 -0.27 0.55 -1.30
N SER A 132 0.29 -0.57 -0.81
CA SER A 132 1.38 -0.51 0.12
C SER A 132 2.67 -0.03 -0.54
N VAL A 133 2.87 -0.34 -1.81
CA VAL A 133 4.02 0.12 -2.55
C VAL A 133 3.79 1.62 -2.82
N LEU A 134 2.62 1.98 -3.31
CA LEU A 134 2.37 3.41 -3.53
C LEU A 134 2.55 4.30 -2.29
N ASP A 135 2.25 3.76 -1.11
CA ASP A 135 2.37 4.46 0.15
C ASP A 135 3.82 4.68 0.52
N ARG A 136 4.73 3.96 -0.13
CA ARG A 136 6.12 4.05 0.17
C ARG A 136 6.95 4.81 -0.82
N ILE A 137 6.37 5.34 -1.88
CA ILE A 137 7.11 5.93 -3.01
CA ILE A 137 7.19 5.99 -2.92
C ILE A 137 6.71 7.40 -3.16
N ASP A 138 7.61 8.19 -3.72
CA ASP A 138 7.34 9.60 -4.15
C ASP A 138 7.34 9.58 -5.65
N PRO A 139 6.17 9.81 -6.24
CA PRO A 139 6.13 9.70 -7.70
C PRO A 139 7.18 10.51 -8.40
N LYS A 140 7.58 11.63 -7.79
CA LYS A 140 8.53 12.54 -8.40
C LYS A 140 9.91 11.96 -8.56
N THR A 141 10.25 10.95 -7.78
CA THR A 141 11.54 10.35 -7.84
C THR A 141 11.42 8.83 -8.12
N THR A 142 10.32 8.42 -8.75
CA THR A 142 10.07 6.99 -9.01
C THR A 142 10.06 6.72 -10.51
N LEU A 143 10.67 5.60 -10.91
CA LEU A 143 10.63 5.09 -12.25
C LEU A 143 9.79 3.84 -12.22
N PHE A 144 8.75 3.77 -13.04
CA PHE A 144 8.00 2.52 -13.23
C PHE A 144 8.54 1.76 -14.44
N ASN A 145 9.14 0.57 -14.23
CA ASN A 145 9.56 -0.27 -15.36
C ASN A 145 8.38 -1.21 -15.66
N VAL A 146 7.67 -0.94 -16.75
CA VAL A 146 6.51 -1.72 -17.18
C VAL A 146 6.96 -2.79 -18.13
N ILE A 147 6.94 -4.06 -17.68
CA ILE A 147 7.48 -5.18 -18.42
C ILE A 147 6.42 -6.22 -18.82
N SER A 148 6.30 -6.47 -20.12
CA SER A 148 5.44 -7.52 -20.66
C SER A 148 5.94 -7.87 -22.03
N LYS A 149 6.28 -9.14 -22.23
CA LYS A 149 6.74 -9.64 -23.54
C LYS A 149 5.68 -9.44 -24.61
N SER A 150 4.47 -9.89 -24.33
CA SER A 150 3.35 -9.76 -25.25
C SER A 150 2.91 -8.32 -25.46
N GLY A 151 3.15 -7.48 -24.45
CA GLY A 151 2.69 -6.10 -24.52
C GLY A 151 1.26 -5.86 -24.09
N SER A 152 0.60 -6.90 -23.58
CA SER A 152 -0.79 -6.74 -23.17
C SER A 152 -1.25 -7.57 -21.98
N THR A 153 -0.30 -8.11 -21.21
CA THR A 153 -0.63 -8.90 -20.02
C THR A 153 -1.56 -8.13 -19.12
N ALA A 154 -2.75 -8.68 -18.83
CA ALA A 154 -3.83 -7.94 -18.14
C ALA A 154 -3.42 -7.29 -16.82
N GLU A 155 -2.66 -8.04 -16.02
CA GLU A 155 -2.24 -7.54 -14.74
C GLU A 155 -1.31 -6.34 -14.88
N VAL A 156 -0.48 -6.34 -15.94
CA VAL A 156 0.46 -5.28 -16.17
C VAL A 156 -0.26 -4.10 -16.77
N MET A 157 -1.27 -4.34 -17.57
CA MET A 157 -2.06 -3.21 -18.10
C MET A 157 -2.80 -2.45 -17.01
N ALA A 158 -3.25 -3.20 -16.00
CA ALA A 158 -4.01 -2.66 -14.89
C ALA A 158 -3.10 -1.79 -14.00
N THR A 159 -1.94 -2.34 -13.60
CA THR A 159 -0.99 -1.58 -12.79
C THR A 159 -0.37 -0.40 -13.59
N TYR A 160 -0.09 -0.61 -14.86
CA TYR A 160 0.32 0.48 -15.75
C TYR A 160 -0.69 1.60 -15.71
N SER A 161 -1.96 1.26 -15.76
CA SER A 161 -3.00 2.30 -15.87
C SER A 161 -3.04 3.13 -14.61
N ILE A 162 -2.87 2.48 -13.48
CA ILE A 162 -2.88 3.14 -12.17
C ILE A 162 -1.70 4.10 -12.01
N ALA A 163 -0.50 3.64 -12.39
CA ALA A 163 0.72 4.42 -12.27
C ALA A 163 0.64 5.61 -13.19
N ARG A 164 0.26 5.36 -14.42
CA ARG A 164 0.05 6.45 -15.38
C ARG A 164 -0.98 7.48 -14.96
N GLY A 165 -2.14 7.06 -14.46
CA GLY A 165 -3.14 7.97 -13.87
C GLY A 165 -2.63 8.82 -12.75
N ILE A 166 -1.83 8.25 -11.86
CA ILE A 166 -1.21 9.04 -10.80
C ILE A 166 -0.23 10.08 -11.35
N LEU A 167 0.61 9.65 -12.30
CA LEU A 167 1.53 10.56 -12.94
C LEU A 167 0.77 11.72 -13.59
N GLU A 168 -0.27 11.40 -14.33
CA GLU A 168 -1.11 12.44 -14.99
C GLU A 168 -1.80 13.40 -14.03
N ALA A 169 -2.35 12.88 -12.95
CA ALA A 169 -3.07 13.75 -11.99
C ALA A 169 -2.15 14.70 -11.28
N TYR A 170 -0.90 14.27 -11.07
CA TYR A 170 0.11 15.12 -10.45
C TYR A 170 0.86 16.00 -11.46
N GLY A 171 0.57 15.86 -12.75
CA GLY A 171 1.25 16.65 -13.76
C GLY A 171 2.65 16.26 -14.07
N LEU A 172 2.97 14.97 -13.87
CA LEU A 172 4.30 14.51 -14.16
C LEU A 172 4.24 13.90 -15.55
N ASP A 173 5.29 14.07 -16.35
CA ASP A 173 5.33 13.59 -17.71
C ASP A 173 5.65 12.09 -17.65
N PRO A 174 4.74 11.25 -18.14
CA PRO A 174 4.94 9.81 -18.08
C PRO A 174 6.26 9.38 -18.72
N ARG A 175 6.73 10.10 -19.73
CA ARG A 175 7.98 9.71 -20.35
C ARG A 175 9.19 9.90 -19.46
N GLU A 176 9.04 10.72 -18.42
CA GLU A 176 10.08 10.92 -17.44
C GLU A 176 10.04 9.95 -16.26
N HIS A 177 9.00 9.13 -16.21
CA HIS A 177 8.77 8.26 -15.05
C HIS A 177 8.35 6.86 -15.39
N MET A 178 8.40 6.50 -16.67
CA MET A 178 8.09 5.14 -17.12
C MET A 178 9.08 4.66 -18.15
N LEU A 179 9.49 3.40 -18.00
CA LEU A 179 10.37 2.74 -18.92
C LEU A 179 9.66 1.44 -19.36
N ILE A 180 9.50 1.24 -20.67
CA ILE A 180 8.74 0.10 -21.20
CA ILE A 180 8.74 0.10 -21.19
C ILE A 180 9.66 -0.98 -21.74
N THR A 181 9.53 -2.18 -21.16
CA THR A 181 10.29 -3.37 -21.60
C THR A 181 9.28 -4.38 -22.25
N THR A 182 9.39 -4.60 -23.56
CA THR A 182 8.41 -5.36 -24.30
C THR A 182 9.04 -5.85 -25.61
N ASP A 183 8.30 -6.64 -26.38
CA ASP A 183 8.76 -7.11 -27.66
C ASP A 183 9.20 -5.94 -28.51
N PRO A 184 10.26 -6.09 -29.32
CA PRO A 184 10.67 -4.97 -30.17
C PRO A 184 9.72 -4.51 -31.24
N GLU A 185 8.76 -5.36 -31.66
CA GLU A 185 7.89 -5.04 -32.78
C GLU A 185 6.42 -5.14 -32.46
N LYS A 186 6.01 -6.20 -31.79
CA LYS A 186 4.59 -6.50 -31.65
C LYS A 186 4.06 -6.04 -30.29
N GLY A 187 2.78 -5.70 -30.27
CA GLY A 187 2.02 -5.59 -29.04
C GLY A 187 1.65 -4.17 -28.71
N PHE A 188 0.72 -4.03 -27.76
CA PHE A 188 0.25 -2.72 -27.35
C PHE A 188 1.34 -1.80 -26.73
N LEU A 189 2.15 -2.34 -25.82
CA LEU A 189 3.17 -1.52 -25.17
C LEU A 189 4.17 -1.01 -26.20
N ARG A 190 4.52 -1.84 -27.18
CA ARG A 190 5.42 -1.38 -28.23
C ARG A 190 4.82 -0.26 -29.04
N LYS A 191 3.52 -0.37 -29.29
CA LYS A 191 2.80 0.73 -29.96
C LYS A 191 2.81 2.03 -29.18
N LEU A 192 2.52 1.95 -27.88
CA LEU A 192 2.62 3.09 -26.97
C LEU A 192 4.01 3.72 -27.06
N VAL A 193 5.04 2.91 -27.04
CA VAL A 193 6.40 3.43 -27.17
C VAL A 193 6.57 4.25 -28.45
N LYS A 194 6.12 3.70 -29.56
CA LYS A 194 6.29 4.33 -30.86
C LYS A 194 5.40 5.56 -31.02
N GLU A 195 4.18 5.54 -30.48
CA GLU A 195 3.29 6.70 -30.60
C GLU A 195 3.60 7.82 -29.63
N GLU A 196 4.10 7.48 -28.42
CA GLU A 196 4.30 8.49 -27.39
C GLU A 196 5.78 8.79 -27.02
N GLY A 197 6.70 8.01 -27.54
CA GLY A 197 8.12 8.32 -27.40
C GLY A 197 8.69 7.97 -26.03
N PHE A 198 8.28 6.84 -25.49
CA PHE A 198 8.82 6.36 -24.25
C PHE A 198 10.19 5.77 -24.51
N ARG A 199 11.07 5.82 -23.50
CA ARG A 199 12.26 5.02 -23.52
C ARG A 199 11.81 3.59 -23.35
N SER A 200 12.63 2.65 -23.82
CA SER A 200 12.21 1.29 -23.88
C SER A 200 13.42 0.38 -23.87
N LEU A 201 13.16 -0.86 -23.51
CA LEU A 201 14.12 -1.96 -23.60
C LEU A 201 13.36 -3.09 -24.24
N GLU A 202 14.07 -4.14 -24.65
CA GLU A 202 13.48 -5.24 -25.34
C GLU A 202 13.39 -6.48 -24.50
N VAL A 203 12.26 -7.18 -24.63
CA VAL A 203 12.27 -8.63 -24.33
C VAL A 203 12.70 -9.30 -25.63
N PRO A 204 13.80 -10.06 -25.63
CA PRO A 204 14.26 -10.63 -26.91
C PRO A 204 13.22 -11.57 -27.52
N PRO A 205 12.95 -11.44 -28.82
CA PRO A 205 11.90 -12.25 -29.48
C PRO A 205 11.95 -13.75 -29.23
N GLY A 206 13.15 -14.29 -29.21
CA GLY A 206 13.29 -15.71 -29.01
C GLY A 206 13.48 -16.15 -27.60
N VAL A 207 13.18 -15.26 -26.64
CA VAL A 207 13.35 -15.60 -25.24
C VAL A 207 12.00 -15.48 -24.56
N GLY A 208 11.55 -16.59 -23.99
CA GLY A 208 10.30 -16.60 -23.25
C GLY A 208 10.48 -15.98 -21.88
N GLY A 209 9.38 -15.48 -21.31
CA GLY A 209 9.38 -14.85 -20.00
C GLY A 209 10.13 -15.58 -18.93
N ARG A 210 9.90 -16.88 -18.78
CA ARG A 210 10.53 -17.57 -17.68
C ARG A 210 12.01 -17.85 -17.87
N PHE A 211 12.51 -17.60 -19.07
CA PHE A 211 13.90 -17.72 -19.38
C PHE A 211 14.55 -16.32 -19.54
N SER A 212 13.88 -15.27 -19.10
CA SER A 212 14.31 -13.91 -19.43
C SER A 212 15.01 -13.13 -18.32
N VAL A 213 15.27 -13.75 -17.17
CA VAL A 213 15.87 -12.97 -16.07
C VAL A 213 17.18 -12.26 -16.46
N LEU A 214 18.05 -12.91 -17.25
CA LEU A 214 19.35 -12.33 -17.58
C LEU A 214 19.29 -11.45 -18.81
N THR A 215 18.11 -11.24 -19.35
CA THR A 215 17.86 -10.23 -20.40
C THR A 215 17.58 -8.89 -19.74
N PRO A 216 17.35 -7.82 -20.53
CA PRO A 216 17.03 -6.53 -19.92
C PRO A 216 15.87 -6.57 -18.91
N VAL A 217 15.03 -7.60 -18.98
CA VAL A 217 13.91 -7.79 -18.04
C VAL A 217 14.40 -7.74 -16.61
N GLY A 218 15.41 -8.54 -16.29
CA GLY A 218 15.93 -8.50 -14.95
C GLY A 218 17.07 -7.55 -14.72
N LEU A 219 17.88 -7.29 -15.75
CA LEU A 219 19.10 -6.52 -15.62
C LEU A 219 18.88 -5.07 -15.24
N LEU A 220 17.77 -4.50 -15.69
CA LEU A 220 17.53 -3.09 -15.43
C LEU A 220 17.36 -2.80 -13.93
N SER A 221 16.39 -3.46 -13.28
CA SER A 221 16.17 -3.16 -11.88
C SER A 221 17.40 -3.59 -11.06
N ALA A 222 18.06 -4.66 -11.46
CA ALA A 222 19.31 -5.05 -10.81
C ALA A 222 20.37 -3.97 -10.89
N MET A 223 20.57 -3.40 -12.07
CA MET A 223 21.53 -2.35 -12.20
C MET A 223 21.14 -1.18 -11.35
N ALA A 224 19.86 -0.84 -11.35
CA ALA A 224 19.31 0.31 -10.60
C ALA A 224 19.68 0.28 -9.12
N GLU A 225 19.70 -0.92 -8.57
CA GLU A 225 19.98 -1.14 -7.17
C GLU A 225 21.43 -1.47 -6.90
N GLY A 226 22.26 -1.36 -7.93
CA GLY A 226 23.68 -1.44 -7.75
C GLY A 226 24.28 -2.83 -7.83
N ILE A 227 23.56 -3.81 -8.36
CA ILE A 227 24.11 -5.18 -8.61
C ILE A 227 25.01 -5.10 -9.83
N ASP A 228 26.12 -5.81 -9.77
CA ASP A 228 27.07 -5.91 -10.88
C ASP A 228 26.55 -6.87 -11.92
N ILE A 229 25.88 -6.33 -12.93
CA ILE A 229 25.27 -7.17 -13.93
C ILE A 229 26.28 -7.82 -14.88
N ASP A 230 27.46 -7.23 -14.99
CA ASP A 230 28.53 -7.88 -15.76
C ASP A 230 28.94 -9.19 -15.11
N GLU A 231 29.06 -9.16 -13.81
CA GLU A 231 29.47 -10.34 -13.04
C GLU A 231 28.38 -11.41 -13.10
N LEU A 232 27.12 -10.99 -13.11
CA LEU A 232 25.98 -11.88 -13.32
CA LEU A 232 25.97 -11.91 -13.33
C LEU A 232 26.11 -12.69 -14.63
N HIS A 233 26.39 -12.00 -15.73
CA HIS A 233 26.60 -12.66 -17.03
C HIS A 233 27.86 -13.50 -17.07
N GLU A 234 28.87 -13.09 -16.37
CA GLU A 234 30.14 -13.83 -16.34
C GLU A 234 29.92 -15.21 -15.71
N GLY A 235 29.14 -15.26 -14.64
CA GLY A 235 28.77 -16.52 -14.04
C GLY A 235 27.86 -17.35 -14.91
N ALA A 236 26.86 -16.72 -15.55
CA ALA A 236 25.98 -17.42 -16.43
C ALA A 236 26.77 -18.02 -17.60
N LYS A 237 27.71 -17.27 -18.12
CA LYS A 237 28.54 -17.71 -19.24
C LYS A 237 29.35 -18.97 -18.89
N ASP A 238 29.96 -18.96 -17.72
CA ASP A 238 30.76 -20.08 -17.29
C ASP A 238 29.94 -21.33 -17.08
N ALA A 239 28.74 -21.16 -16.52
CA ALA A 239 27.78 -22.23 -16.30
C ALA A 239 27.26 -22.81 -17.60
N PHE A 240 26.92 -21.96 -18.55
CA PHE A 240 26.47 -22.46 -19.82
C PHE A 240 27.57 -23.21 -20.56
N GLU A 241 28.83 -22.82 -20.35
CA GLU A 241 29.95 -23.55 -20.93
C GLU A 241 30.08 -24.94 -20.36
N LYS A 242 29.97 -25.08 -19.05
CA LYS A 242 29.99 -26.39 -18.42
C LYS A 242 28.79 -27.24 -18.80
N SER A 243 27.69 -26.59 -19.15
CA SER A 243 26.45 -27.26 -19.48
C SER A 243 26.49 -27.80 -20.92
N MET A 244 27.51 -27.40 -21.67
CA MET A 244 27.73 -27.90 -23.02
C MET A 244 28.77 -29.02 -23.09
N LYS A 245 29.30 -29.44 -21.93
CA LYS A 245 30.23 -30.55 -21.85
C LYS A 245 29.51 -31.87 -22.06
N GLU A 246 30.03 -32.69 -22.97
CA GLU A 246 29.41 -33.99 -23.25
C GLU A 246 29.83 -35.04 -22.20
N ASN A 247 30.87 -34.77 -21.43
CA ASN A 247 31.15 -35.56 -20.24
C ASN A 247 30.14 -35.21 -19.13
N ILE A 248 29.14 -36.06 -18.95
CA ILE A 248 28.05 -35.80 -18.02
C ILE A 248 28.50 -35.63 -16.57
N LEU A 249 29.61 -36.27 -16.18
CA LEU A 249 30.12 -36.10 -14.82
C LEU A 249 30.85 -34.77 -14.60
N GLU A 250 31.01 -33.95 -15.64
CA GLU A 250 31.57 -32.62 -15.53
C GLU A 250 30.47 -31.57 -15.78
N ASN A 251 29.22 -32.02 -16.02
CA ASN A 251 28.12 -31.17 -16.53
C ASN A 251 26.93 -31.15 -15.55
N PRO A 252 26.92 -30.17 -14.63
CA PRO A 252 25.87 -30.16 -13.60
C PRO A 252 24.46 -30.17 -14.12
N ALA A 253 24.23 -29.41 -15.17
CA ALA A 253 22.90 -29.32 -15.71
C ALA A 253 22.47 -30.68 -16.23
N ALA A 254 23.35 -31.35 -16.98
CA ALA A 254 23.04 -32.69 -17.52
C ALA A 254 22.76 -33.70 -16.40
N MET A 255 23.52 -33.63 -15.31
CA MET A 255 23.31 -34.50 -14.15
CA MET A 255 23.31 -34.51 -14.16
C MET A 255 22.01 -34.20 -13.42
N ILE A 256 21.58 -32.93 -13.39
CA ILE A 256 20.32 -32.57 -12.75
C ILE A 256 19.18 -33.16 -13.57
N ALA A 257 19.28 -33.05 -14.89
CA ALA A 257 18.23 -33.57 -15.80
C ALA A 257 18.23 -35.11 -15.78
N LEU A 258 19.42 -35.69 -15.86
CA LEU A 258 19.58 -37.15 -15.81
C LEU A 258 18.89 -37.71 -14.58
N THR A 259 19.29 -37.24 -13.42
CA THR A 259 18.79 -37.78 -12.17
C THR A 259 17.33 -37.49 -11.93
N HIS A 260 16.84 -36.31 -12.34
CA HIS A 260 15.44 -36.00 -12.12
C HIS A 260 14.53 -36.71 -13.09
N TYR A 261 15.06 -37.01 -14.26
CA TYR A 261 14.31 -37.76 -15.27
C TYR A 261 14.12 -39.20 -14.82
N LEU A 262 15.20 -39.79 -14.32
CA LEU A 262 15.13 -41.14 -13.81
C LEU A 262 14.15 -41.22 -12.68
N TYR A 263 14.26 -40.31 -11.70
CA TYR A 263 13.34 -40.35 -10.55
C TYR A 263 11.90 -40.07 -10.85
N LEU A 264 11.64 -39.18 -11.79
CA LEU A 264 10.28 -38.94 -12.22
C LEU A 264 9.70 -40.25 -12.69
N ASN A 265 10.49 -41.03 -13.41
CA ASN A 265 10.01 -42.31 -13.93
C ASN A 265 9.87 -43.38 -12.85
N LYS A 266 10.51 -43.19 -11.71
CA LYS A 266 10.39 -44.05 -10.53
C LYS A 266 9.45 -43.49 -9.43
N GLY A 267 8.47 -42.68 -9.83
CA GLY A 267 7.49 -42.16 -8.88
C GLY A 267 7.83 -40.95 -8.01
N LYS A 268 8.96 -40.28 -8.25
CA LYS A 268 9.24 -39.01 -7.57
C LYS A 268 8.53 -37.89 -8.33
N SER A 269 7.30 -37.61 -7.94
CA SER A 269 6.44 -36.65 -8.62
C SER A 269 6.65 -35.18 -8.13
N ILE A 270 7.53 -35.01 -7.15
CA ILE A 270 7.81 -33.71 -6.51
C ILE A 270 9.29 -33.42 -6.46
N SER A 271 9.68 -32.23 -6.91
CA SER A 271 11.02 -31.70 -6.65
C SER A 271 10.94 -30.68 -5.51
N VAL A 272 11.66 -30.92 -4.41
CA VAL A 272 11.75 -29.95 -3.31
C VAL A 272 13.06 -29.20 -3.49
N MET A 273 13.00 -27.87 -3.63
CA MET A 273 14.18 -27.05 -3.51
C MET A 273 14.14 -26.30 -2.19
N MET A 274 15.07 -26.61 -1.30
CA MET A 274 15.10 -26.11 0.05
C MET A 274 16.35 -25.27 0.23
N ALA A 275 16.15 -23.96 0.29
CA ALA A 275 17.26 -23.01 0.41
C ALA A 275 17.52 -22.66 1.86
N TYR A 276 18.78 -22.77 2.28
CA TYR A 276 19.22 -22.42 3.63
C TYR A 276 19.67 -20.95 3.71
N SER A 277 18.74 -20.06 3.34
CA SER A 277 18.97 -18.61 3.31
C SER A 277 17.65 -17.91 2.98
N ASN A 278 17.25 -16.99 3.84
CA ASN A 278 16.06 -16.17 3.54
C ASN A 278 16.25 -15.29 2.30
N ARG A 279 17.49 -15.00 1.94
CA ARG A 279 17.76 -14.23 0.73
C ARG A 279 17.57 -15.03 -0.55
N MET A 280 17.69 -16.36 -0.47
CA MET A 280 17.56 -17.25 -1.62
C MET A 280 16.16 -17.69 -1.90
N ILE A 281 15.18 -17.22 -1.13
CA ILE A 281 13.84 -17.73 -1.28
C ILE A 281 13.18 -17.44 -2.64
N TYR A 282 13.52 -16.32 -3.27
CA TYR A 282 12.94 -15.99 -4.55
C TYR A 282 13.70 -16.63 -5.69
N LEU A 283 14.93 -17.05 -5.47
CA LEU A 283 15.56 -17.97 -6.41
C LEU A 283 14.72 -19.26 -6.49
N VAL A 284 14.23 -19.72 -5.35
CA VAL A 284 13.40 -20.91 -5.36
C VAL A 284 12.08 -20.68 -6.08
N ASP A 285 11.45 -19.54 -5.89
CA ASP A 285 10.25 -19.21 -6.65
C ASP A 285 10.47 -19.11 -8.15
N TRP A 286 11.60 -18.57 -8.54
CA TRP A 286 11.96 -18.49 -9.95
C TRP A 286 12.07 -19.90 -10.55
N TYR A 287 12.77 -20.76 -9.83
CA TYR A 287 12.83 -22.20 -10.16
C TYR A 287 11.47 -22.88 -10.25
N ARG A 288 10.60 -22.65 -9.27
CA ARG A 288 9.22 -23.12 -9.32
C ARG A 288 8.55 -22.81 -10.64
N GLN A 289 8.57 -21.56 -11.09
CA GLN A 289 7.91 -21.24 -12.35
C GLN A 289 8.60 -21.96 -13.52
N LEU A 290 9.92 -22.04 -13.45
CA LEU A 290 10.72 -22.56 -14.55
C LEU A 290 10.39 -24.06 -14.76
N TRP A 291 10.48 -24.83 -13.68
CA TRP A 291 10.24 -26.29 -13.74
C TRP A 291 8.79 -26.65 -13.99
N ALA A 292 7.87 -25.96 -13.33
CA ALA A 292 6.44 -26.19 -13.48
C ALA A 292 5.93 -25.81 -14.85
N GLU A 293 6.21 -24.62 -15.33
CA GLU A 293 5.59 -24.19 -16.57
CA GLU A 293 5.62 -24.16 -16.59
C GLU A 293 6.26 -24.84 -17.79
N SER A 294 7.51 -25.21 -17.66
CA SER A 294 8.25 -25.79 -18.75
C SER A 294 7.89 -27.24 -18.95
N LEU A 295 7.89 -27.99 -17.85
CA LEU A 295 7.81 -29.45 -17.90
C LEU A 295 6.41 -30.03 -17.59
N GLY A 296 5.45 -29.18 -17.27
CA GLY A 296 4.06 -29.58 -16.95
C GLY A 296 3.19 -29.50 -18.18
N LYS A 297 3.23 -30.58 -18.97
CA LYS A 297 2.67 -30.51 -20.32
C LYS A 297 1.71 -31.67 -20.61
N ARG A 298 0.58 -31.32 -21.21
CA ARG A 298 -0.46 -32.29 -21.53
C ARG A 298 -0.01 -33.23 -22.66
N TYR A 299 0.46 -32.62 -23.74
CA TYR A 299 0.87 -33.30 -24.96
C TYR A 299 2.36 -33.33 -25.12
N ASN A 300 2.90 -34.40 -25.69
CA ASN A 300 4.31 -34.43 -26.09
C ASN A 300 4.48 -33.85 -27.51
N LEU A 301 5.73 -33.87 -28.00
CA LEU A 301 6.03 -33.28 -29.30
C LEU A 301 5.33 -33.99 -30.47
N LYS A 302 4.95 -35.25 -30.27
CA LYS A 302 4.18 -36.01 -31.26
C LYS A 302 2.67 -35.78 -31.19
N GLY A 303 2.22 -35.03 -30.19
CA GLY A 303 0.79 -34.74 -30.04
C GLY A 303 0.09 -35.78 -29.19
N GLU A 304 0.87 -36.70 -28.61
CA GLU A 304 0.32 -37.72 -27.72
C GLU A 304 0.06 -37.11 -26.35
N GLU A 305 -1.07 -37.44 -25.73
CA GLU A 305 -1.34 -37.05 -24.34
C GLU A 305 -0.43 -37.76 -23.36
N VAL A 306 0.35 -36.98 -22.60
CA VAL A 306 1.29 -37.55 -21.61
C VAL A 306 1.06 -37.02 -20.19
N PHE A 307 0.39 -35.87 -20.04
CA PHE A 307 0.23 -35.18 -18.73
C PHE A 307 1.48 -35.29 -17.87
N THR A 308 2.59 -34.85 -18.42
CA THR A 308 3.89 -34.97 -17.76
C THR A 308 4.08 -33.80 -16.77
N GLY A 309 5.05 -33.94 -15.88
CA GLY A 309 5.35 -32.90 -14.90
C GLY A 309 5.95 -33.41 -13.60
N GLN A 310 6.72 -32.54 -12.93
CA GLN A 310 7.23 -32.79 -11.58
C GLN A 310 6.95 -31.51 -10.79
N THR A 311 6.10 -31.59 -9.76
CA THR A 311 5.68 -30.40 -9.02
C THR A 311 6.84 -29.83 -8.20
N PRO A 312 7.25 -28.57 -8.46
CA PRO A 312 8.31 -28.01 -7.67
C PRO A 312 7.73 -27.43 -6.36
N VAL A 313 8.40 -27.74 -5.26
CA VAL A 313 7.95 -27.31 -3.93
C VAL A 313 9.05 -26.43 -3.36
N LYS A 314 8.65 -25.30 -2.77
CA LYS A 314 9.56 -24.32 -2.16
C LYS A 314 9.69 -24.61 -0.69
N ALA A 315 10.92 -24.76 -0.19
CA ALA A 315 11.16 -24.83 1.25
C ALA A 315 12.31 -23.88 1.65
N LEU A 316 12.33 -23.50 2.92
CA LEU A 316 13.32 -22.60 3.50
C LEU A 316 13.93 -23.30 4.72
N GLY A 317 15.24 -23.45 4.73
CA GLY A 317 15.92 -23.98 5.91
C GLY A 317 16.44 -22.81 6.73
N ALA A 318 16.55 -22.93 8.06
CA ALA A 318 16.12 -24.08 8.88
C ALA A 318 14.63 -24.01 9.22
N THR A 319 13.96 -22.90 8.89
CA THR A 319 12.54 -22.72 9.15
C THR A 319 11.61 -23.92 8.91
N ASP A 320 11.72 -24.51 7.72
CA ASP A 320 10.75 -25.55 7.31
C ASP A 320 11.12 -26.93 7.87
N GLN A 321 12.22 -27.02 8.59
CA GLN A 321 12.45 -28.19 9.46
C GLN A 321 11.33 -28.31 10.50
N HIS A 322 10.70 -27.17 10.82
CA HIS A 322 9.62 -27.12 11.80
C HIS A 322 8.24 -27.01 11.12
N SER A 323 8.19 -27.37 9.84
CA SER A 323 6.98 -27.32 9.09
C SER A 323 6.81 -28.59 8.23
N GLN A 324 7.84 -28.91 7.43
CA GLN A 324 7.74 -29.94 6.39
C GLN A 324 8.62 -31.18 6.60
N ILE A 325 9.62 -31.08 7.46
CA ILE A 325 10.61 -32.16 7.64
C ILE A 325 10.02 -33.48 8.18
N GLN A 326 8.98 -33.39 9.01
CA GLN A 326 8.22 -34.58 9.41
C GLN A 326 7.71 -35.31 8.16
N LEU A 327 7.01 -34.57 7.28
CA LEU A 327 6.48 -35.14 6.04
C LEU A 327 7.58 -35.65 5.11
N TYR A 328 8.66 -34.86 4.95
CA TYR A 328 9.72 -35.25 4.02
C TYR A 328 10.44 -36.55 4.47
N ASN A 329 10.46 -36.81 5.76
CA ASN A 329 11.12 -38.01 6.30
C ASN A 329 10.17 -39.23 6.49
N GLU A 330 8.87 -38.96 6.73
CA GLU A 330 7.93 -39.99 7.19
C GLU A 330 6.71 -40.20 6.32
N GLY A 331 6.51 -39.36 5.29
CA GLY A 331 5.33 -39.48 4.47
C GLY A 331 5.67 -40.27 3.21
N PRO A 332 4.91 -40.09 2.15
CA PRO A 332 5.19 -40.78 0.90
C PRO A 332 6.57 -40.46 0.35
N ASN A 333 7.22 -41.45 -0.24
CA ASN A 333 8.56 -41.27 -0.80
C ASN A 333 8.45 -40.81 -2.22
N ASP A 334 7.88 -39.61 -2.41
CA ASP A 334 7.60 -39.09 -3.73
C ASP A 334 8.39 -37.81 -4.09
N LYS A 335 9.45 -37.52 -3.35
CA LYS A 335 10.19 -36.26 -3.51
C LYS A 335 11.65 -36.46 -3.79
N VAL A 336 12.20 -35.69 -4.72
CA VAL A 336 13.65 -35.51 -4.75
C VAL A 336 13.96 -34.12 -4.17
N ILE A 337 14.85 -34.06 -3.21
CA ILE A 337 15.11 -32.82 -2.46
C ILE A 337 16.45 -32.24 -2.82
N THR A 338 16.44 -31.02 -3.38
CA THR A 338 17.66 -30.29 -3.67
C THR A 338 17.86 -29.23 -2.57
N PHE A 339 18.97 -29.29 -1.85
CA PHE A 339 19.38 -28.25 -0.90
C PHE A 339 20.20 -27.16 -1.59
N LEU A 340 19.92 -25.88 -1.26
CA LEU A 340 20.82 -24.79 -1.60
C LEU A 340 21.49 -24.38 -0.30
N ARG A 341 22.81 -24.46 -0.26
CA ARG A 341 23.60 -24.15 0.91
C ARG A 341 24.52 -22.98 0.59
N VAL A 342 24.45 -21.89 1.39
CA VAL A 342 25.42 -20.82 1.29
CA VAL A 342 25.41 -20.80 1.32
C VAL A 342 26.33 -20.83 2.52
N GLU A 343 27.63 -20.82 2.27
CA GLU A 343 28.59 -21.00 3.32
C GLU A 343 29.17 -19.77 3.98
N ASN A 344 28.99 -18.60 3.39
CA ASN A 344 29.52 -17.39 3.97
C ASN A 344 28.44 -16.32 3.84
N PHE A 345 28.25 -15.55 4.90
CA PHE A 345 27.17 -14.51 4.97
C PHE A 345 27.75 -13.16 5.13
N ASP A 346 27.03 -12.17 4.61
CA ASP A 346 27.51 -10.81 4.57
C ASP A 346 27.61 -10.20 5.96
N ARG A 347 26.72 -10.59 6.85
CA ARG A 347 26.73 -10.21 8.25
C ARG A 347 26.87 -11.46 9.15
N GLU A 348 28.09 -11.80 9.56
CA GLU A 348 28.31 -13.00 10.35
C GLU A 348 28.13 -12.66 11.83
N ILE A 349 26.92 -12.82 12.31
CA ILE A 349 26.60 -12.61 13.71
C ILE A 349 27.28 -13.73 14.52
N VAL A 350 27.92 -13.34 15.61
CA VAL A 350 28.49 -14.33 16.56
C VAL A 350 27.53 -14.47 17.74
N ILE A 351 27.19 -15.73 18.12
CA ILE A 351 26.30 -15.99 19.24
C ILE A 351 27.08 -15.72 20.52
N PRO A 352 26.61 -14.78 21.36
CA PRO A 352 27.28 -14.50 22.60
C PRO A 352 27.22 -15.60 23.65
N GLU A 353 28.23 -15.59 24.50
CA GLU A 353 28.27 -16.41 25.73
C GLU A 353 27.29 -15.85 26.77
N THR A 354 26.28 -16.62 27.14
CA THR A 354 25.26 -16.16 28.10
C THR A 354 25.64 -16.46 29.53
N GLY A 355 26.65 -17.31 29.70
CA GLY A 355 27.03 -17.81 31.02
C GLY A 355 26.27 -19.05 31.45
N ARG A 356 25.31 -19.53 30.64
CA ARG A 356 24.45 -20.66 31.00
C ARG A 356 25.03 -21.93 30.41
N ALA A 357 25.18 -22.96 31.26
CA ALA A 357 25.76 -24.23 30.84
C ALA A 357 24.98 -24.87 29.71
N GLU A 358 23.66 -24.78 29.80
CA GLU A 358 22.79 -25.35 28.81
C GLU A 358 23.02 -24.80 27.40
N LEU A 359 23.70 -23.67 27.29
CA LEU A 359 23.87 -23.05 25.98
C LEU A 359 25.32 -23.06 25.51
N SER A 360 26.15 -23.81 26.21
CA SER A 360 27.54 -23.86 25.90
C SER A 360 27.84 -24.35 24.48
N TYR A 361 26.98 -25.18 23.92
CA TYR A 361 27.18 -25.65 22.56
C TYR A 361 26.99 -24.56 21.51
N LEU A 362 26.41 -23.44 21.92
CA LEU A 362 26.13 -22.30 21.00
C LEU A 362 27.10 -21.17 21.22
N ALA A 363 27.65 -21.05 22.43
CA ALA A 363 28.46 -19.91 22.85
C ALA A 363 29.61 -19.55 21.95
N ARG A 364 29.58 -18.32 21.45
CA ARG A 364 30.66 -17.81 20.62
C ARG A 364 30.91 -18.54 19.27
N LYS A 365 29.90 -19.25 18.79
CA LYS A 365 29.90 -19.72 17.44
C LYS A 365 29.17 -18.74 16.57
N LYS A 366 29.50 -18.74 15.27
CA LYS A 366 28.73 -17.94 14.29
C LYS A 366 27.34 -18.51 14.24
N LEU A 367 26.33 -17.66 14.21
CA LEU A 367 24.96 -18.10 14.01
C LEU A 367 24.85 -18.99 12.76
N SER A 368 25.62 -18.68 11.71
CA SER A 368 25.60 -19.43 10.49
C SER A 368 26.16 -20.83 10.67
N GLU A 369 27.02 -21.01 11.63
CA GLU A 369 27.47 -22.37 11.94
C GLU A 369 26.29 -23.26 12.37
N LEU A 370 25.37 -22.71 13.16
CA LEU A 370 24.16 -23.45 13.51
C LEU A 370 23.36 -23.71 12.28
N LEU A 371 23.10 -22.68 11.47
CA LEU A 371 22.34 -22.87 10.22
C LEU A 371 22.90 -24.01 9.34
N LEU A 372 24.22 -24.01 9.21
CA LEU A 372 24.91 -24.98 8.36
C LEU A 372 24.86 -26.40 8.97
N ALA A 373 25.08 -26.51 10.30
CA ALA A 373 24.87 -27.79 11.05
C ALA A 373 23.45 -28.31 10.89
N GLU A 374 22.50 -27.41 10.81
CA GLU A 374 21.12 -27.80 10.62
C GLU A 374 20.85 -28.36 9.24
N GLN A 375 21.51 -27.80 8.22
CA GLN A 375 21.34 -28.28 6.85
C GLN A 375 21.95 -29.66 6.77
N THR A 376 23.13 -29.82 7.35
CA THR A 376 23.88 -31.08 7.31
C THR A 376 23.10 -32.20 8.00
N GLY A 377 22.55 -31.91 9.18
CA GLY A 377 21.73 -32.86 9.94
C GLY A 377 20.42 -33.22 9.25
N THR A 378 19.80 -32.24 8.59
CA THR A 378 18.54 -32.46 7.94
C THR A 378 18.76 -33.37 6.74
N GLU A 379 19.89 -33.17 6.08
CA GLU A 379 20.25 -33.87 4.86
C GLU A 379 20.61 -35.33 5.17
N GLU A 380 21.41 -35.52 6.21
CA GLU A 380 21.74 -36.85 6.74
C GLU A 380 20.54 -37.65 7.25
N ALA A 381 19.63 -37.03 8.00
CA ALA A 381 18.44 -37.69 8.46
C ALA A 381 17.58 -38.15 7.30
N LEU A 382 17.50 -37.34 6.24
CA LEU A 382 16.74 -37.73 5.04
C LEU A 382 17.42 -38.88 4.29
N ARG A 383 18.74 -38.89 4.26
CA ARG A 383 19.47 -39.99 3.64
C ARG A 383 19.20 -41.30 4.41
N GLU A 384 19.40 -41.25 5.72
CA GLU A 384 19.09 -42.36 6.62
C GLU A 384 17.70 -42.86 6.42
N ASN A 385 16.75 -41.98 6.09
CA ASN A 385 15.39 -42.41 5.80
C ASN A 385 15.13 -42.73 4.35
N ASN A 386 16.22 -42.88 3.58
CA ASN A 386 16.18 -43.22 2.15
C ASN A 386 15.40 -42.28 1.27
N ARG A 387 15.51 -40.98 1.55
CA ARG A 387 14.85 -39.96 0.77
C ARG A 387 15.94 -39.30 -0.10
N PRO A 388 15.80 -39.41 -1.43
CA PRO A 388 16.89 -38.94 -2.30
C PRO A 388 17.07 -37.40 -2.22
N ASN A 389 18.32 -36.98 -2.11
CA ASN A 389 18.66 -35.57 -2.03
C ASN A 389 20.02 -35.27 -2.65
N MET A 390 20.16 -34.04 -3.12
CA MET A 390 21.42 -33.46 -3.57
C MET A 390 21.58 -32.05 -2.97
N ARG A 391 22.76 -31.49 -3.19
CA ARG A 391 23.15 -30.23 -2.59
C ARG A 391 23.89 -29.33 -3.57
N VAL A 392 23.44 -28.07 -3.68
CA VAL A 392 24.16 -27.05 -4.44
C VAL A 392 24.72 -26.03 -3.41
N THR A 393 26.03 -25.88 -3.39
CA THR A 393 26.71 -25.08 -2.43
C THR A 393 27.31 -23.86 -3.07
N PHE A 394 26.92 -22.71 -2.52
CA PHE A 394 27.42 -21.38 -2.91
C PHE A 394 28.45 -20.94 -1.88
N ASP A 395 29.58 -20.38 -2.29
CA ASP A 395 30.50 -19.83 -1.30
C ASP A 395 30.02 -18.52 -0.69
N GLY A 396 29.06 -17.87 -1.37
CA GLY A 396 28.47 -16.64 -0.88
C GLY A 396 27.40 -16.19 -1.85
N LEU A 397 26.64 -15.18 -1.45
CA LEU A 397 25.61 -14.63 -2.32
C LEU A 397 26.24 -13.52 -3.11
N THR A 398 26.71 -13.88 -4.32
CA THR A 398 27.39 -12.94 -5.23
C THR A 398 26.73 -13.02 -6.60
N PRO A 399 26.81 -11.97 -7.41
CA PRO A 399 26.29 -12.04 -8.77
C PRO A 399 26.86 -13.21 -9.60
N TYR A 400 28.15 -13.48 -9.43
CA TYR A 400 28.77 -14.58 -10.18
C TYR A 400 28.05 -15.87 -9.86
N ASN A 401 27.85 -16.15 -8.56
CA ASN A 401 27.16 -17.37 -8.13
C ASN A 401 25.70 -17.43 -8.56
N VAL A 402 24.98 -16.32 -8.43
CA VAL A 402 23.59 -16.31 -8.82
C VAL A 402 23.42 -16.49 -10.34
N GLY A 403 24.28 -15.85 -11.15
CA GLY A 403 24.27 -16.03 -12.60
C GLY A 403 24.54 -17.50 -12.98
N GLN A 404 25.47 -18.11 -12.26
CA GLN A 404 25.65 -19.58 -12.43
C GLN A 404 24.36 -20.31 -12.18
N PHE A 405 23.67 -20.01 -11.08
CA PHE A 405 22.45 -20.71 -10.71
C PHE A 405 21.39 -20.62 -11.77
N PHE A 406 21.09 -19.40 -12.24
CA PHE A 406 20.07 -19.28 -13.27
C PHE A 406 20.43 -20.08 -14.56
N ALA A 407 21.69 -20.01 -14.98
CA ALA A 407 22.16 -20.66 -16.21
C ALA A 407 22.06 -22.19 -16.10
N TYR A 408 22.60 -22.74 -15.04
CA TYR A 408 22.52 -24.18 -14.80
C TYR A 408 21.12 -24.71 -14.81
N TYR A 409 20.19 -23.99 -14.17
CA TYR A 409 18.79 -24.43 -14.11
C TYR A 409 18.01 -24.21 -15.40
N GLU A 410 18.33 -23.14 -16.13
CA GLU A 410 17.73 -22.96 -17.44
C GLU A 410 18.18 -24.10 -18.39
N ALA A 411 19.47 -24.42 -18.38
CA ALA A 411 19.99 -25.47 -19.22
C ALA A 411 19.34 -26.79 -18.81
N ALA A 412 19.36 -27.13 -17.50
CA ALA A 412 18.72 -28.35 -16.95
C ALA A 412 17.27 -28.54 -17.35
N THR A 413 16.49 -27.47 -17.37
CA THR A 413 15.11 -27.53 -17.75
C THR A 413 15.00 -27.81 -19.22
N ALA A 414 15.87 -27.20 -20.03
CA ALA A 414 15.95 -27.48 -21.48
C ALA A 414 16.22 -28.98 -21.71
N PHE A 415 17.17 -29.52 -20.95
CA PHE A 415 17.52 -30.92 -21.07
C PHE A 415 16.38 -31.84 -20.65
N MET A 416 15.68 -31.52 -19.55
CA MET A 416 14.51 -32.31 -19.14
C MET A 416 13.44 -32.33 -20.20
N GLY A 417 13.21 -31.21 -20.87
CA GLY A 417 12.23 -31.18 -21.94
C GLY A 417 12.59 -32.11 -23.09
N TYR A 418 13.89 -32.25 -23.33
CA TYR A 418 14.41 -33.11 -24.38
C TYR A 418 14.18 -34.56 -23.99
N LEU A 419 14.57 -34.89 -22.77
CA LEU A 419 14.40 -36.24 -22.25
C LEU A 419 12.92 -36.69 -22.21
N LEU A 420 12.05 -35.77 -21.82
CA LEU A 420 10.63 -36.03 -21.77
C LEU A 420 9.98 -35.86 -23.13
N GLU A 421 10.74 -35.45 -24.13
CA GLU A 421 10.25 -35.31 -25.51
C GLU A 421 9.03 -34.42 -25.59
N ILE A 422 9.10 -33.34 -24.81
CA ILE A 422 8.06 -32.33 -24.82
C ILE A 422 8.68 -30.99 -25.27
N ASN A 423 7.83 -30.01 -25.53
CA ASN A 423 8.29 -28.65 -25.74
C ASN A 423 8.39 -27.89 -24.40
N PRO A 424 9.62 -27.63 -23.94
CA PRO A 424 9.78 -26.95 -22.65
C PRO A 424 9.66 -25.42 -22.75
N PHE A 425 9.26 -24.88 -23.91
CA PHE A 425 9.30 -23.46 -24.15
C PHE A 425 7.94 -22.83 -24.42
N ASP A 426 6.87 -23.60 -24.33
CA ASP A 426 5.52 -23.07 -24.47
C ASP A 426 4.71 -23.21 -23.17
N GLN A 427 3.48 -22.72 -23.19
CA GLN A 427 2.59 -22.74 -22.01
C GLN A 427 1.13 -22.66 -22.44
N PRO A 428 0.65 -23.69 -23.16
CA PRO A 428 -0.72 -23.66 -23.71
C PRO A 428 -1.84 -23.75 -22.62
N GLY A 429 -1.52 -24.31 -21.46
CA GLY A 429 -2.50 -24.50 -20.39
C GLY A 429 -2.99 -23.26 -19.67
N VAL A 430 -2.38 -22.11 -19.96
CA VAL A 430 -2.72 -20.86 -19.30
C VAL A 430 -3.84 -20.13 -20.05
N GLU A 431 -4.07 -20.48 -21.32
CA GLU A 431 -4.94 -19.68 -22.17
C GLU A 431 -6.41 -19.75 -21.83
N LEU A 432 -6.89 -20.89 -21.37
CA LEU A 432 -8.32 -21.04 -21.07
C LEU A 432 -8.79 -20.11 -19.92
N GLY A 433 -8.01 -20.07 -18.84
CA GLY A 433 -8.35 -19.22 -17.71
C GLY A 433 -8.43 -17.74 -18.09
N LYS A 434 -7.50 -17.30 -18.94
CA LYS A 434 -7.46 -15.92 -19.46
C LYS A 434 -8.70 -15.58 -20.30
N LYS A 435 -9.10 -16.53 -21.15
CA LYS A 435 -10.30 -16.34 -21.97
C LYS A 435 -11.56 -16.19 -21.10
N ILE A 436 -11.66 -17.01 -20.05
CA ILE A 436 -12.81 -16.94 -19.13
C ILE A 436 -12.79 -15.61 -18.39
N THR A 437 -11.63 -15.27 -17.83
CA THR A 437 -11.43 -14.00 -17.16
C THR A 437 -11.81 -12.82 -18.02
N PHE A 438 -11.27 -12.73 -19.23
CA PHE A 438 -11.63 -11.58 -20.11
C PHE A 438 -13.11 -11.50 -20.42
N ALA A 439 -13.75 -12.66 -20.52
CA ALA A 439 -15.18 -12.69 -20.75
C ALA A 439 -15.89 -12.12 -19.50
N LEU A 440 -15.48 -12.57 -18.32
CA LEU A 440 -16.00 -12.00 -17.07
C LEU A 440 -15.80 -10.49 -17.01
N MET A 441 -14.68 -10.00 -17.55
CA MET A 441 -14.34 -8.57 -17.50
C MET A 441 -14.98 -7.81 -18.64
N GLY A 442 -15.80 -8.46 -19.44
CA GLY A 442 -16.54 -7.75 -20.48
C GLY A 442 -15.65 -7.30 -21.64
N ARG A 443 -14.57 -8.04 -21.87
CA ARG A 443 -13.67 -7.65 -22.93
C ARG A 443 -14.23 -8.03 -24.30
N GLU A 444 -14.29 -7.05 -25.19
CA GLU A 444 -14.82 -7.19 -26.57
C GLU A 444 -14.29 -8.45 -27.27
N GLY A 445 -15.19 -9.32 -27.70
CA GLY A 445 -14.82 -10.55 -28.41
C GLY A 445 -14.51 -11.77 -27.53
N TYR A 446 -14.75 -11.65 -26.22
CA TYR A 446 -14.60 -12.76 -25.31
C TYR A 446 -15.95 -13.10 -24.77
N THR A 447 -16.41 -14.31 -25.11
CA THR A 447 -17.83 -14.67 -24.96
C THR A 447 -18.10 -15.89 -24.06
N TYR A 448 -17.05 -16.56 -23.61
CA TYR A 448 -17.21 -17.70 -22.68
C TYR A 448 -18.30 -17.40 -21.63
N GLU A 449 -19.25 -18.33 -21.47
CA GLU A 449 -20.29 -18.24 -20.43
C GLU A 449 -20.16 -19.45 -19.50
N ILE A 450 -19.93 -19.19 -18.20
CA ILE A 450 -19.82 -20.23 -17.19
C ILE A 450 -21.24 -20.74 -16.89
N LYS A 451 -21.48 -22.04 -17.08
CA LYS A 451 -22.83 -22.61 -16.96
C LYS A 451 -23.25 -22.76 -15.49
N GLU A 452 -24.56 -22.63 -15.20
CA GLU A 452 -25.10 -22.95 -13.85
C GLU A 452 -24.88 -24.45 -13.55
N ARG A 453 -24.41 -24.74 -12.34
CA ARG A 453 -24.00 -26.09 -11.98
C ARG A 453 -25.23 -26.91 -11.56
N SER A 454 -25.21 -28.21 -11.88
CA SER A 454 -26.22 -29.15 -11.38
C SER A 454 -25.98 -29.31 -9.86
N LYS A 455 -24.90 -29.99 -9.52
CA LYS A 455 -24.54 -30.20 -8.13
C LYS A 455 -23.89 -28.89 -7.58
N LYS A 456 -24.55 -28.30 -6.57
CA LYS A 456 -24.00 -27.22 -5.73
C LYS A 456 -23.82 -27.76 -4.33
N VAL A 457 -22.58 -27.88 -3.85
CA VAL A 457 -22.31 -28.26 -2.46
C VAL A 457 -21.68 -27.09 -1.67
N ILE A 458 -22.53 -26.27 -1.04
CA ILE A 458 -22.12 -25.08 -0.31
C ILE A 458 -22.46 -25.11 1.20
N ILE A 459 -21.58 -24.55 2.01
CA ILE A 459 -21.86 -24.29 3.43
C ILE A 459 -21.58 -22.81 3.70
N GLU A 460 -22.61 -22.11 4.14
CA GLU A 460 -22.49 -20.71 4.52
C GLU A 460 -22.93 -20.55 5.97
N HIS B 11 -22.85 -7.49 10.97
CA HIS B 11 -21.50 -7.28 10.35
C HIS B 11 -20.67 -8.58 10.28
N HIS B 12 -20.63 -9.36 11.37
CA HIS B 12 -19.82 -10.61 11.38
C HIS B 12 -20.45 -11.73 10.56
N MET B 13 -19.75 -12.22 9.55
CA MET B 13 -20.27 -13.23 8.66
C MET B 13 -19.42 -14.51 8.67
N SER B 14 -20.09 -15.65 8.58
CA SER B 14 -19.37 -16.92 8.44
C SER B 14 -18.65 -16.96 7.11
N LEU B 15 -17.48 -17.58 7.11
CA LEU B 15 -16.78 -17.93 5.90
C LEU B 15 -17.75 -18.75 5.08
N LYS B 16 -17.76 -18.58 3.77
CA LYS B 16 -18.60 -19.38 2.88
C LYS B 16 -17.73 -20.40 2.22
N PHE B 17 -18.16 -21.66 2.24
CA PHE B 17 -17.45 -22.76 1.57
C PHE B 17 -18.25 -23.27 0.37
N ASP B 18 -17.56 -23.46 -0.77
CA ASP B 18 -18.14 -24.00 -1.98
C ASP B 18 -17.32 -25.19 -2.38
N PHE B 19 -17.86 -26.39 -2.10
CA PHE B 19 -17.20 -27.64 -2.44
C PHE B 19 -17.65 -28.20 -3.80
N SER B 20 -18.45 -27.44 -4.54
CA SER B 20 -19.08 -27.96 -5.75
C SER B 20 -18.11 -28.57 -6.77
N ASN B 21 -16.97 -27.95 -7.02
CA ASN B 21 -16.04 -28.47 -8.02
C ASN B 21 -15.16 -29.58 -7.51
N LEU B 22 -15.56 -30.18 -6.40
CA LEU B 22 -14.92 -31.44 -5.90
C LEU B 22 -15.72 -32.71 -6.34
N PHE B 23 -16.95 -32.47 -6.81
CA PHE B 23 -17.96 -33.48 -7.07
C PHE B 23 -18.33 -33.66 -8.52
N GLU B 24 -18.70 -34.91 -8.85
CA GLU B 24 -19.41 -35.23 -10.10
C GLU B 24 -20.80 -34.57 -10.03
N PRO B 25 -21.31 -34.07 -11.16
CA PRO B 25 -20.79 -34.04 -12.52
C PRO B 25 -19.90 -32.80 -12.79
N ASN B 26 -19.67 -31.96 -11.77
CA ASN B 26 -18.95 -30.71 -11.98
C ASN B 26 -17.56 -30.99 -12.50
N ILE B 27 -16.88 -31.99 -11.94
CA ILE B 27 -15.74 -32.56 -12.60
C ILE B 27 -15.98 -34.04 -12.97
N SER B 28 -15.60 -34.42 -14.19
CA SER B 28 -15.58 -35.81 -14.61
C SER B 28 -14.45 -36.43 -13.80
N GLY B 29 -14.76 -37.52 -13.09
CA GLY B 29 -13.83 -38.15 -12.17
C GLY B 29 -14.11 -37.70 -10.75
N GLY B 30 -15.09 -36.80 -10.59
CA GLY B 30 -15.41 -36.20 -9.29
C GLY B 30 -15.91 -37.18 -8.23
N LEU B 31 -16.02 -36.69 -7.01
CA LEU B 31 -16.57 -37.48 -5.92
C LEU B 31 -18.06 -37.64 -6.17
N THR B 32 -18.61 -38.77 -5.69
CA THR B 32 -20.00 -39.13 -5.92
C THR B 32 -20.70 -39.28 -4.57
N ASP B 33 -22.02 -39.44 -4.60
CA ASP B 33 -22.78 -39.71 -3.38
C ASP B 33 -22.40 -41.03 -2.74
N GLU B 34 -22.01 -42.01 -3.55
CA GLU B 34 -21.50 -43.26 -3.03
C GLU B 34 -20.24 -43.04 -2.25
N ASP B 35 -19.32 -42.26 -2.82
CA ASP B 35 -18.09 -41.87 -2.12
C ASP B 35 -18.37 -41.24 -0.76
N VAL B 36 -19.34 -40.31 -0.73
CA VAL B 36 -19.70 -39.68 0.56
C VAL B 36 -20.21 -40.73 1.55
N LYS B 37 -21.16 -41.57 1.10
CA LYS B 37 -21.63 -42.70 1.94
C LYS B 37 -20.52 -43.58 2.47
N SER B 38 -19.50 -43.83 1.67
CA SER B 38 -18.41 -44.69 2.07
C SER B 38 -17.72 -44.30 3.37
N VAL B 39 -17.74 -43.01 3.69
CA VAL B 39 -16.98 -42.50 4.85
C VAL B 39 -17.82 -41.67 5.85
N GLU B 40 -19.04 -41.29 5.49
CA GLU B 40 -19.98 -40.57 6.39
C GLU B 40 -19.96 -40.99 7.85
N GLU B 41 -20.01 -42.28 8.09
CA GLU B 41 -20.09 -42.77 9.46
C GLU B 41 -18.76 -42.55 10.18
N LYS B 42 -17.65 -42.73 9.49
CA LYS B 42 -16.32 -42.55 10.11
C LYS B 42 -16.08 -41.04 10.39
N VAL B 43 -16.62 -40.19 9.50
CA VAL B 43 -16.55 -38.75 9.65
C VAL B 43 -17.38 -38.31 10.88
N THR B 44 -18.65 -38.76 10.92
CA THR B 44 -19.53 -38.51 12.08
C THR B 44 -18.91 -38.95 13.41
N SER B 45 -18.14 -40.02 13.33
CA SER B 45 -17.47 -40.54 14.47
C SER B 45 -16.25 -39.68 14.88
N ALA B 46 -15.57 -39.12 13.88
CA ALA B 46 -14.55 -38.10 14.09
C ALA B 46 -15.13 -36.89 14.85
N VAL B 47 -16.26 -36.36 14.34
CA VAL B 47 -16.92 -35.22 14.95
C VAL B 47 -17.34 -35.54 16.38
N ARG B 48 -17.85 -36.75 16.60
CA ARG B 48 -18.26 -37.18 17.92
C ARG B 48 -17.12 -37.28 18.90
N ASN B 49 -15.98 -37.78 18.43
CA ASN B 49 -14.79 -37.91 19.25
C ASN B 49 -14.28 -36.52 19.70
N PHE B 50 -14.36 -35.59 18.76
CA PHE B 50 -13.97 -34.22 18.94
C PHE B 50 -14.87 -33.56 20.01
N VAL B 51 -16.17 -33.82 19.91
CA VAL B 51 -17.14 -33.32 20.87
C VAL B 51 -16.98 -33.96 22.22
N GLU B 52 -16.60 -35.23 22.27
CA GLU B 52 -16.58 -35.97 23.53
C GLU B 52 -15.21 -36.03 24.17
N ASN B 53 -14.16 -35.96 23.35
CA ASN B 53 -12.81 -35.85 23.88
CA ASN B 53 -12.82 -35.87 23.87
C ASN B 53 -12.09 -34.69 23.21
N THR B 54 -12.63 -33.48 23.42
CA THR B 54 -12.16 -32.25 22.78
C THR B 54 -10.71 -31.94 23.08
N PRO B 55 -9.89 -31.70 22.04
CA PRO B 55 -8.50 -31.34 22.26
C PRO B 55 -8.37 -29.94 22.90
N ASP B 56 -7.35 -29.74 23.67
CA ASP B 56 -7.23 -28.50 24.43
C ASP B 56 -7.30 -27.27 23.53
N PHE B 57 -6.78 -27.36 22.29
CA PHE B 57 -6.76 -26.19 21.38
C PHE B 57 -8.14 -25.64 21.06
N ALA B 58 -9.16 -26.50 21.07
CA ALA B 58 -10.50 -26.10 20.70
C ALA B 58 -11.29 -25.48 21.84
N LYS B 59 -10.71 -25.50 23.03
CA LYS B 59 -11.42 -25.00 24.21
C LYS B 59 -11.36 -23.49 24.35
N LEU B 60 -10.34 -22.84 23.78
CA LEU B 60 -10.21 -21.36 23.74
C LEU B 60 -10.36 -20.77 25.12
N ASP B 61 -9.52 -21.24 26.03
CA ASP B 61 -9.59 -20.81 27.41
C ASP B 61 -9.54 -19.30 27.51
N ARG B 62 -10.38 -18.76 28.38
CA ARG B 62 -10.43 -17.31 28.66
C ARG B 62 -9.09 -16.81 29.15
N SER B 63 -8.30 -17.66 29.81
CA SER B 63 -7.06 -17.22 30.32
C SER B 63 -6.02 -16.94 29.23
N TRP B 64 -6.23 -17.46 28.03
CA TRP B 64 -5.30 -17.17 26.93
C TRP B 64 -5.41 -15.69 26.54
N ILE B 65 -6.61 -15.17 26.43
CA ILE B 65 -6.79 -13.75 26.22
C ILE B 65 -6.47 -12.88 27.45
N ASP B 66 -6.93 -13.29 28.64
CA ASP B 66 -6.75 -12.53 29.88
C ASP B 66 -5.31 -12.37 30.23
N SER B 67 -4.50 -13.43 30.13
CA SER B 67 -3.10 -13.30 30.48
C SER B 67 -2.37 -12.31 29.57
N VAL B 68 -2.80 -12.22 28.34
CA VAL B 68 -2.18 -11.35 27.38
C VAL B 68 -2.66 -9.89 27.61
N LYS B 69 -3.98 -9.72 27.73
CA LYS B 69 -4.53 -8.44 28.10
C LYS B 69 -4.01 -7.85 29.40
N SER B 70 -3.58 -8.68 30.35
CA SER B 70 -3.05 -8.15 31.57
CA SER B 70 -3.00 -8.23 31.59
C SER B 70 -1.70 -7.46 31.34
N LEU B 71 -1.07 -7.67 30.19
CA LEU B 71 0.21 -7.06 29.91
C LEU B 71 0.10 -5.84 29.03
N GLU B 72 -1.12 -5.42 28.70
CA GLU B 72 -1.32 -4.38 27.68
C GLU B 72 -0.72 -3.02 28.06
N ASP B 73 -0.86 -2.64 29.32
CA ASP B 73 -0.30 -1.42 29.85
C ASP B 73 1.22 -1.42 29.77
N TRP B 74 1.84 -2.56 30.03
CA TRP B 74 3.28 -2.68 29.91
C TRP B 74 3.74 -2.61 28.45
N ILE B 75 2.99 -3.24 27.55
CA ILE B 75 3.39 -3.40 26.14
C ILE B 75 3.38 -2.06 25.42
N ILE B 76 2.56 -1.12 25.88
CA ILE B 76 2.55 0.23 25.26
C ILE B 76 3.83 1.04 25.54
N ASN B 77 4.68 0.61 26.45
CA ASN B 77 6.03 1.18 26.54
C ASN B 77 6.88 0.98 25.27
N PHE B 78 6.54 -0.03 24.46
CA PHE B 78 7.43 -0.44 23.38
C PHE B 78 6.92 0.00 22.08
N ASP B 79 7.82 0.28 21.15
CA ASP B 79 7.38 0.54 19.77
C ASP B 79 7.51 -0.63 18.80
N THR B 80 8.18 -1.70 19.26
CA THR B 80 8.46 -2.80 18.43
C THR B 80 8.44 -4.03 19.32
N VAL B 81 7.74 -5.05 18.85
CA VAL B 81 7.86 -6.42 19.39
C VAL B 81 8.58 -7.32 18.39
N VAL B 82 9.63 -8.04 18.83
CA VAL B 82 10.33 -8.94 17.98
C VAL B 82 10.06 -10.32 18.58
N VAL B 83 9.40 -11.19 17.81
CA VAL B 83 9.13 -12.57 18.22
C VAL B 83 10.31 -13.37 17.81
N LEU B 84 10.91 -14.03 18.80
CA LEU B 84 11.95 -14.99 18.60
C LEU B 84 11.25 -16.34 18.82
N GLY B 85 10.89 -16.99 17.75
CA GLY B 85 10.19 -18.26 17.77
C GLY B 85 10.25 -18.85 16.38
N ILE B 86 9.96 -20.15 16.28
CA ILE B 86 10.11 -20.86 15.01
C ILE B 86 9.02 -21.88 14.89
N GLY B 87 8.56 -22.11 13.68
CA GLY B 87 7.50 -23.05 13.41
C GLY B 87 6.21 -22.69 14.10
N GLY B 88 5.80 -23.54 15.01
CA GLY B 88 4.56 -23.31 15.76
C GLY B 88 4.62 -22.04 16.56
N SER B 89 5.82 -21.65 16.98
CA SER B 89 5.98 -20.44 17.77
C SER B 89 6.31 -19.21 16.93
N GLY B 90 6.12 -19.27 15.60
CA GLY B 90 6.56 -18.22 14.69
C GLY B 90 5.61 -17.95 13.54
N LEU B 91 5.14 -19.01 12.87
CA LEU B 91 4.23 -18.82 11.70
C LEU B 91 2.88 -18.24 12.02
N GLY B 92 2.36 -18.53 13.19
CA GLY B 92 1.08 -17.99 13.56
C GLY B 92 1.12 -16.50 13.74
N ASN B 93 2.23 -16.06 14.31
CA ASN B 93 2.49 -14.64 14.50
C ASN B 93 2.57 -13.93 13.15
N LEU B 94 3.30 -14.53 12.23
CA LEU B 94 3.36 -13.98 10.86
C LEU B 94 2.03 -14.03 10.15
N ALA B 95 1.28 -15.13 10.29
CA ALA B 95 -0.05 -15.22 9.67
C ALA B 95 -0.96 -14.14 10.14
N LEU B 96 -0.93 -13.88 11.44
CA LEU B 96 -1.83 -12.86 12.04
C LEU B 96 -1.38 -11.48 11.60
N HIS B 97 -0.09 -11.24 11.62
CA HIS B 97 0.51 -9.94 11.22
C HIS B 97 0.19 -9.54 9.81
N TYR B 98 0.44 -10.45 8.87
CA TYR B 98 0.17 -10.14 7.48
C TYR B 98 -1.29 -10.06 7.15
N SER B 99 -2.12 -10.93 7.74
CA SER B 99 -3.50 -11.01 7.33
C SER B 99 -4.32 -9.93 7.96
N LEU B 100 -3.89 -9.42 9.10
CA LEU B 100 -4.75 -8.44 9.81
C LEU B 100 -4.14 -7.04 9.96
N ARG B 101 -2.98 -6.78 9.35
CA ARG B 101 -2.44 -5.42 9.27
C ARG B 101 -2.00 -5.18 7.84
N PRO B 102 -2.01 -3.94 7.39
CA PRO B 102 -1.52 -3.66 6.07
C PRO B 102 -0.10 -4.11 5.82
N LEU B 103 0.26 -4.36 4.57
CA LEU B 103 1.60 -4.91 4.28
C LEU B 103 2.78 -3.99 4.66
N ASN B 104 2.55 -2.68 4.70
CA ASN B 104 3.61 -1.71 5.09
C ASN B 104 3.55 -1.28 6.56
N TRP B 105 2.85 -2.05 7.36
CA TRP B 105 2.72 -1.78 8.77
C TRP B 105 4.01 -1.42 9.47
N ASN B 106 5.05 -2.22 9.27
CA ASN B 106 6.27 -1.99 10.02
C ASN B 106 7.03 -0.76 9.48
N GLU B 107 6.64 -0.28 8.30
CA GLU B 107 7.27 0.86 7.64
C GLU B 107 6.36 2.11 7.78
N MET B 108 5.28 2.01 8.54
CA MET B 108 4.39 3.15 8.85
C MET B 108 4.94 3.87 10.05
N THR B 109 4.62 5.15 10.19
CA THR B 109 5.02 5.88 11.36
C THR B 109 4.19 5.45 12.52
N ARG B 110 4.64 5.77 13.72
CA ARG B 110 3.90 5.43 14.93
C ARG B 110 2.53 6.04 14.94
N GLU B 111 2.41 7.22 14.36
CA GLU B 111 1.15 7.88 14.35
C GLU B 111 0.22 7.15 13.41
N GLU B 112 0.73 6.73 12.25
CA GLU B 112 -0.02 5.94 11.30
C GLU B 112 -0.46 4.62 11.93
N ARG B 113 0.33 4.09 12.85
CA ARG B 113 -0.05 2.84 13.50
C ARG B 113 -0.96 3.07 14.68
N ASN B 114 -1.37 4.34 14.90
CA ASN B 114 -2.28 4.69 15.99
C ASN B 114 -1.71 4.33 17.34
N GLY B 115 -0.41 4.38 17.47
CA GLY B 115 0.23 4.07 18.73
C GLY B 115 0.65 2.62 18.91
N TYR B 116 0.22 1.73 18.04
CA TYR B 116 0.53 0.28 18.26
C TYR B 116 1.89 -0.14 17.74
N ALA B 117 2.43 -1.30 18.17
CA ALA B 117 3.77 -1.67 17.82
C ALA B 117 3.96 -2.37 16.50
N ARG B 118 5.17 -2.23 15.96
CA ARG B 118 5.63 -2.89 14.83
C ARG B 118 5.90 -4.31 15.34
N VAL B 119 5.77 -5.32 14.49
CA VAL B 119 6.07 -6.76 14.87
C VAL B 119 6.99 -7.38 13.82
N PHE B 120 8.14 -7.87 14.28
CA PHE B 120 9.08 -8.56 13.45
C PHE B 120 9.18 -9.97 14.05
N VAL B 121 9.23 -10.96 13.19
CA VAL B 121 9.40 -12.37 13.59
C VAL B 121 10.67 -12.91 13.02
N VAL B 122 11.54 -13.43 13.89
CA VAL B 122 12.80 -13.95 13.50
C VAL B 122 12.71 -15.46 13.73
N ASP B 123 12.33 -16.17 12.67
CA ASP B 123 12.02 -17.59 12.72
C ASP B 123 13.00 -18.44 11.90
N ASN B 124 14.27 -18.01 11.91
CA ASN B 124 15.36 -18.69 11.23
C ASN B 124 16.62 -18.25 11.90
N VAL B 125 17.68 -19.05 11.77
CA VAL B 125 19.03 -18.73 12.23
C VAL B 125 19.92 -18.32 11.07
N ASP B 126 19.33 -17.66 10.08
CA ASP B 126 20.05 -17.01 9.01
C ASP B 126 20.47 -15.65 9.53
N PRO B 127 21.77 -15.36 9.52
CA PRO B 127 22.22 -14.12 10.08
C PRO B 127 21.76 -12.90 9.27
N ASP B 128 21.44 -13.12 8.02
CA ASP B 128 20.93 -12.03 7.16
C ASP B 128 19.51 -11.62 7.58
N LEU B 129 18.72 -12.57 8.05
CA LEU B 129 17.42 -12.27 8.69
C LEU B 129 17.59 -11.50 10.00
N MET B 130 18.31 -12.06 10.98
CA MET B 130 18.45 -11.41 12.27
C MET B 130 19.11 -10.05 12.13
N SER B 131 20.14 -9.92 11.28
CA SER B 131 20.87 -8.67 11.18
C SER B 131 19.98 -7.58 10.56
N SER B 132 19.12 -7.96 9.64
CA SER B 132 18.20 -7.02 8.99
C SER B 132 17.14 -6.50 9.95
N VAL B 133 16.65 -7.35 10.84
CA VAL B 133 15.74 -6.95 11.91
C VAL B 133 16.46 -6.06 12.91
N LEU B 134 17.63 -6.47 13.38
CA LEU B 134 18.40 -5.68 14.32
C LEU B 134 18.71 -4.27 13.79
N ASP B 135 18.94 -4.15 12.47
CA ASP B 135 19.23 -2.87 11.85
C ASP B 135 17.98 -1.97 11.87
N ARG B 136 16.81 -2.51 12.13
CA ARG B 136 15.59 -1.72 12.06
C ARG B 136 15.01 -1.36 13.43
N ILE B 137 15.56 -1.87 14.51
CA ILE B 137 14.97 -1.68 15.82
C ILE B 137 15.90 -0.87 16.70
N ASP B 138 15.33 -0.25 17.73
CA ASP B 138 16.09 0.44 18.76
C ASP B 138 15.86 -0.43 19.98
N PRO B 139 16.92 -1.03 20.51
CA PRO B 139 16.77 -1.93 21.66
C PRO B 139 16.07 -1.28 22.84
N LYS B 140 16.19 0.04 22.98
CA LYS B 140 15.61 0.71 24.13
C LYS B 140 14.10 0.76 24.05
N THR B 141 13.53 0.62 22.86
CA THR B 141 12.09 0.60 22.71
C THR B 141 11.53 -0.74 22.17
N THR B 142 12.26 -1.83 22.37
CA THR B 142 11.92 -3.09 21.76
C THR B 142 11.70 -4.13 22.87
N LEU B 143 10.65 -4.95 22.70
CA LEU B 143 10.35 -6.13 23.53
C LEU B 143 10.63 -7.32 22.70
N PHE B 144 11.48 -8.25 23.18
CA PHE B 144 11.65 -9.52 22.54
C PHE B 144 10.77 -10.57 23.20
N ASN B 145 9.83 -11.15 22.46
CA ASN B 145 8.98 -12.22 22.94
C ASN B 145 9.65 -13.51 22.50
N VAL B 146 10.26 -14.21 23.48
CA VAL B 146 10.99 -15.44 23.25
C VAL B 146 10.01 -16.58 23.51
N ILE B 147 9.68 -17.36 22.46
CA ILE B 147 8.63 -18.36 22.49
C ILE B 147 9.15 -19.73 22.14
N SER B 148 9.09 -20.65 23.08
CA SER B 148 9.42 -22.06 22.82
C SER B 148 8.62 -22.95 23.80
N LYS B 149 7.81 -23.86 23.29
CA LYS B 149 7.02 -24.72 24.16
C LYS B 149 7.96 -25.53 25.03
N SER B 150 8.96 -26.11 24.40
CA SER B 150 9.92 -27.00 25.11
C SER B 150 10.86 -26.23 25.99
N GLY B 151 11.05 -24.96 25.67
CA GLY B 151 11.96 -24.15 26.43
C GLY B 151 13.41 -24.33 26.05
N SER B 152 13.71 -25.08 25.00
CA SER B 152 15.09 -25.30 24.59
CA SER B 152 15.10 -25.29 24.59
C SER B 152 15.32 -25.36 23.07
N THR B 153 14.33 -24.99 22.26
CA THR B 153 14.48 -25.02 20.80
C THR B 153 15.77 -24.31 20.40
N ALA B 154 16.70 -25.00 19.73
CA ALA B 154 18.05 -24.46 19.46
C ALA B 154 18.07 -23.08 18.74
N GLU B 155 17.20 -22.94 17.76
CA GLU B 155 17.14 -21.72 16.99
C GLU B 155 16.71 -20.55 17.86
N VAL B 156 15.81 -20.80 18.83
CA VAL B 156 15.33 -19.78 19.75
C VAL B 156 16.38 -19.50 20.80
N MET B 157 17.13 -20.52 21.21
CA MET B 157 18.19 -20.24 22.11
C MET B 157 19.29 -19.37 21.53
N ALA B 158 19.58 -19.57 20.26
CA ALA B 158 20.62 -18.86 19.61
C ALA B 158 20.17 -17.37 19.47
N THR B 159 18.97 -17.16 18.97
CA THR B 159 18.48 -15.77 18.80
C THR B 159 18.22 -15.07 20.17
N TYR B 160 17.72 -15.79 21.16
CA TYR B 160 17.71 -15.30 22.53
C TYR B 160 19.09 -14.88 23.00
N SER B 161 20.12 -15.70 22.73
CA SER B 161 21.43 -15.35 23.19
C SER B 161 21.91 -14.01 22.62
N ILE B 162 21.60 -13.78 21.33
CA ILE B 162 22.01 -12.59 20.59
C ILE B 162 21.33 -11.35 21.18
N ALA B 163 20.03 -11.45 21.37
CA ALA B 163 19.17 -10.35 21.90
C ALA B 163 19.64 -9.98 23.31
N ARG B 164 19.79 -11.00 24.14
CA ARG B 164 20.29 -10.79 25.47
C ARG B 164 21.66 -10.14 25.52
N GLY B 165 22.62 -10.60 24.70
CA GLY B 165 23.98 -10.05 24.69
C GLY B 165 23.95 -8.57 24.33
N ILE B 166 23.09 -8.26 23.38
CA ILE B 166 22.96 -6.83 22.95
C ILE B 166 22.39 -6.01 24.09
N LEU B 167 21.35 -6.49 24.72
CA LEU B 167 20.79 -5.80 25.88
C LEU B 167 21.84 -5.60 26.98
N GLU B 168 22.59 -6.66 27.29
CA GLU B 168 23.65 -6.52 28.29
C GLU B 168 24.72 -5.51 27.95
N ALA B 169 25.21 -5.51 26.72
CA ALA B 169 26.34 -4.71 26.35
C ALA B 169 25.89 -3.24 26.32
N TYR B 170 24.60 -3.01 26.15
CA TYR B 170 24.06 -1.62 26.20
C TYR B 170 23.60 -1.21 27.60
N GLY B 171 23.68 -2.13 28.55
CA GLY B 171 23.26 -1.86 29.87
C GLY B 171 21.79 -1.73 30.06
N LEU B 172 21.01 -2.48 29.28
CA LEU B 172 19.56 -2.50 29.45
C LEU B 172 19.26 -3.76 30.26
N ASP B 173 18.28 -3.66 31.15
CA ASP B 173 17.87 -4.79 31.98
C ASP B 173 17.04 -5.74 31.15
N PRO B 174 17.50 -6.99 30.96
CA PRO B 174 16.74 -7.95 30.16
C PRO B 174 15.30 -8.14 30.58
N ARG B 175 15.02 -7.97 31.87
CA ARG B 175 13.66 -8.12 32.34
C ARG B 175 12.71 -6.99 31.91
N GLU B 176 13.28 -5.90 31.46
CA GLU B 176 12.47 -4.77 30.89
C GLU B 176 12.29 -4.88 29.39
N HIS B 177 12.96 -5.85 28.76
CA HIS B 177 12.94 -5.97 27.30
C HIS B 177 12.71 -7.37 26.75
N MET B 178 12.39 -8.33 27.62
CA MET B 178 12.15 -9.71 27.19
C MET B 178 10.96 -10.26 27.92
N LEU B 179 10.11 -10.98 27.17
CA LEU B 179 8.92 -11.64 27.67
C LEU B 179 9.00 -13.08 27.20
N ILE B 180 8.99 -14.04 28.14
CA ILE B 180 9.17 -15.47 27.84
C ILE B 180 7.84 -16.26 27.79
N THR B 181 7.56 -16.94 26.67
CA THR B 181 6.33 -17.69 26.49
C THR B 181 6.74 -19.15 26.33
N THR B 182 6.40 -19.96 27.32
CA THR B 182 6.94 -21.34 27.37
C THR B 182 6.05 -22.20 28.27
N ASP B 183 6.38 -23.47 28.35
CA ASP B 183 5.60 -24.38 29.19
C ASP B 183 5.56 -23.85 30.61
N PRO B 184 4.40 -23.98 31.28
CA PRO B 184 4.33 -23.50 32.66
C PRO B 184 5.31 -24.09 33.67
N GLU B 185 5.82 -25.29 33.42
CA GLU B 185 6.62 -26.02 34.44
C GLU B 185 7.96 -26.53 33.95
N LYS B 186 8.01 -27.06 32.74
CA LYS B 186 9.22 -27.73 32.26
C LYS B 186 10.09 -26.83 31.38
N GLY B 187 11.38 -27.09 31.38
CA GLY B 187 12.25 -26.58 30.32
C GLY B 187 13.12 -25.45 30.79
N PHE B 188 14.17 -25.17 30.01
CA PHE B 188 15.20 -24.15 30.35
C PHE B 188 14.59 -22.74 30.44
N LEU B 189 13.75 -22.38 29.47
CA LEU B 189 13.22 -21.02 29.51
C LEU B 189 12.42 -20.81 30.78
N ARG B 190 11.67 -21.81 31.20
CA ARG B 190 10.87 -21.68 32.41
C ARG B 190 11.76 -21.51 33.62
N LYS B 191 12.89 -22.18 33.59
CA LYS B 191 13.87 -22.02 34.67
C LYS B 191 14.40 -20.61 34.73
N LEU B 192 14.73 -20.07 33.56
CA LEU B 192 15.22 -18.71 33.44
C LEU B 192 14.24 -17.77 34.06
N VAL B 193 12.96 -17.97 33.79
CA VAL B 193 11.89 -17.11 34.33
C VAL B 193 11.92 -17.12 35.86
N LYS B 194 11.95 -18.34 36.42
CA LYS B 194 11.92 -18.53 37.85
C LYS B 194 13.19 -17.97 38.51
N GLU B 195 14.35 -18.20 37.92
CA GLU B 195 15.57 -17.73 38.53
C GLU B 195 15.82 -16.27 38.38
N GLU B 196 15.36 -15.66 37.29
CA GLU B 196 15.72 -14.28 37.00
C GLU B 196 14.55 -13.33 37.07
N GLY B 197 13.35 -13.83 37.14
CA GLY B 197 12.20 -12.99 37.41
C GLY B 197 11.66 -12.28 36.17
N PHE B 198 11.70 -12.95 35.03
CA PHE B 198 11.09 -12.43 33.81
C PHE B 198 9.59 -12.47 33.86
N ARG B 199 8.93 -11.52 33.20
CA ARG B 199 7.53 -11.68 32.91
C ARG B 199 7.42 -12.89 31.94
N SER B 200 6.29 -13.57 31.97
CA SER B 200 6.12 -14.72 31.12
C SER B 200 4.70 -14.97 30.81
N LEU B 201 4.47 -15.81 29.78
CA LEU B 201 3.17 -16.32 29.39
C LEU B 201 3.33 -17.81 29.16
N GLU B 202 2.22 -18.51 29.03
CA GLU B 202 2.28 -19.97 28.95
C GLU B 202 1.96 -20.46 27.57
N VAL B 203 2.73 -21.45 27.09
CA VAL B 203 2.23 -22.31 26.04
C VAL B 203 1.44 -23.39 26.80
N PRO B 204 0.13 -23.54 26.54
CA PRO B 204 -0.66 -24.52 27.30
C PRO B 204 -0.08 -25.94 27.19
N PRO B 205 0.05 -26.65 28.31
CA PRO B 205 0.69 -27.96 28.25
C PRO B 205 0.08 -28.95 27.24
N GLY B 206 -1.24 -28.90 27.03
CA GLY B 206 -1.88 -29.80 26.09
C GLY B 206 -2.09 -29.29 24.68
N VAL B 207 -1.43 -28.18 24.34
CA VAL B 207 -1.54 -27.60 23.00
C VAL B 207 -0.14 -27.63 22.38
N GLY B 208 -0.07 -28.31 21.22
CA GLY B 208 1.18 -28.40 20.51
C GLY B 208 1.38 -27.15 19.72
N GLY B 209 2.63 -26.86 19.41
CA GLY B 209 3.01 -25.63 18.68
C GLY B 209 2.18 -25.29 17.46
N ARG B 210 1.93 -26.28 16.59
CA ARG B 210 1.24 -25.99 15.36
C ARG B 210 -0.22 -25.73 15.57
N PHE B 211 -0.70 -25.97 16.78
CA PHE B 211 -2.10 -25.71 17.14
C PHE B 211 -2.21 -24.52 18.12
N SER B 212 -1.13 -23.76 18.26
CA SER B 212 -1.02 -22.74 19.33
C SER B 212 -1.28 -21.29 18.91
N VAL B 213 -1.62 -21.04 17.66
CA VAL B 213 -1.75 -19.64 17.23
C VAL B 213 -2.73 -18.86 18.12
N LEU B 214 -3.85 -19.46 18.51
CA LEU B 214 -4.88 -18.73 19.26
C LEU B 214 -4.63 -18.73 20.76
N THR B 215 -3.52 -19.32 21.19
CA THR B 215 -3.09 -19.22 22.56
C THR B 215 -2.17 -17.96 22.71
N PRO B 216 -1.63 -17.70 23.92
CA PRO B 216 -0.78 -16.52 24.06
C PRO B 216 0.39 -16.47 23.07
N VAL B 217 0.78 -17.63 22.53
CA VAL B 217 1.82 -17.69 21.52
C VAL B 217 1.54 -16.63 20.43
N GLY B 218 0.34 -16.70 19.91
CA GLY B 218 -0.03 -15.77 18.80
C GLY B 218 -0.66 -14.46 19.25
N LEU B 219 -1.37 -14.52 20.37
CA LEU B 219 -2.18 -13.38 20.83
C LEU B 219 -1.38 -12.18 21.31
N LEU B 220 -0.20 -12.40 21.86
CA LEU B 220 0.59 -11.34 22.42
C LEU B 220 1.02 -10.37 21.33
N SER B 221 1.71 -10.85 20.30
CA SER B 221 2.17 -10.00 19.25
C SER B 221 0.99 -9.37 18.52
N ALA B 222 -0.10 -10.11 18.37
CA ALA B 222 -1.30 -9.57 17.74
C ALA B 222 -1.88 -8.43 18.52
N MET B 223 -1.99 -8.61 19.81
CA MET B 223 -2.49 -7.50 20.62
C MET B 223 -1.54 -6.29 20.57
N ALA B 224 -0.23 -6.54 20.58
CA ALA B 224 0.75 -5.45 20.52
C ALA B 224 0.56 -4.57 19.29
N GLU B 225 0.19 -5.17 18.16
CA GLU B 225 0.02 -4.40 16.90
C GLU B 225 -1.39 -3.93 16.67
N GLY B 226 -2.24 -4.05 17.68
CA GLY B 226 -3.60 -3.54 17.62
C GLY B 226 -4.70 -4.40 17.05
N ILE B 227 -4.44 -5.70 16.89
CA ILE B 227 -5.44 -6.63 16.41
C ILE B 227 -6.40 -6.91 17.58
N ASP B 228 -7.68 -6.98 17.25
CA ASP B 228 -8.73 -7.28 18.23
C ASP B 228 -8.77 -8.79 18.46
N ILE B 229 -8.05 -9.19 19.47
CA ILE B 229 -7.91 -10.59 19.78
C ILE B 229 -9.16 -11.22 20.35
N ASP B 230 -10.08 -10.43 20.91
CA ASP B 230 -11.38 -10.93 21.31
C ASP B 230 -12.15 -11.40 20.11
N GLU B 231 -12.13 -10.59 19.06
CA GLU B 231 -12.83 -10.89 17.86
C GLU B 231 -12.26 -12.14 17.16
N LEU B 232 -10.95 -12.30 17.21
CA LEU B 232 -10.26 -13.52 16.75
C LEU B 232 -10.90 -14.74 17.42
N HIS B 233 -11.01 -14.72 18.74
CA HIS B 233 -11.60 -15.84 19.49
C HIS B 233 -13.08 -16.00 19.22
N GLU B 234 -13.80 -14.92 19.00
CA GLU B 234 -15.18 -15.02 18.71
C GLU B 234 -15.40 -15.79 17.40
N GLY B 235 -14.59 -15.53 16.38
CA GLY B 235 -14.65 -16.28 15.13
C GLY B 235 -14.27 -17.73 15.32
N ALA B 236 -13.22 -17.98 16.07
CA ALA B 236 -12.77 -19.36 16.27
C ALA B 236 -13.86 -20.14 17.00
N LYS B 237 -14.49 -19.49 17.97
CA LYS B 237 -15.54 -20.12 18.77
C LYS B 237 -16.72 -20.51 17.89
N ASP B 238 -17.19 -19.60 17.05
CA ASP B 238 -18.28 -19.95 16.17
C ASP B 238 -17.94 -21.10 15.20
N ALA B 239 -16.69 -21.11 14.71
CA ALA B 239 -16.22 -22.12 13.77
C ALA B 239 -16.10 -23.47 14.45
N PHE B 240 -15.60 -23.49 15.67
CA PHE B 240 -15.49 -24.73 16.41
C PHE B 240 -16.88 -25.29 16.76
N GLU B 241 -17.85 -24.41 16.97
CA GLU B 241 -19.21 -24.85 17.17
C GLU B 241 -19.74 -25.52 15.92
N LYS B 242 -19.56 -24.91 14.75
CA LYS B 242 -20.01 -25.54 13.49
C LYS B 242 -19.28 -26.84 13.20
N SER B 243 -18.09 -26.99 13.76
CA SER B 243 -17.24 -28.14 13.56
C SER B 243 -17.68 -29.32 14.41
N MET B 244 -18.60 -29.06 15.32
CA MET B 244 -19.11 -30.08 16.23
C MET B 244 -20.49 -30.55 15.80
N LYS B 245 -21.00 -30.01 14.69
CA LYS B 245 -22.25 -30.41 14.09
C LYS B 245 -22.15 -31.80 13.43
N GLU B 246 -23.04 -32.72 13.79
CA GLU B 246 -22.99 -34.06 13.23
C GLU B 246 -23.64 -34.12 11.87
N ASN B 247 -24.39 -33.10 11.50
CA ASN B 247 -24.81 -32.92 10.11
C ASN B 247 -23.61 -32.44 9.25
N ILE B 248 -22.99 -33.36 8.49
CA ILE B 248 -21.78 -33.04 7.72
C ILE B 248 -21.98 -31.96 6.63
N LEU B 249 -23.18 -31.79 6.14
CA LEU B 249 -23.51 -30.69 5.22
C LEU B 249 -23.64 -29.30 5.89
N GLU B 250 -23.54 -29.22 7.19
CA GLU B 250 -23.49 -27.93 7.86
C GLU B 250 -22.12 -27.74 8.55
N ASN B 251 -21.20 -28.71 8.36
CA ASN B 251 -19.95 -28.77 9.09
C ASN B 251 -18.72 -28.66 8.16
N PRO B 252 -18.25 -27.42 7.87
CA PRO B 252 -17.13 -27.24 6.96
C PRO B 252 -15.89 -28.06 7.23
N ALA B 253 -15.49 -28.15 8.47
CA ALA B 253 -14.29 -28.90 8.83
C ALA B 253 -14.44 -30.39 8.49
N ALA B 254 -15.63 -30.94 8.75
CA ALA B 254 -15.96 -32.33 8.42
C ALA B 254 -15.91 -32.57 6.92
N MET B 255 -16.49 -31.65 6.16
CA MET B 255 -16.43 -31.68 4.72
C MET B 255 -15.03 -31.57 4.11
N ILE B 256 -14.16 -30.79 4.74
CA ILE B 256 -12.80 -30.64 4.26
C ILE B 256 -12.10 -31.97 4.47
N ALA B 257 -12.31 -32.56 5.63
CA ALA B 257 -11.65 -33.81 5.98
C ALA B 257 -12.20 -34.97 5.12
N LEU B 258 -13.51 -35.04 4.98
CA LEU B 258 -14.18 -36.05 4.17
C LEU B 258 -13.62 -36.05 2.73
N THR B 259 -13.70 -34.88 2.08
CA THR B 259 -13.31 -34.75 0.69
C THR B 259 -11.82 -34.98 0.47
N HIS B 260 -11.00 -34.50 1.39
CA HIS B 260 -9.53 -34.66 1.24
C HIS B 260 -9.08 -36.08 1.54
N TYR B 261 -9.77 -36.72 2.47
CA TYR B 261 -9.49 -38.15 2.77
C TYR B 261 -9.83 -39.03 1.56
N LEU B 262 -11.01 -38.81 0.97
CA LEU B 262 -11.44 -39.54 -0.20
C LEU B 262 -10.42 -39.34 -1.31
N TYR B 263 -10.10 -38.09 -1.61
CA TYR B 263 -9.13 -37.81 -2.67
C TYR B 263 -7.71 -38.32 -2.42
N LEU B 264 -7.25 -38.27 -1.20
CA LEU B 264 -5.96 -38.84 -0.89
C LEU B 264 -5.96 -40.33 -1.29
N ASN B 265 -7.06 -41.02 -1.04
CA ASN B 265 -7.22 -42.45 -1.39
C ASN B 265 -7.36 -42.71 -2.87
N LYS B 266 -7.78 -41.69 -3.63
CA LYS B 266 -7.87 -41.74 -5.09
C LYS B 266 -6.65 -41.14 -5.79
N GLY B 267 -5.49 -41.11 -5.15
CA GLY B 267 -4.28 -40.55 -5.75
C GLY B 267 -4.06 -39.04 -5.84
N LYS B 268 -4.82 -38.24 -5.08
CA LYS B 268 -4.48 -36.82 -4.91
C LYS B 268 -3.51 -36.66 -3.76
N SER B 269 -2.22 -36.73 -4.08
CA SER B 269 -1.16 -36.72 -3.09
C SER B 269 -0.74 -35.30 -2.62
N ILE B 270 -1.35 -34.29 -3.25
CA ILE B 270 -1.00 -32.88 -3.07
C ILE B 270 -2.26 -32.07 -2.78
N SER B 271 -2.23 -31.29 -1.70
CA SER B 271 -3.22 -30.21 -1.50
C SER B 271 -2.59 -28.84 -1.87
N VAL B 272 -3.21 -28.11 -2.77
CA VAL B 272 -2.78 -26.77 -3.12
C VAL B 272 -3.73 -25.80 -2.46
N MET B 273 -3.22 -24.91 -1.61
CA MET B 273 -4.02 -23.78 -1.10
C MET B 273 -3.51 -22.53 -1.79
N MET B 274 -4.40 -21.92 -2.55
CA MET B 274 -4.07 -20.81 -3.39
C MET B 274 -4.85 -19.60 -2.93
N ALA B 275 -4.20 -18.62 -2.27
CA ALA B 275 -4.89 -17.45 -1.69
C ALA B 275 -4.81 -16.29 -2.64
N TYR B 276 -5.94 -15.69 -2.96
CA TYR B 276 -5.99 -14.52 -3.83
C TYR B 276 -5.88 -13.20 -3.02
N SER B 277 -4.76 -13.10 -2.31
CA SER B 277 -4.41 -11.97 -1.45
C SER B 277 -2.98 -12.11 -0.98
N ASN B 278 -2.17 -11.08 -1.19
CA ASN B 278 -0.79 -11.09 -0.65
C ASN B 278 -0.78 -11.08 0.90
N ARG B 279 -1.87 -10.61 1.50
CA ARG B 279 -1.97 -10.56 2.95
C ARG B 279 -2.25 -11.96 3.57
N MET B 280 -2.77 -12.87 2.77
CA MET B 280 -3.14 -14.21 3.24
CA MET B 280 -3.14 -14.20 3.25
C MET B 280 -2.06 -15.24 3.05
N ILE B 281 -0.93 -14.84 2.52
CA ILE B 281 0.08 -15.83 2.19
C ILE B 281 0.61 -16.58 3.39
N TYR B 282 0.67 -15.94 4.54
CA TYR B 282 1.18 -16.63 5.75
C TYR B 282 0.11 -17.48 6.43
N LEU B 283 -1.15 -17.17 6.19
CA LEU B 283 -2.22 -18.13 6.52
C LEU B 283 -1.96 -19.44 5.80
N VAL B 284 -1.48 -19.38 4.55
CA VAL B 284 -1.19 -20.58 3.75
C VAL B 284 0.01 -21.30 4.30
N ASP B 285 1.05 -20.59 4.66
CA ASP B 285 2.19 -21.23 5.32
C ASP B 285 1.85 -21.89 6.64
N TRP B 286 0.98 -21.25 7.41
CA TRP B 286 0.50 -21.82 8.66
C TRP B 286 -0.19 -23.17 8.39
N TYR B 287 -1.08 -23.19 7.41
CA TYR B 287 -1.71 -24.41 6.90
C TYR B 287 -0.72 -25.49 6.45
N ARG B 288 0.31 -25.10 5.71
CA ARG B 288 1.38 -26.01 5.31
C ARG B 288 1.97 -26.78 6.48
N GLN B 289 2.34 -26.09 7.54
CA GLN B 289 2.90 -26.79 8.69
C GLN B 289 1.84 -27.65 9.31
N LEU B 290 0.60 -27.15 9.39
CA LEU B 290 -0.48 -27.87 10.10
C LEU B 290 -0.73 -29.23 9.41
N TRP B 291 -0.99 -29.18 8.12
CA TRP B 291 -1.30 -30.38 7.31
C TRP B 291 -0.13 -31.32 7.21
N ALA B 292 1.06 -30.81 6.91
CA ALA B 292 2.25 -31.64 6.71
C ALA B 292 2.71 -32.34 7.96
N GLU B 293 2.79 -31.59 9.07
CA GLU B 293 3.41 -32.14 10.29
C GLU B 293 2.42 -33.05 11.00
N SER B 294 1.13 -32.78 10.84
CA SER B 294 0.10 -33.55 11.51
C SER B 294 -0.11 -34.91 10.80
N LEU B 295 -0.27 -34.83 9.48
CA LEU B 295 -0.78 -35.93 8.66
C LEU B 295 0.31 -36.76 7.98
N GLY B 296 1.56 -36.33 8.10
CA GLY B 296 2.67 -36.98 7.41
C GLY B 296 3.36 -37.91 8.35
N LYS B 297 2.83 -39.13 8.44
CA LYS B 297 3.23 -40.05 9.53
C LYS B 297 3.69 -41.43 9.02
N ARG B 298 4.77 -41.91 9.56
CA ARG B 298 5.27 -43.22 9.15
C ARG B 298 4.35 -44.33 9.62
N TYR B 299 4.05 -44.30 10.92
CA TYR B 299 3.24 -45.32 11.60
C TYR B 299 1.85 -44.85 11.89
N ASN B 300 0.91 -45.78 11.85
CA ASN B 300 -0.45 -45.47 12.30
C ASN B 300 -0.56 -45.74 13.80
N LEU B 301 -1.75 -45.56 14.36
CA LEU B 301 -1.94 -45.74 15.81
C LEU B 301 -1.71 -47.19 16.29
N LYS B 302 -1.86 -48.17 15.38
CA LYS B 302 -1.56 -49.58 15.66
C LYS B 302 -0.06 -49.89 15.63
N GLY B 303 0.76 -48.98 15.12
CA GLY B 303 2.20 -49.21 14.98
C GLY B 303 2.56 -49.81 13.62
N GLU B 304 1.58 -49.83 12.72
CA GLU B 304 1.78 -50.35 11.38
C GLU B 304 2.37 -49.25 10.48
N GLU B 305 3.37 -49.59 9.66
CA GLU B 305 3.92 -48.64 8.70
C GLU B 305 2.93 -48.26 7.61
N VAL B 306 2.57 -46.97 7.56
CA VAL B 306 1.63 -46.47 6.58
C VAL B 306 2.26 -45.40 5.66
N PHE B 307 3.34 -44.73 6.10
CA PHE B 307 3.92 -43.57 5.37
C PHE B 307 2.85 -42.66 4.75
N THR B 308 1.95 -42.18 5.58
CA THR B 308 0.80 -41.47 5.09
C THR B 308 1.13 -39.98 4.95
N GLY B 309 0.29 -39.22 4.25
CA GLY B 309 0.49 -37.78 4.09
C GLY B 309 -0.02 -37.23 2.77
N GLN B 310 -0.35 -35.93 2.77
CA GLN B 310 -0.77 -35.19 1.57
C GLN B 310 0.04 -33.90 1.58
N THR B 311 0.92 -33.73 0.60
CA THR B 311 1.91 -32.63 0.59
C THR B 311 1.16 -31.33 0.34
N PRO B 312 1.26 -30.36 1.29
CA PRO B 312 0.58 -29.08 1.09
C PRO B 312 1.46 -28.10 0.28
N VAL B 313 0.85 -27.42 -0.69
CA VAL B 313 1.58 -26.58 -1.60
C VAL B 313 0.98 -25.20 -1.50
N LYS B 314 1.83 -24.18 -1.42
CA LYS B 314 1.40 -22.79 -1.25
C LYS B 314 1.37 -22.12 -2.60
N ALA B 315 0.27 -21.47 -2.91
CA ALA B 315 0.16 -20.72 -4.15
C ALA B 315 -0.50 -19.38 -3.85
N LEU B 316 -0.19 -18.38 -4.68
CA LEU B 316 -0.73 -17.04 -4.51
C LEU B 316 -1.39 -16.66 -5.82
N GLY B 317 -2.62 -16.19 -5.77
CA GLY B 317 -3.29 -15.72 -6.97
C GLY B 317 -3.28 -14.21 -6.94
N ALA B 318 -3.27 -13.53 -8.09
CA ALA B 318 -3.19 -14.13 -9.43
C ALA B 318 -1.75 -14.51 -9.84
N THR B 319 -0.76 -14.09 -9.07
CA THR B 319 0.67 -14.27 -9.36
C THR B 319 1.03 -15.66 -9.91
N ASP B 320 0.55 -16.70 -9.23
CA ASP B 320 0.96 -18.07 -9.57
C ASP B 320 0.18 -18.64 -10.75
N GLN B 321 -0.74 -17.87 -11.32
CA GLN B 321 -1.31 -18.19 -12.62
C GLN B 321 -0.22 -18.15 -13.69
N HIS B 322 0.80 -17.36 -13.42
CA HIS B 322 1.96 -17.21 -14.32
C HIS B 322 3.16 -18.04 -13.92
N SER B 323 2.93 -19.02 -13.06
CA SER B 323 4.00 -19.87 -12.59
C SER B 323 3.55 -21.33 -12.56
N GLN B 324 2.41 -21.60 -11.92
CA GLN B 324 1.96 -22.97 -11.61
C GLN B 324 0.72 -23.43 -12.35
N ILE B 325 -0.06 -22.52 -12.90
CA ILE B 325 -1.34 -22.85 -13.52
C ILE B 325 -1.26 -23.73 -14.78
N GLN B 326 -0.16 -23.63 -15.52
CA GLN B 326 0.13 -24.55 -16.61
C GLN B 326 0.17 -26.00 -16.06
N LEU B 327 0.96 -26.21 -15.03
CA LEU B 327 1.13 -27.53 -14.41
C LEU B 327 -0.15 -28.02 -13.74
N TYR B 328 -0.88 -27.13 -13.09
CA TYR B 328 -2.11 -27.51 -12.41
C TYR B 328 -3.17 -27.97 -13.36
N ASN B 329 -3.18 -27.41 -14.57
CA ASN B 329 -4.17 -27.74 -15.59
C ASN B 329 -3.76 -28.86 -16.55
N GLU B 330 -2.44 -29.05 -16.76
CA GLU B 330 -1.96 -29.96 -17.81
C GLU B 330 -0.99 -31.01 -17.35
N GLY B 331 -0.61 -31.03 -16.09
CA GLY B 331 0.33 -32.03 -15.56
C GLY B 331 -0.42 -33.18 -14.87
N PRO B 332 0.27 -33.98 -14.07
CA PRO B 332 -0.44 -35.04 -13.38
C PRO B 332 -1.67 -34.55 -12.61
N ASN B 333 -2.74 -35.34 -12.62
CA ASN B 333 -3.92 -35.00 -11.87
C ASN B 333 -3.78 -35.53 -10.43
N ASP B 334 -2.85 -34.97 -9.66
CA ASP B 334 -2.55 -35.40 -8.29
C ASP B 334 -2.85 -34.33 -7.22
N LYS B 335 -3.62 -33.31 -7.58
CA LYS B 335 -3.84 -32.19 -6.69
C LYS B 335 -5.31 -31.97 -6.38
N VAL B 336 -5.62 -31.66 -5.11
CA VAL B 336 -6.88 -30.98 -4.79
C VAL B 336 -6.52 -29.53 -4.46
N ILE B 337 -7.21 -28.59 -5.09
CA ILE B 337 -6.89 -27.17 -5.00
C ILE B 337 -7.97 -26.42 -4.24
N THR B 338 -7.59 -25.80 -3.13
CA THR B 338 -8.50 -24.93 -2.38
C THR B 338 -8.14 -23.47 -2.67
N PHE B 339 -9.10 -22.69 -3.15
CA PHE B 339 -8.90 -21.28 -3.27
C PHE B 339 -9.34 -20.57 -1.99
N LEU B 340 -8.57 -19.56 -1.58
CA LEU B 340 -9.03 -18.57 -0.59
C LEU B 340 -9.34 -17.30 -1.35
N ARG B 341 -10.56 -16.81 -1.22
CA ARG B 341 -11.02 -15.66 -1.97
C ARG B 341 -11.47 -14.59 -1.00
N VAL B 342 -10.93 -13.36 -1.08
CA VAL B 342 -11.43 -12.29 -0.23
CA VAL B 342 -11.38 -12.26 -0.23
C VAL B 342 -12.13 -11.28 -1.14
N GLU B 343 -13.32 -10.91 -0.75
CA GLU B 343 -14.18 -10.14 -1.65
C GLU B 343 -14.18 -8.64 -1.46
N ASN B 344 -13.67 -8.17 -0.33
CA ASN B 344 -13.57 -6.73 -0.06
C ASN B 344 -12.20 -6.39 0.47
N PHE B 345 -11.58 -5.33 -0.06
CA PHE B 345 -10.21 -4.92 0.33
C PHE B 345 -10.20 -3.62 1.08
N ASP B 346 -9.24 -3.44 1.98
CA ASP B 346 -9.16 -2.21 2.80
C ASP B 346 -8.83 -0.98 1.96
N ARG B 347 -8.06 -1.19 0.90
CA ARG B 347 -7.71 -0.12 -0.03
C ARG B 347 -8.22 -0.52 -1.43
N GLU B 348 -9.38 -0.02 -1.82
CA GLU B 348 -9.95 -0.39 -3.08
C GLU B 348 -9.52 0.57 -4.18
N ILE B 349 -8.41 0.24 -4.82
CA ILE B 349 -7.89 0.99 -5.96
C ILE B 349 -8.86 0.88 -7.14
N VAL B 350 -9.20 2.02 -7.76
CA VAL B 350 -9.93 2.04 -8.99
C VAL B 350 -8.93 2.18 -10.13
N ILE B 351 -9.04 1.35 -11.17
CA ILE B 351 -8.18 1.44 -12.37
C ILE B 351 -8.61 2.66 -13.15
N PRO B 352 -7.70 3.63 -13.39
CA PRO B 352 -8.13 4.81 -14.19
C PRO B 352 -8.44 4.50 -15.65
N GLU B 353 -9.25 5.39 -16.27
CA GLU B 353 -9.41 5.43 -17.70
C GLU B 353 -8.16 6.05 -18.35
N THR B 354 -7.51 5.31 -19.24
CA THR B 354 -6.29 5.78 -19.90
C THR B 354 -6.56 6.48 -21.21
N GLY B 355 -7.78 6.38 -21.72
CA GLY B 355 -8.12 6.88 -23.04
C GLY B 355 -7.78 5.92 -24.18
N ARG B 356 -7.26 4.74 -23.87
CA ARG B 356 -6.88 3.77 -24.86
C ARG B 356 -7.96 2.69 -25.00
N ALA B 357 -8.41 2.48 -26.25
CA ALA B 357 -9.49 1.55 -26.56
C ALA B 357 -9.11 0.13 -26.13
N GLU B 358 -7.85 -0.22 -26.28
CA GLU B 358 -7.39 -1.54 -25.85
C GLU B 358 -7.65 -1.86 -24.38
N LEU B 359 -7.79 -0.82 -23.54
CA LEU B 359 -7.86 -1.05 -22.09
C LEU B 359 -9.25 -0.72 -21.53
N SER B 360 -10.23 -0.55 -22.43
CA SER B 360 -11.59 -0.23 -22.04
C SER B 360 -12.23 -1.29 -21.14
N TYR B 361 -11.80 -2.55 -21.24
CA TYR B 361 -12.29 -3.54 -20.33
C TYR B 361 -11.80 -3.44 -18.87
N LEU B 362 -10.79 -2.60 -18.64
CA LEU B 362 -10.25 -2.31 -17.30
C LEU B 362 -10.72 -0.95 -16.77
N ALA B 363 -11.00 -0.01 -17.66
CA ALA B 363 -11.19 1.35 -17.26
C ALA B 363 -12.25 1.47 -16.17
N ARG B 364 -11.89 2.15 -15.09
CA ARG B 364 -12.76 2.47 -13.96
C ARG B 364 -13.38 1.31 -13.22
N LYS B 365 -12.81 0.13 -13.36
CA LYS B 365 -13.14 -0.97 -12.50
C LYS B 365 -12.20 -1.00 -11.32
N LYS B 366 -12.66 -1.51 -10.21
CA LYS B 366 -11.79 -1.74 -9.11
C LYS B 366 -10.69 -2.71 -9.52
N LEU B 367 -9.46 -2.48 -9.10
CA LEU B 367 -8.39 -3.46 -9.37
C LEU B 367 -8.81 -4.84 -8.82
N SER B 368 -9.49 -4.88 -7.67
CA SER B 368 -9.95 -6.16 -7.11
C SER B 368 -11.00 -6.87 -8.01
N GLU B 369 -11.78 -6.15 -8.82
CA GLU B 369 -12.66 -6.80 -9.79
CA GLU B 369 -12.65 -6.83 -9.77
C GLU B 369 -11.86 -7.69 -10.74
N LEU B 370 -10.70 -7.22 -11.17
CA LEU B 370 -9.83 -8.01 -12.00
C LEU B 370 -9.30 -9.18 -11.21
N LEU B 371 -8.80 -8.96 -10.01
CA LEU B 371 -8.27 -10.09 -9.20
C LEU B 371 -9.32 -11.21 -9.04
N LEU B 372 -10.55 -10.79 -8.70
CA LEU B 372 -11.66 -11.71 -8.48
C LEU B 372 -12.09 -12.43 -9.77
N ALA B 373 -12.15 -11.70 -10.88
CA ALA B 373 -12.37 -12.32 -12.21
C ALA B 373 -11.28 -13.34 -12.56
N GLU B 374 -10.06 -13.10 -12.11
CA GLU B 374 -8.98 -14.03 -12.35
C GLU B 374 -9.10 -15.30 -11.53
N GLN B 375 -9.58 -15.16 -10.30
CA GLN B 375 -9.81 -16.33 -9.44
C GLN B 375 -10.93 -17.18 -10.07
N THR B 376 -12.00 -16.55 -10.49
CA THR B 376 -13.15 -17.22 -11.07
C THR B 376 -12.76 -17.97 -12.36
N GLY B 377 -12.00 -17.30 -13.21
CA GLY B 377 -11.59 -17.89 -14.47
C GLY B 377 -10.63 -19.03 -14.25
N THR B 378 -9.74 -18.86 -13.29
CA THR B 378 -8.76 -19.89 -13.00
C THR B 378 -9.44 -21.17 -12.48
N GLU B 379 -10.45 -20.93 -11.65
CA GLU B 379 -11.24 -22.00 -11.02
C GLU B 379 -12.03 -22.78 -12.08
N GLU B 380 -12.73 -22.04 -12.94
CA GLU B 380 -13.47 -22.62 -14.06
C GLU B 380 -12.61 -23.38 -15.05
N ALA B 381 -11.42 -22.87 -15.38
CA ALA B 381 -10.54 -23.57 -16.30
C ALA B 381 -10.06 -24.87 -15.67
N LEU B 382 -9.81 -24.84 -14.38
CA LEU B 382 -9.38 -26.06 -13.68
C LEU B 382 -10.53 -27.10 -13.63
N ARG B 383 -11.76 -26.62 -13.46
CA ARG B 383 -12.92 -27.48 -13.48
C ARG B 383 -13.06 -28.15 -14.85
N GLU B 384 -13.09 -27.31 -15.88
CA GLU B 384 -13.11 -27.76 -17.27
C GLU B 384 -12.07 -28.82 -17.56
N ASN B 385 -10.90 -28.69 -16.93
CA ASN B 385 -9.82 -29.66 -17.09
C ASN B 385 -9.89 -30.78 -16.07
N ASN B 386 -11.01 -30.88 -15.36
CA ASN B 386 -11.27 -31.93 -14.34
C ASN B 386 -10.28 -32.02 -13.21
N ARG B 387 -9.86 -30.85 -12.75
CA ARG B 387 -8.99 -30.74 -11.61
C ARG B 387 -9.89 -30.35 -10.42
N PRO B 388 -9.96 -31.22 -9.39
CA PRO B 388 -10.90 -30.94 -8.30
C PRO B 388 -10.46 -29.70 -7.49
N ASN B 389 -11.43 -28.83 -7.22
CA ASN B 389 -11.20 -27.62 -6.47
C ASN B 389 -12.39 -27.18 -5.61
N MET B 390 -12.08 -26.51 -4.52
CA MET B 390 -13.08 -25.86 -3.68
C MET B 390 -12.68 -24.40 -3.38
N ARG B 391 -13.56 -23.68 -2.74
CA ARG B 391 -13.33 -22.29 -2.45
C ARG B 391 -13.81 -21.87 -1.06
N VAL B 392 -12.94 -21.20 -0.33
CA VAL B 392 -13.29 -20.53 0.92
C VAL B 392 -13.33 -19.00 0.65
N THR B 393 -14.50 -18.39 0.82
CA THR B 393 -14.70 -16.97 0.59
C THR B 393 -14.82 -16.17 1.92
N PHE B 394 -13.97 -15.14 2.03
CA PHE B 394 -13.94 -14.22 3.17
C PHE B 394 -14.63 -12.98 2.69
N ASP B 395 -15.48 -12.37 3.48
CA ASP B 395 -16.02 -11.06 3.04
C ASP B 395 -15.04 -9.88 3.24
N GLY B 396 -13.98 -10.12 4.00
CA GLY B 396 -12.92 -9.17 4.25
C GLY B 396 -11.89 -9.80 5.15
N LEU B 397 -10.73 -9.16 5.28
CA LEU B 397 -9.69 -9.58 6.20
C LEU B 397 -9.93 -8.92 7.55
N THR B 398 -10.65 -9.66 8.40
CA THR B 398 -11.02 -9.24 9.71
C THR B 398 -10.65 -10.34 10.68
N PRO B 399 -10.40 -10.00 11.97
CA PRO B 399 -10.01 -11.01 12.96
C PRO B 399 -11.09 -12.10 13.12
N TYR B 400 -12.37 -11.74 12.97
CA TYR B 400 -13.45 -12.71 13.03
C TYR B 400 -13.29 -13.77 11.94
N ASN B 401 -13.05 -13.33 10.70
CA ASN B 401 -12.82 -14.24 9.57
C ASN B 401 -11.55 -15.06 9.71
N VAL B 402 -10.48 -14.42 10.15
CA VAL B 402 -9.21 -15.16 10.34
C VAL B 402 -9.32 -16.14 11.49
N GLY B 403 -10.03 -15.82 12.56
CA GLY B 403 -10.18 -16.81 13.64
C GLY B 403 -10.97 -18.02 13.19
N GLN B 404 -12.03 -17.77 12.41
CA GLN B 404 -12.81 -18.86 11.79
C GLN B 404 -11.90 -19.77 11.00
N PHE B 405 -11.07 -19.17 10.14
CA PHE B 405 -10.08 -19.95 9.33
C PHE B 405 -9.20 -20.88 10.17
N PHE B 406 -8.55 -20.33 11.19
CA PHE B 406 -7.66 -21.19 11.97
C PHE B 406 -8.41 -22.36 12.61
N ALA B 407 -9.59 -22.07 13.15
CA ALA B 407 -10.43 -23.03 13.86
C ALA B 407 -10.86 -24.15 12.93
N TYR B 408 -11.51 -23.81 11.82
CA TYR B 408 -11.95 -24.79 10.84
C TYR B 408 -10.84 -25.70 10.35
N TYR B 409 -9.64 -25.15 10.14
CA TYR B 409 -8.51 -25.98 9.66
C TYR B 409 -7.87 -26.80 10.74
N GLU B 410 -7.84 -26.30 11.97
CA GLU B 410 -7.36 -27.10 13.10
C GLU B 410 -8.29 -28.29 13.38
N ALA B 411 -9.60 -28.05 13.30
CA ALA B 411 -10.60 -29.13 13.41
C ALA B 411 -10.44 -30.15 12.25
N ALA B 412 -10.46 -29.65 11.01
CA ALA B 412 -10.28 -30.49 9.82
C ALA B 412 -9.09 -31.37 9.90
N THR B 413 -7.99 -30.88 10.43
CA THR B 413 -6.77 -31.67 10.54
C THR B 413 -6.92 -32.75 11.60
N ALA B 414 -7.60 -32.42 12.69
CA ALA B 414 -7.92 -33.40 13.74
C ALA B 414 -8.77 -34.54 13.14
N PHE B 415 -9.76 -34.17 12.34
CA PHE B 415 -10.65 -35.10 11.68
C PHE B 415 -9.91 -35.99 10.66
N MET B 416 -9.01 -35.41 9.88
CA MET B 416 -8.17 -36.20 8.99
C MET B 416 -7.34 -37.21 9.70
N GLY B 417 -6.78 -36.87 10.84
CA GLY B 417 -5.95 -37.82 11.58
C GLY B 417 -6.77 -39.01 12.08
N TYR B 418 -8.04 -38.74 12.36
CA TYR B 418 -8.99 -39.75 12.82
C TYR B 418 -9.27 -40.69 11.66
N LEU B 419 -9.68 -40.12 10.54
CA LEU B 419 -9.92 -40.87 9.33
C LEU B 419 -8.73 -41.70 8.92
N LEU B 420 -7.54 -41.14 8.99
CA LEU B 420 -6.34 -41.86 8.62
C LEU B 420 -5.84 -42.77 9.73
N GLU B 421 -6.49 -42.74 10.88
CA GLU B 421 -6.11 -43.60 12.02
C GLU B 421 -4.67 -43.42 12.44
N ILE B 422 -4.24 -42.16 12.42
CA ILE B 422 -2.89 -41.80 12.87
C ILE B 422 -3.01 -40.85 14.05
N ASN B 423 -1.89 -40.59 14.71
CA ASN B 423 -1.80 -39.52 15.71
C ASN B 423 -1.48 -38.18 15.01
N PRO B 424 -2.49 -37.30 14.89
CA PRO B 424 -2.23 -35.99 14.27
C PRO B 424 -1.50 -34.96 15.14
N PHE B 425 -1.09 -35.33 16.36
CA PHE B 425 -0.64 -34.36 17.34
C PHE B 425 0.80 -34.54 17.77
N ASP B 426 1.51 -35.47 17.14
CA ASP B 426 2.94 -35.67 17.39
C ASP B 426 3.80 -35.39 16.13
N GLN B 427 5.11 -35.52 16.28
CA GLN B 427 6.03 -35.24 15.17
C GLN B 427 7.36 -35.95 15.35
N PRO B 428 7.33 -37.30 15.35
CA PRO B 428 8.55 -38.06 15.66
C PRO B 428 9.66 -37.98 14.60
N GLY B 429 9.30 -37.63 13.37
CA GLY B 429 10.24 -37.53 12.22
C GLY B 429 11.24 -36.38 12.25
N VAL B 430 11.08 -35.44 13.18
CA VAL B 430 11.99 -34.31 13.31
C VAL B 430 13.17 -34.59 14.24
N GLU B 431 13.06 -35.64 15.07
CA GLU B 431 14.06 -35.84 16.11
C GLU B 431 15.45 -36.27 15.61
N LEU B 432 15.50 -37.05 14.54
CA LEU B 432 16.78 -37.54 14.02
C LEU B 432 17.70 -36.42 13.56
N GLY B 433 17.15 -35.51 12.74
CA GLY B 433 17.91 -34.33 12.26
C GLY B 433 18.48 -33.47 13.38
N LYS B 434 17.70 -33.24 14.43
CA LYS B 434 18.15 -32.52 15.65
C LYS B 434 19.32 -33.21 16.33
N LYS B 435 19.25 -34.53 16.46
CA LYS B 435 20.33 -35.30 17.09
C LYS B 435 21.63 -35.13 16.33
N ILE B 436 21.52 -35.21 15.01
CA ILE B 436 22.71 -35.13 14.18
C ILE B 436 23.29 -33.70 14.30
N THR B 437 22.41 -32.71 14.17
CA THR B 437 22.84 -31.32 14.31
C THR B 437 23.51 -31.01 15.63
N PHE B 438 22.88 -31.42 16.73
CA PHE B 438 23.48 -31.22 18.07
C PHE B 438 24.85 -31.87 18.23
N ALA B 439 25.03 -33.04 17.61
CA ALA B 439 26.31 -33.72 17.59
C ALA B 439 27.31 -32.90 16.76
N LEU B 440 26.90 -32.45 15.58
CA LEU B 440 27.75 -31.54 14.78
C LEU B 440 28.11 -30.24 15.55
N MET B 441 27.21 -29.80 16.42
CA MET B 441 27.45 -28.60 17.23
C MET B 441 28.20 -28.90 18.53
N GLY B 442 28.63 -30.15 18.72
CA GLY B 442 29.45 -30.49 19.88
C GLY B 442 28.68 -30.43 21.17
N ARG B 443 27.37 -30.65 21.11
CA ARG B 443 26.56 -30.58 22.32
C ARG B 443 26.72 -31.85 23.18
N GLU B 444 27.02 -31.64 24.46
CA GLU B 444 27.32 -32.72 25.40
C GLU B 444 26.26 -33.82 25.38
N GLY B 445 26.71 -35.07 25.15
CA GLY B 445 25.81 -36.23 25.09
C GLY B 445 25.20 -36.54 23.73
N TYR B 446 25.63 -35.82 22.69
CA TYR B 446 25.20 -36.09 21.33
C TYR B 446 26.38 -36.56 20.52
N THR B 447 26.31 -37.82 20.09
CA THR B 447 27.47 -38.56 19.64
C THR B 447 27.36 -39.09 18.20
N TYR B 448 26.21 -38.92 17.55
CA TYR B 448 26.06 -39.31 16.15
C TYR B 448 27.28 -38.92 15.32
N GLU B 449 27.81 -39.89 14.56
CA GLU B 449 28.91 -39.65 13.62
C GLU B 449 28.42 -39.98 12.19
N ILE B 450 28.48 -38.99 11.30
CA ILE B 450 28.13 -39.14 9.88
C ILE B 450 29.29 -39.91 9.21
N LYS B 451 29.02 -41.08 8.63
CA LYS B 451 30.10 -41.92 8.07
C LYS B 451 30.58 -41.36 6.72
N GLU B 452 31.85 -41.61 6.37
CA GLU B 452 32.33 -41.33 5.00
C GLU B 452 31.58 -42.22 3.99
N ARG B 453 31.21 -41.63 2.86
CA ARG B 453 30.38 -42.31 1.86
C ARG B 453 31.27 -43.16 0.94
N SER B 454 30.71 -44.28 0.47
CA SER B 454 31.32 -45.06 -0.59
C SER B 454 31.20 -44.25 -1.88
N LYS B 455 29.98 -44.15 -2.41
CA LYS B 455 29.74 -43.39 -3.62
C LYS B 455 29.73 -41.87 -3.27
N LYS B 456 30.66 -41.11 -3.87
CA LYS B 456 30.64 -39.65 -3.90
C LYS B 456 30.44 -39.24 -5.33
N VAL B 457 29.34 -38.56 -5.65
CA VAL B 457 29.11 -38.01 -7.00
C VAL B 457 29.10 -36.48 -6.94
N ILE B 458 30.27 -35.86 -7.10
CA ILE B 458 30.43 -34.40 -6.98
C ILE B 458 30.92 -33.70 -8.27
N ILE B 459 30.42 -32.49 -8.54
CA ILE B 459 31.00 -31.60 -9.56
C ILE B 459 31.38 -30.26 -8.89
N GLU B 460 32.66 -29.89 -8.96
CA GLU B 460 33.22 -28.71 -8.26
C GLU B 460 33.86 -27.69 -9.21
N HIS C 11 -12.56 42.36 26.67
CA HIS C 11 -11.58 43.03 25.74
C HIS C 11 -11.84 42.68 24.26
N HIS C 12 -13.09 42.93 23.83
CA HIS C 12 -13.43 43.01 22.41
C HIS C 12 -13.80 44.45 22.14
N MET C 13 -13.21 45.04 21.11
CA MET C 13 -13.42 46.44 20.78
C MET C 13 -13.97 46.62 19.41
N SER C 14 -14.84 47.60 19.25
CA SER C 14 -15.31 47.94 17.93
C SER C 14 -14.18 48.48 17.07
N LEU C 15 -14.23 48.16 15.78
CA LEU C 15 -13.41 48.85 14.79
C LEU C 15 -13.71 50.33 14.97
N LYS C 16 -12.68 51.17 14.82
CA LYS C 16 -12.85 52.62 14.81
C LYS C 16 -12.79 53.09 13.37
N PHE C 17 -13.71 54.00 13.02
CA PHE C 17 -13.75 54.60 11.67
C PHE C 17 -13.43 56.09 11.76
N ASP C 18 -12.56 56.57 10.89
CA ASP C 18 -12.27 57.99 10.84
C ASP C 18 -12.51 58.48 9.44
N PHE C 19 -13.64 59.14 9.24
CA PHE C 19 -13.99 59.61 7.91
C PHE C 19 -13.57 61.03 7.67
N SER C 20 -12.81 61.59 8.60
CA SER C 20 -12.51 63.02 8.59
C SER C 20 -11.89 63.52 7.30
N ASN C 21 -10.93 62.80 6.73
CA ASN C 21 -10.28 63.27 5.47
C ASN C 21 -11.10 63.05 4.20
N LEU C 22 -12.38 62.75 4.37
CA LEU C 22 -13.33 62.70 3.25
C LEU C 22 -14.11 64.02 3.09
N PHE C 23 -13.98 64.88 4.12
CA PHE C 23 -14.77 66.09 4.27
C PHE C 23 -13.97 67.39 4.14
N GLU C 24 -14.68 68.42 3.65
CA GLU C 24 -14.26 69.82 3.74
C GLU C 24 -14.36 70.24 5.20
N PRO C 25 -13.41 71.04 5.69
CA PRO C 25 -12.23 71.64 5.07
C PRO C 25 -10.98 70.76 5.08
N ASN C 26 -11.07 69.52 5.57
CA ASN C 26 -9.86 68.68 5.69
C ASN C 26 -9.24 68.45 4.32
N ILE C 27 -10.08 68.20 3.32
CA ILE C 27 -9.62 68.33 1.95
C ILE C 27 -10.40 69.50 1.26
N SER C 28 -9.68 70.31 0.49
CA SER C 28 -10.29 71.26 -0.42
C SER C 28 -10.85 70.43 -1.56
N GLY C 29 -12.14 70.57 -1.82
CA GLY C 29 -12.85 69.71 -2.75
C GLY C 29 -13.69 68.70 -1.98
N GLY C 30 -13.54 68.68 -0.65
CA GLY C 30 -14.18 67.66 0.20
C GLY C 30 -15.71 67.65 0.17
N LEU C 31 -16.31 66.63 0.77
CA LEU C 31 -17.75 66.58 0.98
C LEU C 31 -18.17 67.65 2.02
N THR C 32 -19.40 68.12 1.86
CA THR C 32 -19.92 69.22 2.66
C THR C 32 -21.16 68.76 3.40
N ASP C 33 -21.63 69.59 4.35
CA ASP C 33 -22.89 69.31 5.06
C ASP C 33 -24.07 69.30 4.08
N GLU C 34 -23.97 70.13 3.03
CA GLU C 34 -24.97 70.13 1.94
C GLU C 34 -25.03 68.76 1.23
N ASP C 35 -23.83 68.26 0.90
CA ASP C 35 -23.68 66.94 0.33
C ASP C 35 -24.36 65.89 1.20
N VAL C 36 -24.07 65.88 2.50
CA VAL C 36 -24.64 64.84 3.36
C VAL C 36 -26.17 64.94 3.32
N LYS C 37 -26.68 66.18 3.55
CA LYS C 37 -28.13 66.46 3.49
C LYS C 37 -28.76 65.99 2.14
N SER C 38 -28.04 66.15 1.05
CA SER C 38 -28.55 65.70 -0.25
C SER C 38 -28.91 64.20 -0.34
N VAL C 39 -28.34 63.35 0.54
CA VAL C 39 -28.52 61.90 0.43
C VAL C 39 -29.00 61.20 1.74
N GLU C 40 -28.87 61.90 2.88
CA GLU C 40 -29.31 61.41 4.22
C GLU C 40 -30.61 60.60 4.25
N GLU C 41 -31.63 61.05 3.51
CA GLU C 41 -32.94 60.40 3.54
C GLU C 41 -32.87 59.07 2.81
N LYS C 42 -32.17 59.07 1.68
CA LYS C 42 -32.07 57.86 0.85
C LYS C 42 -31.21 56.80 1.58
N VAL C 43 -30.24 57.30 2.34
CA VAL C 43 -29.40 56.43 3.16
C VAL C 43 -30.20 55.85 4.32
N THR C 44 -30.93 56.70 5.05
CA THR C 44 -31.80 56.18 6.14
C THR C 44 -32.78 55.14 5.62
N SER C 45 -33.22 55.30 4.38
CA SER C 45 -34.18 54.38 3.82
C SER C 45 -33.56 53.04 3.48
N ALA C 46 -32.31 53.09 3.00
CA ALA C 46 -31.48 51.89 2.77
C ALA C 46 -31.34 51.14 4.11
N VAL C 47 -31.01 51.84 5.19
CA VAL C 47 -30.93 51.19 6.51
C VAL C 47 -32.25 50.59 6.93
N ARG C 48 -33.33 51.31 6.65
CA ARG C 48 -34.66 50.86 7.06
C ARG C 48 -35.05 49.63 6.29
N ASN C 49 -34.71 49.64 5.01
CA ASN C 49 -35.00 48.52 4.15
C ASN C 49 -34.24 47.24 4.56
N PHE C 50 -32.98 47.43 4.99
CA PHE C 50 -32.13 46.37 5.54
C PHE C 50 -32.74 45.85 6.81
N VAL C 51 -33.22 46.75 7.66
CA VAL C 51 -33.89 46.32 8.90
C VAL C 51 -35.20 45.58 8.64
N GLU C 52 -35.93 46.01 7.61
CA GLU C 52 -37.29 45.52 7.36
C GLU C 52 -37.32 44.34 6.43
N ASN C 53 -36.40 44.32 5.46
CA ASN C 53 -36.26 43.20 4.51
C ASN C 53 -34.82 42.69 4.56
N THR C 54 -34.40 42.24 5.72
CA THR C 54 -33.00 41.85 5.97
C THR C 54 -32.52 40.72 5.04
N PRO C 55 -31.39 40.92 4.33
CA PRO C 55 -30.93 39.86 3.47
C PRO C 55 -30.48 38.69 4.33
N ASP C 56 -30.56 37.49 3.80
CA ASP C 56 -30.21 36.29 4.59
C ASP C 56 -28.79 36.31 5.20
N PHE C 57 -27.84 36.91 4.49
CA PHE C 57 -26.45 36.98 4.95
C PHE C 57 -26.28 37.62 6.31
N ALA C 58 -27.13 38.64 6.60
CA ALA C 58 -27.04 39.36 7.85
C ALA C 58 -27.67 38.63 9.01
N LYS C 59 -28.36 37.52 8.78
CA LYS C 59 -29.06 36.84 9.88
C LYS C 59 -28.14 35.96 10.75
N LEU C 60 -27.01 35.53 10.22
CA LEU C 60 -26.01 34.74 10.99
C LEU C 60 -26.63 33.54 11.70
N ASP C 61 -27.33 32.73 10.92
CA ASP C 61 -28.07 31.61 11.45
C ASP C 61 -27.16 30.77 12.31
N ARG C 62 -27.64 30.32 13.47
CA ARG C 62 -26.88 29.45 14.39
C ARG C 62 -26.47 28.12 13.74
N SER C 63 -27.25 27.67 12.77
CA SER C 63 -26.95 26.42 12.09
C SER C 63 -25.66 26.54 11.27
N TRP C 64 -25.26 27.75 10.95
CA TRP C 64 -24.05 27.89 10.16
C TRP C 64 -22.85 27.44 10.98
N ILE C 65 -22.79 27.89 12.22
CA ILE C 65 -21.76 27.43 13.18
C ILE C 65 -22.01 26.01 13.65
N ASP C 66 -23.26 25.67 13.96
CA ASP C 66 -23.53 24.36 14.52
C ASP C 66 -23.25 23.20 13.59
N SER C 67 -23.56 23.36 12.31
CA SER C 67 -23.33 22.31 11.32
C SER C 67 -21.85 22.09 11.09
N VAL C 68 -21.08 23.16 11.20
CA VAL C 68 -19.62 23.04 11.11
C VAL C 68 -19.03 22.41 12.38
N LYS C 69 -19.44 22.88 13.57
CA LYS C 69 -18.95 22.26 14.81
C LYS C 69 -19.30 20.81 14.93
N SER C 70 -20.37 20.38 14.28
CA SER C 70 -20.76 19.00 14.33
C SER C 70 -19.75 18.11 13.69
N LEU C 71 -18.88 18.68 12.85
CA LEU C 71 -17.88 17.90 12.15
C LEU C 71 -16.55 17.94 12.81
N GLU C 72 -16.43 18.60 13.96
CA GLU C 72 -15.13 18.88 14.55
C GLU C 72 -14.37 17.62 14.94
N ASP C 73 -15.08 16.63 15.46
CA ASP C 73 -14.43 15.38 15.86
C ASP C 73 -13.86 14.64 14.67
N TRP C 74 -14.57 14.71 13.54
CA TRP C 74 -14.14 14.09 12.30
C TRP C 74 -12.94 14.83 11.67
N ILE C 75 -12.97 16.16 11.71
CA ILE C 75 -11.95 17.00 11.06
C ILE C 75 -10.57 16.78 11.71
N ILE C 76 -10.52 16.45 13.01
CA ILE C 76 -9.23 16.28 13.69
C ILE C 76 -8.54 14.98 13.28
N ASN C 77 -9.18 14.16 12.46
CA ASN C 77 -8.49 13.12 11.68
C ASN C 77 -7.50 13.63 10.63
N PHE C 78 -7.66 14.87 10.17
CA PHE C 78 -6.91 15.41 9.03
C PHE C 78 -5.83 16.37 9.48
N ASP C 79 -4.68 16.39 8.80
CA ASP C 79 -3.68 17.36 9.09
C ASP C 79 -3.71 18.53 8.12
N THR C 80 -4.46 18.36 7.06
CA THR C 80 -4.62 19.37 6.01
C THR C 80 -6.03 19.36 5.49
N VAL C 81 -6.54 20.58 5.23
CA VAL C 81 -7.77 20.73 4.51
C VAL C 81 -7.42 21.51 3.27
N VAL C 82 -7.81 21.03 2.10
CA VAL C 82 -7.66 21.75 0.85
C VAL C 82 -9.05 22.16 0.40
N VAL C 83 -9.24 23.47 0.20
CA VAL C 83 -10.51 23.97 -0.25
C VAL C 83 -10.42 24.06 -1.76
N LEU C 84 -11.33 23.39 -2.43
CA LEU C 84 -11.46 23.44 -3.86
C LEU C 84 -12.71 24.33 -4.08
N GLY C 85 -12.45 25.60 -4.33
CA GLY C 85 -13.51 26.57 -4.47
C GLY C 85 -12.92 27.79 -5.12
N ILE C 86 -13.79 28.65 -5.64
CA ILE C 86 -13.33 29.80 -6.43
C ILE C 86 -14.26 30.96 -6.17
N GLY C 87 -13.69 32.16 -6.21
CA GLY C 87 -14.41 33.38 -5.99
C GLY C 87 -15.06 33.40 -4.66
N GLY C 88 -16.39 33.40 -4.65
CA GLY C 88 -17.15 33.45 -3.39
C GLY C 88 -16.87 32.25 -2.50
N SER C 89 -16.53 31.14 -3.14
CA SER C 89 -16.25 29.89 -2.42
C SER C 89 -14.76 29.65 -2.15
N GLY C 90 -13.93 30.70 -2.22
CA GLY C 90 -12.46 30.55 -2.09
C GLY C 90 -11.80 31.74 -1.46
N LEU C 91 -12.18 32.95 -1.85
CA LEU C 91 -11.53 34.12 -1.27
C LEU C 91 -11.80 34.37 0.18
N GLY C 92 -12.98 34.00 0.68
CA GLY C 92 -13.29 34.20 2.09
C GLY C 92 -12.43 33.23 2.92
N ASN C 93 -12.22 32.05 2.39
CA ASN C 93 -11.31 31.09 3.05
C ASN C 93 -9.87 31.63 3.16
N LEU C 94 -9.36 32.19 2.10
CA LEU C 94 -8.03 32.76 2.12
C LEU C 94 -7.98 33.98 3.00
N ALA C 95 -9.03 34.83 2.98
CA ALA C 95 -9.06 35.99 3.86
C ALA C 95 -9.01 35.65 5.32
N LEU C 96 -9.76 34.61 5.72
CA LEU C 96 -9.76 34.16 7.11
C LEU C 96 -8.40 33.55 7.45
N HIS C 97 -7.90 32.78 6.54
CA HIS C 97 -6.63 32.07 6.80
C HIS C 97 -5.45 33.03 6.99
N TYR C 98 -5.34 34.04 6.12
CA TYR C 98 -4.26 35.00 6.20
C TYR C 98 -4.42 35.92 7.38
N SER C 99 -5.65 36.37 7.66
CA SER C 99 -5.81 37.44 8.61
C SER C 99 -5.81 36.95 9.99
N LEU C 100 -6.08 35.64 10.18
CA LEU C 100 -6.29 35.14 11.50
C LEU C 100 -5.31 34.00 11.91
N ARG C 101 -4.36 33.68 11.03
CA ARG C 101 -3.24 32.78 11.39
C ARG C 101 -1.96 33.44 10.93
N PRO C 102 -0.82 33.06 11.53
CA PRO C 102 0.49 33.54 11.09
C PRO C 102 0.75 33.22 9.65
N LEU C 103 1.56 34.02 8.98
CA LEU C 103 1.79 33.82 7.55
C LEU C 103 2.48 32.49 7.25
N ASN C 104 3.24 31.94 8.18
CA ASN C 104 3.92 30.64 7.95
C ASN C 104 3.17 29.46 8.54
N TRP C 105 1.88 29.63 8.82
CA TRP C 105 1.03 28.54 9.36
C TRP C 105 1.19 27.19 8.68
N ASN C 106 1.15 27.16 7.36
CA ASN C 106 1.18 25.90 6.63
C ASN C 106 2.56 25.28 6.65
N GLU C 107 3.55 26.07 7.02
CA GLU C 107 4.92 25.62 7.09
C GLU C 107 5.32 25.36 8.51
N MET C 108 4.41 25.49 9.47
CA MET C 108 4.66 25.16 10.88
C MET C 108 4.49 23.68 11.12
N THR C 109 5.14 23.11 12.14
CA THR C 109 4.87 21.74 12.46
C THR C 109 3.52 21.60 13.09
N ARG C 110 3.03 20.38 13.14
CA ARG C 110 1.77 20.14 13.77
C ARG C 110 1.73 20.56 15.23
N GLU C 111 2.89 20.45 15.89
CA GLU C 111 2.97 20.81 17.30
C GLU C 111 2.84 22.30 17.39
N GLU C 112 3.54 23.04 16.54
CA GLU C 112 3.43 24.49 16.48
C GLU C 112 2.02 24.96 16.19
N ARG C 113 1.26 24.17 15.43
CA ARG C 113 -0.12 24.46 15.09
C ARG C 113 -1.04 24.00 16.19
N ASN C 114 -0.48 23.44 17.25
CA ASN C 114 -1.32 23.03 18.37
C ASN C 114 -2.34 21.99 17.94
N GLY C 115 -2.00 21.12 16.99
CA GLY C 115 -2.90 20.09 16.52
C GLY C 115 -3.87 20.47 15.43
N TYR C 116 -4.01 21.75 15.13
CA TYR C 116 -4.96 22.15 14.08
C TYR C 116 -4.38 22.03 12.70
N ALA C 117 -5.23 22.04 11.66
CA ALA C 117 -4.83 21.73 10.30
C ALA C 117 -4.30 22.91 9.50
N ARG C 118 -3.46 22.56 8.52
CA ARG C 118 -3.04 23.42 7.46
C ARG C 118 -4.22 23.62 6.54
N VAL C 119 -4.29 24.79 5.93
CA VAL C 119 -5.39 25.07 4.97
C VAL C 119 -4.75 25.58 3.66
N PHE C 120 -5.00 24.90 2.57
CA PHE C 120 -4.59 25.35 1.24
C PHE C 120 -5.88 25.60 0.47
N VAL C 121 -5.93 26.67 -0.31
CA VAL C 121 -7.09 26.97 -1.17
C VAL C 121 -6.64 26.93 -2.63
N VAL C 122 -7.32 26.13 -3.44
CA VAL C 122 -7.02 26.01 -4.88
C VAL C 122 -8.20 26.67 -5.60
N ASP C 123 -8.02 27.96 -5.88
CA ASP C 123 -9.06 28.80 -6.51
C ASP C 123 -8.67 29.25 -7.91
N ASN C 124 -8.02 28.36 -8.66
CA ASN C 124 -7.71 28.59 -10.03
C ASN C 124 -7.51 27.25 -10.68
N VAL C 125 -7.60 27.21 -12.01
CA VAL C 125 -7.28 26.02 -12.81
C VAL C 125 -5.89 26.08 -13.48
N ASP C 126 -4.97 26.75 -12.81
CA ASP C 126 -3.58 26.82 -13.22
C ASP C 126 -2.97 25.54 -12.67
N PRO C 127 -2.41 24.69 -13.53
CA PRO C 127 -1.82 23.48 -12.95
C PRO C 127 -0.54 23.72 -12.10
N ASP C 128 0.10 24.88 -12.23
CA ASP C 128 1.20 25.19 -11.33
C ASP C 128 0.70 25.40 -9.92
N LEU C 129 -0.48 25.97 -9.76
CA LEU C 129 -1.08 26.07 -8.43
C LEU C 129 -1.45 24.70 -7.83
N MET C 130 -2.26 23.92 -8.55
CA MET C 130 -2.72 22.65 -8.04
C MET C 130 -1.54 21.73 -7.79
N SER C 131 -0.60 21.70 -8.72
CA SER C 131 0.56 20.81 -8.56
C SER C 131 1.42 21.12 -7.31
N SER C 132 1.55 22.39 -6.98
CA SER C 132 2.33 22.84 -5.86
C SER C 132 1.64 22.49 -4.56
N VAL C 133 0.32 22.58 -4.53
CA VAL C 133 -0.45 22.11 -3.34
C VAL C 133 -0.38 20.58 -3.24
N LEU C 134 -0.62 19.87 -4.33
CA LEU C 134 -0.49 18.40 -4.31
C LEU C 134 0.86 17.94 -3.82
N ASP C 135 1.92 18.65 -4.16
CA ASP C 135 3.27 18.28 -3.71
C ASP C 135 3.50 18.48 -2.23
N ARG C 136 2.61 19.19 -1.56
CA ARG C 136 2.76 19.53 -0.14
C ARG C 136 1.89 18.67 0.76
N ILE C 137 1.03 17.81 0.20
CA ILE C 137 0.03 17.13 1.03
C ILE C 137 0.17 15.65 0.93
N ASP C 138 -0.26 14.96 1.97
CA ASP C 138 -0.38 13.51 1.97
C ASP C 138 -1.84 13.20 1.86
N PRO C 139 -2.27 12.57 0.78
CA PRO C 139 -3.71 12.36 0.60
C PRO C 139 -4.33 11.56 1.72
N LYS C 140 -3.56 10.68 2.38
CA LYS C 140 -4.10 9.93 3.46
C LYS C 140 -4.51 10.73 4.66
N THR C 141 -4.07 11.99 4.76
CA THR C 141 -4.36 12.79 5.92
C THR C 141 -4.93 14.13 5.51
N THR C 142 -5.49 14.14 4.33
CA THR C 142 -6.06 15.40 3.76
C THR C 142 -7.55 15.24 3.53
N LEU C 143 -8.27 16.38 3.74
CA LEU C 143 -9.69 16.48 3.47
C LEU C 143 -9.79 17.51 2.39
N PHE C 144 -10.45 17.19 1.29
CA PHE C 144 -10.81 18.22 0.29
C PHE C 144 -12.21 18.70 0.56
N ASN C 145 -12.39 20.03 0.75
CA ASN C 145 -13.70 20.64 0.88
C ASN C 145 -14.02 21.20 -0.47
N VAL C 146 -14.98 20.58 -1.15
CA VAL C 146 -15.36 20.94 -2.52
C VAL C 146 -16.53 21.87 -2.30
N ILE C 147 -16.41 23.14 -2.76
CA ILE C 147 -17.39 24.18 -2.45
C ILE C 147 -17.85 24.82 -3.76
N SER C 148 -19.13 24.69 -4.04
CA SER C 148 -19.77 25.38 -5.17
C SER C 148 -21.25 25.51 -4.82
N LYS C 149 -21.73 26.75 -4.80
CA LYS C 149 -23.17 26.98 -4.59
C LYS C 149 -24.03 26.29 -5.65
N SER C 150 -23.69 26.54 -6.93
CA SER C 150 -24.40 25.96 -8.06
C SER C 150 -24.24 24.46 -8.13
N GLY C 151 -23.12 23.97 -7.62
CA GLY C 151 -22.88 22.54 -7.69
C GLY C 151 -22.27 22.12 -9.01
N SER C 152 -21.90 23.09 -9.86
CA SER C 152 -21.32 22.76 -11.16
C SER C 152 -20.30 23.77 -11.71
N THR C 153 -19.76 24.64 -10.87
CA THR C 153 -18.70 25.58 -11.30
C THR C 153 -17.55 24.80 -11.96
N ALA C 154 -17.25 25.15 -13.20
CA ALA C 154 -16.31 24.40 -14.06
C ALA C 154 -14.95 24.17 -13.38
N GLU C 155 -14.42 25.23 -12.78
CA GLU C 155 -13.13 25.17 -12.13
C GLU C 155 -13.15 24.18 -11.00
N VAL C 156 -14.22 24.18 -10.23
CA VAL C 156 -14.36 23.30 -9.08
C VAL C 156 -14.58 21.91 -9.55
N MET C 157 -15.28 21.70 -10.66
CA MET C 157 -15.44 20.34 -11.19
C MET C 157 -14.13 19.73 -11.62
N ALA C 158 -13.29 20.55 -12.21
CA ALA C 158 -12.02 20.14 -12.77
C ALA C 158 -11.11 19.70 -11.62
N THR C 159 -10.98 20.58 -10.61
CA THR C 159 -10.13 20.27 -9.42
C THR C 159 -10.74 19.13 -8.59
N TYR C 160 -12.07 19.07 -8.46
CA TYR C 160 -12.68 17.89 -7.83
C TYR C 160 -12.30 16.62 -8.54
N SER C 161 -12.28 16.65 -9.88
CA SER C 161 -11.99 15.44 -10.68
C SER C 161 -10.57 14.92 -10.41
N ILE C 162 -9.66 15.87 -10.30
CA ILE C 162 -8.20 15.56 -10.07
C ILE C 162 -8.03 14.92 -8.69
N ALA C 163 -8.62 15.55 -7.67
CA ALA C 163 -8.55 15.05 -6.27
C ALA C 163 -9.19 13.71 -6.15
N ARG C 164 -10.38 13.55 -6.72
CA ARG C 164 -11.06 12.25 -6.73
C ARG C 164 -10.25 11.20 -7.42
N GLY C 165 -9.69 11.55 -8.57
CA GLY C 165 -8.83 10.60 -9.29
C GLY C 165 -7.63 10.10 -8.52
N ILE C 166 -6.99 11.00 -7.79
CA ILE C 166 -5.85 10.62 -6.92
C ILE C 166 -6.32 9.73 -5.78
N LEU C 167 -7.43 10.08 -5.14
CA LEU C 167 -7.93 9.18 -4.06
C LEU C 167 -8.22 7.79 -4.57
N GLU C 168 -8.89 7.70 -5.71
CA GLU C 168 -9.21 6.44 -6.31
C GLU C 168 -7.97 5.61 -6.64
N ALA C 169 -6.97 6.23 -7.24
CA ALA C 169 -5.77 5.53 -7.71
C ALA C 169 -5.01 4.98 -6.53
N TYR C 170 -5.10 5.68 -5.39
CA TYR C 170 -4.46 5.23 -4.15
C TYR C 170 -5.32 4.30 -3.35
N GLY C 171 -6.56 4.10 -3.73
CA GLY C 171 -7.43 3.19 -3.01
C GLY C 171 -7.93 3.79 -1.74
N LEU C 172 -8.10 5.11 -1.73
CA LEU C 172 -8.67 5.80 -0.59
C LEU C 172 -10.15 6.06 -0.90
N ASP C 173 -10.98 5.90 0.12
CA ASP C 173 -12.39 6.08 -0.04
C ASP C 173 -12.70 7.57 -0.12
N PRO C 174 -13.25 8.04 -1.24
CA PRO C 174 -13.58 9.45 -1.38
C PRO C 174 -14.44 9.97 -0.25
N ARG C 175 -15.28 9.14 0.34
CA ARG C 175 -16.16 9.60 1.42
C ARG C 175 -15.42 9.87 2.68
N GLU C 176 -14.22 9.31 2.81
CA GLU C 176 -13.35 9.60 3.93
C GLU C 176 -12.40 10.79 3.76
N HIS C 177 -12.43 11.44 2.59
CA HIS C 177 -11.50 12.49 2.22
C HIS C 177 -12.06 13.68 1.51
N MET C 178 -13.35 13.69 1.42
CA MET C 178 -14.04 14.82 0.73
C MET C 178 -15.26 15.22 1.49
N LEU C 179 -15.46 16.54 1.60
CA LEU C 179 -16.58 17.12 2.27
C LEU C 179 -17.16 18.05 1.24
N ILE C 180 -18.44 17.93 0.94
CA ILE C 180 -19.08 18.75 -0.12
C ILE C 180 -19.93 19.86 0.47
N THR C 181 -19.71 21.11 0.03
CA THR C 181 -20.45 22.23 0.51
C THR C 181 -21.17 22.84 -0.72
N THR C 182 -22.49 22.74 -0.74
CA THR C 182 -23.26 23.14 -1.94
C THR C 182 -24.71 23.44 -1.54
N ASP C 183 -25.52 23.82 -2.53
CA ASP C 183 -26.92 24.13 -2.27
C ASP C 183 -27.59 22.90 -1.65
N PRO C 184 -28.49 23.09 -0.67
CA PRO C 184 -29.12 21.90 -0.12
C PRO C 184 -29.95 21.02 -1.07
N GLU C 185 -30.40 21.55 -2.21
CA GLU C 185 -31.31 20.76 -3.05
C GLU C 185 -30.86 20.65 -4.51
N LYS C 186 -30.38 21.74 -5.10
CA LYS C 186 -30.05 21.73 -6.51
C LYS C 186 -28.58 21.46 -6.82
N GLY C 187 -28.34 20.91 -7.99
CA GLY C 187 -27.00 20.92 -8.61
C GLY C 187 -26.34 19.57 -8.56
N PHE C 188 -25.30 19.41 -9.38
CA PHE C 188 -24.60 18.15 -9.53
C PHE C 188 -23.96 17.71 -8.22
N LEU C 189 -23.30 18.62 -7.52
CA LEU C 189 -22.60 18.18 -6.27
C LEU C 189 -23.60 17.68 -5.25
N ARG C 190 -24.77 18.30 -5.18
CA ARG C 190 -25.79 17.77 -4.24
C ARG C 190 -26.25 16.36 -4.63
N LYS C 191 -26.34 16.10 -5.92
CA LYS C 191 -26.73 14.78 -6.39
C LYS C 191 -25.67 13.74 -6.05
N LEU C 192 -24.41 14.12 -6.21
CA LEU C 192 -23.29 13.27 -5.81
C LEU C 192 -23.38 12.94 -4.34
N VAL C 193 -23.69 13.92 -3.52
CA VAL C 193 -23.85 13.72 -2.06
C VAL C 193 -24.90 12.65 -1.84
N LYS C 194 -26.06 12.83 -2.47
CA LYS C 194 -27.22 11.96 -2.25
C LYS C 194 -26.94 10.56 -2.79
N GLU C 195 -26.29 10.46 -3.95
CA GLU C 195 -26.06 9.15 -4.54
C GLU C 195 -24.93 8.38 -3.90
N GLU C 196 -23.91 9.06 -3.41
CA GLU C 196 -22.70 8.35 -2.94
C GLU C 196 -22.47 8.46 -1.47
N GLY C 197 -23.21 9.32 -0.78
CA GLY C 197 -23.17 9.36 0.65
C GLY C 197 -22.02 10.14 1.21
N PHE C 198 -21.69 11.27 0.59
CA PHE C 198 -20.70 12.18 1.16
C PHE C 198 -21.25 12.97 2.33
N ARG C 199 -20.39 13.32 3.27
CA ARG C 199 -20.73 14.29 4.27
C ARG C 199 -20.84 15.60 3.50
N SER C 200 -21.62 16.51 4.04
CA SER C 200 -21.86 17.74 3.32
C SER C 200 -22.21 18.88 4.23
N LEU C 201 -22.16 20.10 3.67
CA LEU C 201 -22.59 21.28 4.39
C LEU C 201 -23.34 22.05 3.36
N GLU C 202 -24.04 23.09 3.78
CA GLU C 202 -24.90 23.84 2.85
C GLU C 202 -24.38 25.21 2.56
N VAL C 203 -24.48 25.63 1.31
CA VAL C 203 -24.44 27.07 0.98
C VAL C 203 -25.89 27.51 1.08
N PRO C 204 -26.18 28.47 1.96
CA PRO C 204 -27.60 28.79 2.22
C PRO C 204 -28.24 29.31 0.98
N PRO C 205 -29.45 28.84 0.64
CA PRO C 205 -30.09 29.19 -0.63
C PRO C 205 -30.22 30.69 -0.89
N GLY C 206 -30.46 31.47 0.16
CA GLY C 206 -30.60 32.90 -0.03
C GLY C 206 -29.33 33.69 0.14
N VAL C 207 -28.18 33.01 0.16
CA VAL C 207 -26.93 33.73 0.32
C VAL C 207 -26.06 33.47 -0.88
N GLY C 208 -25.68 34.56 -1.55
CA GLY C 208 -24.83 34.47 -2.75
C GLY C 208 -23.38 34.29 -2.33
N GLY C 209 -22.58 33.73 -3.24
CA GLY C 209 -21.17 33.38 -3.00
C GLY C 209 -20.41 34.49 -2.34
N ARG C 210 -20.48 35.69 -2.90
CA ARG C 210 -19.64 36.75 -2.39
C ARG C 210 -20.07 37.27 -1.07
N PHE C 211 -21.21 36.79 -0.57
CA PHE C 211 -21.71 37.18 0.73
C PHE C 211 -21.68 35.98 1.67
N SER C 212 -20.92 34.94 1.32
CA SER C 212 -21.02 33.64 2.06
C SER C 212 -19.91 33.30 3.02
N VAL C 213 -18.97 34.21 3.23
CA VAL C 213 -17.77 33.87 4.05
C VAL C 213 -18.18 33.42 5.46
N LEU C 214 -19.19 34.05 6.07
CA LEU C 214 -19.56 33.67 7.46
C LEU C 214 -20.55 32.51 7.53
N THR C 215 -20.86 31.91 6.38
CA THR C 215 -21.68 30.72 6.29
C THR C 215 -20.70 29.54 6.36
N PRO C 216 -21.21 28.30 6.29
CA PRO C 216 -20.26 27.15 6.39
C PRO C 216 -19.14 27.14 5.34
N VAL C 217 -19.31 27.90 4.25
CA VAL C 217 -18.30 28.10 3.21
C VAL C 217 -17.00 28.54 3.79
N GLY C 218 -17.04 29.55 4.62
CA GLY C 218 -15.82 30.07 5.25
C GLY C 218 -15.51 29.38 6.56
N LEU C 219 -16.54 28.96 7.31
CA LEU C 219 -16.32 28.57 8.72
C LEU C 219 -15.67 27.21 8.83
N LEU C 220 -15.88 26.34 7.87
CA LEU C 220 -15.31 24.97 8.00
C LEU C 220 -13.79 25.03 8.04
N SER C 221 -13.16 25.61 7.01
CA SER C 221 -11.70 25.68 6.98
C SER C 221 -11.19 26.49 8.13
N ALA C 222 -11.89 27.57 8.49
CA ALA C 222 -11.50 28.37 9.65
C ALA C 222 -11.45 27.54 10.92
N MET C 223 -12.51 26.77 11.19
CA MET C 223 -12.52 25.95 12.36
C MET C 223 -11.40 24.92 12.30
N ALA C 224 -11.16 24.35 11.13
CA ALA C 224 -10.11 23.33 10.93
C ALA C 224 -8.74 23.80 11.40
N GLU C 225 -8.45 25.08 11.13
CA GLU C 225 -7.16 25.65 11.46
C GLU C 225 -7.11 26.33 12.77
N GLY C 226 -8.20 26.21 13.54
CA GLY C 226 -8.24 26.65 14.91
C GLY C 226 -8.65 28.06 15.17
N ILE C 227 -9.33 28.67 14.20
CA ILE C 227 -9.91 29.99 14.39
C ILE C 227 -11.21 29.86 15.22
N ASP C 228 -11.42 30.80 16.16
CA ASP C 228 -12.63 30.83 17.00
C ASP C 228 -13.78 31.40 16.18
N ILE C 229 -14.56 30.50 15.59
CA ILE C 229 -15.64 30.89 14.69
C ILE C 229 -16.81 31.51 15.43
N ASP C 230 -16.97 31.19 16.70
CA ASP C 230 -18.01 31.85 17.53
C ASP C 230 -17.71 33.34 17.65
N GLU C 231 -16.44 33.66 17.91
CA GLU C 231 -16.01 35.05 18.08
C GLU C 231 -16.11 35.85 16.78
N LEU C 232 -15.85 35.20 15.67
CA LEU C 232 -16.10 35.71 14.34
C LEU C 232 -17.58 36.17 14.13
N HIS C 233 -18.53 35.32 14.49
CA HIS C 233 -19.96 35.68 14.45
C HIS C 233 -20.34 36.74 15.48
N GLU C 234 -19.72 36.72 16.65
CA GLU C 234 -19.96 37.75 17.65
C GLU C 234 -19.61 39.14 17.15
N GLY C 235 -18.48 39.25 16.44
CA GLY C 235 -18.07 40.50 15.80
C GLY C 235 -19.01 40.91 14.71
N ALA C 236 -19.39 39.95 13.88
CA ALA C 236 -20.32 40.25 12.76
C ALA C 236 -21.68 40.69 13.32
N LYS C 237 -22.12 40.02 14.39
CA LYS C 237 -23.43 40.34 15.00
C LYS C 237 -23.43 41.78 15.47
N ASP C 238 -22.41 42.17 16.22
CA ASP C 238 -22.34 43.53 16.72
C ASP C 238 -22.29 44.55 15.61
N ALA C 239 -21.54 44.24 14.54
CA ALA C 239 -21.43 45.10 13.34
C ALA C 239 -22.75 45.27 12.64
N PHE C 240 -23.47 44.17 12.48
CA PHE C 240 -24.78 44.23 11.81
C PHE C 240 -25.77 45.06 12.63
N GLU C 241 -25.67 44.99 13.96
CA GLU C 241 -26.54 45.76 14.85
C GLU C 241 -26.26 47.24 14.71
N LYS C 242 -24.99 47.65 14.62
CA LYS C 242 -24.66 49.05 14.38
C LYS C 242 -25.04 49.50 12.98
N SER C 243 -25.15 48.55 12.05
CA SER C 243 -25.46 48.83 10.66
C SER C 243 -26.95 49.02 10.45
N MET C 244 -27.72 48.75 11.50
CA MET C 244 -29.16 48.93 11.49
C MET C 244 -29.60 50.21 12.24
N LYS C 245 -28.61 50.99 12.70
CA LYS C 245 -28.86 52.27 13.34
C LYS C 245 -29.27 53.30 12.31
N GLU C 246 -30.40 54.00 12.54
CA GLU C 246 -30.86 55.00 11.58
C GLU C 246 -30.15 56.32 11.81
N ASN C 247 -29.51 56.47 12.98
CA ASN C 247 -28.52 57.52 13.15
C ASN C 247 -27.26 57.23 12.33
N ILE C 248 -27.12 57.88 11.20
CA ILE C 248 -26.01 57.66 10.30
C ILE C 248 -24.63 57.96 10.89
N LEU C 249 -24.55 58.89 11.83
CA LEU C 249 -23.29 59.19 12.50
C LEU C 249 -22.90 58.14 13.55
N GLU C 250 -23.74 57.14 13.79
CA GLU C 250 -23.37 56.00 14.63
C GLU C 250 -23.27 54.69 13.79
N ASN C 251 -23.41 54.82 12.46
CA ASN C 251 -23.57 53.68 11.54
C ASN C 251 -22.45 53.66 10.49
N PRO C 252 -21.36 52.92 10.79
CA PRO C 252 -20.22 52.93 9.87
C PRO C 252 -20.53 52.46 8.46
N ALA C 253 -21.39 51.47 8.30
CA ALA C 253 -21.74 50.95 6.98
C ALA C 253 -22.52 52.00 6.16
N ALA C 254 -23.47 52.65 6.84
CA ALA C 254 -24.25 53.75 6.19
C ALA C 254 -23.34 54.89 5.75
N MET C 255 -22.40 55.28 6.63
CA MET C 255 -21.39 56.29 6.30
C MET C 255 -20.49 55.92 5.11
N ILE C 256 -20.09 54.65 5.01
CA ILE C 256 -19.25 54.23 3.89
C ILE C 256 -20.04 54.39 2.59
N ALA C 257 -21.30 53.95 2.62
CA ALA C 257 -22.16 53.99 1.45
C ALA C 257 -22.43 55.48 1.09
N LEU C 258 -22.81 56.24 2.09
CA LEU C 258 -23.15 57.68 1.90
C LEU C 258 -22.00 58.38 1.19
N THR C 259 -20.80 58.26 1.77
CA THR C 259 -19.63 58.97 1.27
C THR C 259 -19.15 58.43 -0.07
N HIS C 260 -19.23 57.12 -0.31
CA HIS C 260 -18.76 56.57 -1.59
C HIS C 260 -19.75 56.85 -2.71
N TYR C 261 -21.02 56.89 -2.35
CA TYR C 261 -22.08 57.24 -3.30
C TYR C 261 -21.94 58.65 -3.80
N LEU C 262 -21.75 59.58 -2.87
CA LEU C 262 -21.49 60.97 -3.20
C LEU C 262 -20.26 61.11 -4.07
N TYR C 263 -19.15 60.51 -3.65
CA TYR C 263 -17.92 60.60 -4.43
C TYR C 263 -17.99 59.95 -5.81
N LEU C 264 -18.71 58.86 -5.94
CA LEU C 264 -18.85 58.24 -7.23
C LEU C 264 -19.48 59.27 -8.16
N ASN C 265 -20.46 59.99 -7.61
CA ASN C 265 -21.20 61.03 -8.35
C ASN C 265 -20.31 62.19 -8.75
N LYS C 266 -19.25 62.42 -7.98
CA LYS C 266 -18.34 63.51 -8.24
C LYS C 266 -17.06 63.05 -8.94
N GLY C 267 -17.15 62.00 -9.74
CA GLY C 267 -16.00 61.52 -10.51
C GLY C 267 -14.96 60.60 -9.84
N LYS C 268 -15.18 60.16 -8.60
CA LYS C 268 -14.28 59.18 -7.96
C LYS C 268 -14.64 57.77 -8.40
N SER C 269 -14.04 57.34 -9.50
CA SER C 269 -14.39 56.08 -10.14
C SER C 269 -13.65 54.86 -9.54
N ILE C 270 -12.74 55.11 -8.61
CA ILE C 270 -11.91 54.06 -7.99
C ILE C 270 -12.00 54.13 -6.48
N SER C 271 -12.24 52.96 -5.87
CA SER C 271 -12.06 52.81 -4.43
C SER C 271 -10.73 52.10 -4.22
N VAL C 272 -9.80 52.71 -3.48
CA VAL C 272 -8.52 52.04 -3.09
C VAL C 272 -8.66 51.62 -1.66
N MET C 273 -8.50 50.31 -1.38
CA MET C 273 -8.38 49.86 -0.02
C MET C 273 -6.94 49.42 0.20
N MET C 274 -6.29 50.11 1.11
CA MET C 274 -4.88 49.98 1.35
C MET C 274 -4.68 49.48 2.78
N ALA C 275 -4.30 48.20 2.92
CA ALA C 275 -4.16 47.55 4.22
C ALA C 275 -2.68 47.58 4.66
N TYR C 276 -2.42 48.10 5.86
CA TYR C 276 -1.07 48.21 6.41
C TYR C 276 -0.77 46.94 7.22
N SER C 277 -0.81 45.83 6.48
CA SER C 277 -0.57 44.49 7.05
C SER C 277 -0.56 43.46 5.95
N ASN C 278 0.48 42.63 5.89
CA ASN C 278 0.50 41.54 4.93
C ASN C 278 -0.51 40.47 5.20
N ARG C 279 -0.98 40.35 6.44
CA ARG C 279 -2.00 39.36 6.78
C ARG C 279 -3.43 39.80 6.38
N MET C 280 -3.59 41.10 6.11
CA MET C 280 -4.87 41.68 5.71
C MET C 280 -5.08 41.74 4.24
N ILE C 281 -4.10 41.31 3.47
CA ILE C 281 -4.18 41.48 2.07
C ILE C 281 -5.35 40.73 1.44
N TYR C 282 -5.71 39.55 1.94
CA TYR C 282 -6.84 38.82 1.36
C TYR C 282 -8.21 39.32 1.82
N LEU C 283 -8.23 40.03 2.94
CA LEU C 283 -9.41 40.84 3.28
C LEU C 283 -9.68 41.83 2.12
N VAL C 284 -8.63 42.44 1.60
CA VAL C 284 -8.81 43.44 0.50
C VAL C 284 -9.32 42.74 -0.77
N ASP C 285 -8.76 41.58 -1.12
CA ASP C 285 -9.26 40.83 -2.24
C ASP C 285 -10.73 40.41 -2.09
N TRP C 286 -11.15 40.16 -0.86
CA TRP C 286 -12.53 39.77 -0.61
C TRP C 286 -13.42 41.01 -0.85
N TYR C 287 -12.98 42.13 -0.32
CA TYR C 287 -13.65 43.43 -0.63
C TYR C 287 -13.72 43.73 -2.16
N ARG C 288 -12.61 43.50 -2.87
CA ARG C 288 -12.57 43.62 -4.33
C ARG C 288 -13.68 42.91 -5.04
N GLN C 289 -13.88 41.64 -4.78
CA GLN C 289 -14.98 40.94 -5.40
C GLN C 289 -16.34 41.48 -4.95
N LEU C 290 -16.45 41.83 -3.67
CA LEU C 290 -17.70 42.23 -3.06
C LEU C 290 -18.19 43.52 -3.72
N TRP C 291 -17.30 44.49 -3.79
CA TRP C 291 -17.60 45.81 -4.41
C TRP C 291 -17.82 45.76 -5.90
N ALA C 292 -16.90 45.11 -6.60
CA ALA C 292 -16.91 45.07 -8.05
C ALA C 292 -18.06 44.26 -8.61
N GLU C 293 -18.32 43.08 -8.06
CA GLU C 293 -19.32 42.21 -8.60
C GLU C 293 -20.74 42.67 -8.18
N SER C 294 -20.85 43.35 -7.04
CA SER C 294 -22.13 43.79 -6.51
C SER C 294 -22.62 45.03 -7.26
N LEU C 295 -21.73 45.99 -7.39
CA LEU C 295 -22.08 47.34 -7.81
C LEU C 295 -21.77 47.66 -9.27
N GLY C 296 -21.14 46.72 -9.97
CA GLY C 296 -20.72 46.91 -11.36
C GLY C 296 -21.78 46.36 -12.28
N LYS C 297 -22.80 47.19 -12.56
CA LYS C 297 -24.02 46.69 -13.19
C LYS C 297 -24.44 47.48 -14.42
N ARG C 298 -24.80 46.76 -15.48
CA ARG C 298 -25.18 47.40 -16.74
C ARG C 298 -26.52 48.12 -16.60
N TYR C 299 -27.51 47.38 -16.12
CA TYR C 299 -28.89 47.82 -16.02
C TYR C 299 -29.28 48.12 -14.58
N ASN C 300 -30.07 49.17 -14.37
CA ASN C 300 -30.61 49.44 -13.03
C ASN C 300 -31.87 48.58 -12.80
N LEU C 301 -32.51 48.74 -11.64
CA LEU C 301 -33.69 47.95 -11.26
C LEU C 301 -34.88 48.18 -12.22
N LYS C 302 -34.93 49.35 -12.84
CA LYS C 302 -35.97 49.67 -13.83
C LYS C 302 -35.68 49.09 -15.21
N GLY C 303 -34.48 48.56 -15.43
CA GLY C 303 -34.14 48.00 -16.74
C GLY C 303 -33.44 49.04 -17.60
N GLU C 304 -33.12 50.18 -17.02
CA GLU C 304 -32.42 51.25 -17.74
C GLU C 304 -30.94 50.97 -17.72
N GLU C 305 -30.26 51.21 -18.83
CA GLU C 305 -28.81 51.11 -18.95
C GLU C 305 -28.09 52.20 -18.19
N VAL C 306 -27.33 51.81 -17.17
CA VAL C 306 -26.63 52.74 -16.30
C VAL C 306 -25.11 52.51 -16.27
N PHE C 307 -24.64 51.31 -16.64
CA PHE C 307 -23.20 50.94 -16.57
C PHE C 307 -22.51 51.49 -15.32
N THR C 308 -23.09 51.19 -14.16
CA THR C 308 -22.61 51.77 -12.95
C THR C 308 -21.39 50.96 -12.42
N GLY C 309 -20.70 51.52 -11.42
CA GLY C 309 -19.63 50.82 -10.73
C GLY C 309 -18.54 51.74 -10.25
N GLN C 310 -17.77 51.24 -9.28
CA GLN C 310 -16.60 51.92 -8.72
C GLN C 310 -15.52 50.83 -8.62
N THR C 311 -14.44 50.95 -9.40
CA THR C 311 -13.41 49.89 -9.49
C THR C 311 -12.64 49.80 -8.15
N PRO C 312 -12.64 48.61 -7.54
CA PRO C 312 -11.89 48.45 -6.30
C PRO C 312 -10.43 48.07 -6.60
N VAL C 313 -9.50 48.80 -5.98
CA VAL C 313 -8.05 48.64 -6.19
C VAL C 313 -7.44 48.19 -4.87
N LYS C 314 -6.57 47.17 -4.94
CA LYS C 314 -5.94 46.61 -3.77
C LYS C 314 -4.58 47.22 -3.61
N ALA C 315 -4.27 47.72 -2.41
CA ALA C 315 -2.93 48.20 -2.07
C ALA C 315 -2.49 47.65 -0.72
N LEU C 316 -1.17 47.61 -0.55
CA LEU C 316 -0.58 47.12 0.68
C LEU C 316 0.42 48.16 1.19
N GLY C 317 0.23 48.62 2.42
CA GLY C 317 1.21 49.52 3.00
C GLY C 317 2.15 48.74 3.90
N ALA C 318 3.39 49.19 4.08
CA ALA C 318 3.97 50.37 3.42
C ALA C 318 4.45 50.07 2.00
N THR C 319 4.43 48.79 1.59
CA THR C 319 4.97 48.34 0.29
C THR C 319 4.62 49.25 -0.89
N ASP C 320 3.33 49.55 -1.03
CA ASP C 320 2.81 50.21 -2.22
C ASP C 320 3.00 51.72 -2.18
N GLN C 321 3.58 52.22 -1.07
CA GLN C 321 4.12 53.60 -1.05
C GLN C 321 5.26 53.71 -2.09
N HIS C 322 5.93 52.59 -2.38
CA HIS C 322 7.01 52.53 -3.37
C HIS C 322 6.56 52.02 -4.74
N SER C 323 5.24 52.01 -4.98
CA SER C 323 4.65 51.55 -6.22
C SER C 323 3.56 52.52 -6.70
N GLN C 324 2.59 52.80 -5.83
CA GLN C 324 1.37 53.50 -6.23
C GLN C 324 1.17 54.88 -5.65
N ILE C 325 1.91 55.24 -4.61
CA ILE C 325 1.74 56.54 -3.91
C ILE C 325 2.09 57.81 -4.73
N GLN C 326 3.02 57.67 -5.67
CA GLN C 326 3.27 58.73 -6.65
C GLN C 326 1.94 59.06 -7.37
N LEU C 327 1.32 58.01 -7.95
CA LEU C 327 0.09 58.14 -8.71
C LEU C 327 -1.06 58.59 -7.82
N TYR C 328 -1.14 58.06 -6.60
CA TYR C 328 -2.27 58.46 -5.73
C TYR C 328 -2.22 59.93 -5.32
N ASN C 329 -1.03 60.50 -5.26
CA ASN C 329 -0.85 61.90 -4.86
C ASN C 329 -0.83 62.86 -6.05
N GLU C 330 -0.39 62.42 -7.22
CA GLU C 330 -0.06 63.34 -8.34
C GLU C 330 -0.78 63.07 -9.66
N GLY C 331 -1.59 62.02 -9.72
CA GLY C 331 -2.22 61.64 -10.98
C GLY C 331 -3.63 62.15 -10.94
N PRO C 332 -4.52 61.62 -11.76
CA PRO C 332 -5.91 62.04 -11.65
C PRO C 332 -6.51 61.95 -10.25
N ASN C 333 -7.39 62.89 -9.91
CA ASN C 333 -8.10 62.77 -8.63
C ASN C 333 -9.39 61.95 -8.80
N ASP C 334 -9.25 60.64 -9.05
CA ASP C 334 -10.40 59.76 -9.28
C ASP C 334 -10.57 58.66 -8.20
N LYS C 335 -9.91 58.78 -7.06
CA LYS C 335 -9.87 57.70 -6.06
C LYS C 335 -10.35 58.15 -4.71
N VAL C 336 -11.16 57.32 -4.04
CA VAL C 336 -11.35 57.46 -2.59
C VAL C 336 -10.50 56.32 -1.96
N ILE C 337 -9.67 56.66 -0.99
CA ILE C 337 -8.70 55.69 -0.41
C ILE C 337 -9.11 55.37 0.98
N THR C 338 -9.36 54.07 1.26
CA THR C 338 -9.64 53.61 2.60
C THR C 338 -8.37 52.90 3.06
N PHE C 339 -7.82 53.34 4.16
CA PHE C 339 -6.75 52.68 4.88
C PHE C 339 -7.27 51.68 5.91
N LEU C 340 -6.65 50.49 5.99
CA LEU C 340 -6.89 49.56 7.07
C LEU C 340 -5.60 49.59 7.92
N ARG C 341 -5.77 49.91 9.19
CA ARG C 341 -4.66 50.09 10.10
C ARG C 341 -4.83 49.14 11.25
N VAL C 342 -3.81 48.31 11.53
CA VAL C 342 -3.86 47.49 12.73
C VAL C 342 -2.76 47.96 13.67
N GLU C 343 -3.11 48.12 14.93
CA GLU C 343 -2.25 48.81 15.89
C GLU C 343 -1.43 47.95 16.77
N ASN C 344 -1.74 46.65 16.82
CA ASN C 344 -0.96 45.69 17.64
C ASN C 344 -0.77 44.46 16.83
N PHE C 345 0.43 43.90 16.92
CA PHE C 345 0.87 42.74 16.12
C PHE C 345 1.19 41.59 17.03
N ASP C 346 1.01 40.38 16.52
CA ASP C 346 1.24 39.18 17.34
C ASP C 346 2.73 38.93 17.65
N ARG C 347 3.59 39.33 16.73
CA ARG C 347 5.02 39.32 16.92
C ARG C 347 5.57 40.74 16.85
N GLU C 348 5.76 41.41 17.98
CA GLU C 348 6.30 42.78 17.96
C GLU C 348 7.81 42.80 17.98
N ILE C 349 8.41 42.82 16.80
CA ILE C 349 9.85 42.93 16.63
C ILE C 349 10.29 44.30 17.09
N VAL C 350 11.34 44.37 17.87
CA VAL C 350 11.98 45.64 18.25
C VAL C 350 13.23 45.79 17.36
N ILE C 351 13.39 46.95 16.74
CA ILE C 351 14.52 47.27 15.89
C ILE C 351 15.71 47.50 16.77
N PRO C 352 16.79 46.73 16.57
CA PRO C 352 17.95 46.92 17.43
C PRO C 352 18.71 48.23 17.25
N GLU C 353 19.42 48.63 18.29
CA GLU C 353 20.41 49.72 18.21
C GLU C 353 21.65 49.23 17.49
N THR C 354 21.99 49.84 16.36
CA THR C 354 23.16 49.42 15.54
C THR C 354 24.44 50.16 15.87
N GLY C 355 24.30 51.21 16.67
CA GLY C 355 25.42 52.04 17.02
C GLY C 355 25.70 53.12 15.99
N ARG C 356 24.90 53.20 14.94
CA ARG C 356 25.09 54.18 13.86
C ARG C 356 24.17 55.35 14.03
N ALA C 357 24.76 56.56 14.05
CA ALA C 357 24.04 57.76 14.36
C ALA C 357 22.96 58.01 13.31
N GLU C 358 23.26 57.64 12.06
CA GLU C 358 22.26 57.71 10.99
C GLU C 358 20.95 56.95 11.31
N LEU C 359 21.00 55.93 12.19
CA LEU C 359 19.81 55.10 12.38
C LEU C 359 19.18 55.30 13.75
N SER C 360 19.58 56.35 14.45
CA SER C 360 19.07 56.64 15.78
C SER C 360 17.59 56.81 15.84
N TYR C 361 16.99 57.24 14.74
CA TYR C 361 15.56 57.43 14.71
C TYR C 361 14.77 56.12 14.71
N LEU C 362 15.48 55.00 14.46
CA LEU C 362 14.88 53.70 14.43
C LEU C 362 15.22 52.86 15.67
N ALA C 363 16.35 53.16 16.30
CA ALA C 363 16.92 52.33 17.39
C ALA C 363 15.94 52.08 18.51
N ARG C 364 15.70 50.81 18.76
CA ARG C 364 14.88 50.32 19.87
C ARG C 364 13.42 50.73 19.82
N LYS C 365 12.96 51.10 18.64
CA LYS C 365 11.57 51.20 18.42
C LYS C 365 11.01 49.91 17.86
N LYS C 366 9.74 49.64 18.12
CA LYS C 366 9.04 48.55 17.50
C LYS C 366 9.02 48.77 16.00
N LEU C 367 9.29 47.71 15.22
CA LEU C 367 9.15 47.79 13.76
C LEU C 367 7.76 48.28 13.40
N SER C 368 6.74 47.89 14.16
CA SER C 368 5.37 48.34 13.87
C SER C 368 5.16 49.85 14.06
N GLU C 369 5.98 50.47 14.90
CA GLU C 369 5.94 51.91 15.08
C GLU C 369 6.28 52.61 13.76
N LEU C 370 7.27 52.06 13.05
CA LEU C 370 7.61 52.59 11.74
C LEU C 370 6.50 52.38 10.77
N LEU C 371 5.94 51.18 10.71
CA LEU C 371 4.82 50.91 9.82
C LEU C 371 3.65 51.88 10.06
N LEU C 372 3.37 52.12 11.34
CA LEU C 372 2.23 52.98 11.72
C LEU C 372 2.55 54.46 11.42
N ALA C 373 3.79 54.87 11.65
CA ALA C 373 4.27 56.20 11.19
C ALA C 373 4.14 56.37 9.69
N GLU C 374 4.40 55.31 8.92
CA GLU C 374 4.26 55.40 7.47
C GLU C 374 2.82 55.55 6.99
N GLN C 375 1.90 54.86 7.66
CA GLN C 375 0.50 54.97 7.32
C GLN C 375 0.03 56.41 7.59
N THR C 376 0.38 56.92 8.76
CA THR C 376 -0.02 58.26 9.19
C THR C 376 0.54 59.30 8.20
N GLY C 377 1.82 59.19 7.85
CA GLY C 377 2.43 60.12 6.90
C GLY C 377 1.87 60.02 5.52
N THR C 378 1.54 58.81 5.09
CA THR C 378 0.99 58.60 3.75
C THR C 378 -0.40 59.23 3.64
N GLU C 379 -1.17 59.11 4.73
CA GLU C 379 -2.54 59.60 4.86
C GLU C 379 -2.56 61.13 4.87
N GLU C 380 -1.69 61.71 5.66
CA GLU C 380 -1.50 63.15 5.71
C GLU C 380 -1.04 63.74 4.36
N ALA C 381 -0.07 63.14 3.69
CA ALA C 381 0.38 63.64 2.39
C ALA C 381 -0.77 63.66 1.40
N LEU C 382 -1.60 62.63 1.45
CA LEU C 382 -2.76 62.50 0.57
C LEU C 382 -3.77 63.59 0.87
N ARG C 383 -3.96 63.87 2.16
CA ARG C 383 -4.87 64.93 2.58
C ARG C 383 -4.37 66.27 2.01
N GLU C 384 -3.10 66.58 2.29
CA GLU C 384 -2.47 67.78 1.82
C GLU C 384 -2.57 67.91 0.31
N ASN C 385 -2.57 66.80 -0.40
CA ASN C 385 -2.78 66.86 -1.86
C ASN C 385 -4.28 66.75 -2.27
N ASN C 386 -5.18 66.94 -1.30
CA ASN C 386 -6.65 66.86 -1.47
C ASN C 386 -7.17 65.60 -2.15
N ARG C 387 -6.61 64.48 -1.71
CA ARG C 387 -7.07 63.16 -2.15
C ARG C 387 -7.89 62.62 -0.99
N PRO C 388 -9.20 62.39 -1.23
CA PRO C 388 -10.09 61.98 -0.12
C PRO C 388 -9.70 60.60 0.44
N ASN C 389 -9.69 60.49 1.78
CA ASN C 389 -9.34 59.24 2.42
C ASN C 389 -10.06 59.06 3.76
N MET C 390 -10.26 57.80 4.13
CA MET C 390 -10.74 57.45 5.44
C MET C 390 -9.86 56.28 6.01
N ARG C 391 -10.10 55.94 7.25
CA ARG C 391 -9.29 54.94 7.94
C ARG C 391 -10.14 54.04 8.84
N VAL C 392 -9.94 52.72 8.72
CA VAL C 392 -10.54 51.75 9.60
C VAL C 392 -9.38 51.19 10.46
N THR C 393 -9.49 51.32 11.78
CA THR C 393 -8.47 50.90 12.70
C THR C 393 -8.94 49.68 13.51
N PHE C 394 -8.09 48.63 13.49
CA PHE C 394 -8.26 47.39 14.22
C PHE C 394 -7.27 47.48 15.37
N ASP C 395 -7.69 47.07 16.56
CA ASP C 395 -6.75 47.00 17.68
C ASP C 395 -5.82 45.77 17.60
N GLY C 396 -6.23 44.82 16.77
CA GLY C 396 -5.41 43.64 16.47
C GLY C 396 -6.13 42.75 15.49
N LEU C 397 -5.43 41.72 15.01
CA LEU C 397 -6.01 40.77 14.09
C LEU C 397 -6.63 39.64 14.90
N THR C 398 -7.91 39.80 15.18
CA THR C 398 -8.70 38.88 16.00
C THR C 398 -9.97 38.56 15.23
N PRO C 399 -10.57 37.40 15.47
CA PRO C 399 -11.83 37.00 14.83
C PRO C 399 -12.94 38.02 15.04
N TYR C 400 -13.01 38.61 16.23
CA TYR C 400 -13.99 39.64 16.55
C TYR C 400 -13.88 40.75 15.58
N ASN C 401 -12.67 41.27 15.41
CA ASN C 401 -12.42 42.41 14.52
C ASN C 401 -12.59 42.04 13.06
N VAL C 402 -12.15 40.85 12.67
CA VAL C 402 -12.38 40.42 11.27
C VAL C 402 -13.87 40.14 10.97
N GLY C 403 -14.63 39.61 11.93
CA GLY C 403 -16.07 39.41 11.70
C GLY C 403 -16.77 40.76 11.52
N GLN C 404 -16.38 41.72 12.34
CA GLN C 404 -16.91 43.12 12.17
C GLN C 404 -16.66 43.59 10.79
N PHE C 405 -15.41 43.46 10.34
CA PHE C 405 -15.01 43.92 9.00
C PHE C 405 -15.88 43.37 7.93
N PHE C 406 -16.08 42.07 7.90
CA PHE C 406 -16.89 41.45 6.87
C PHE C 406 -18.36 41.98 6.88
N ALA C 407 -18.94 42.07 8.07
CA ALA C 407 -20.36 42.46 8.28
C ALA C 407 -20.55 43.90 7.81
N TYR C 408 -19.71 44.80 8.32
CA TYR C 408 -19.78 46.24 7.92
C TYR C 408 -19.71 46.45 6.42
N TYR C 409 -18.81 45.71 5.74
CA TYR C 409 -18.70 45.88 4.29
C TYR C 409 -19.79 45.15 3.52
N GLU C 410 -20.28 44.03 4.04
CA GLU C 410 -21.42 43.40 3.40
C GLU C 410 -22.66 44.35 3.44
N ALA C 411 -22.90 44.98 4.60
CA ALA C 411 -24.03 45.93 4.77
C ALA C 411 -23.82 47.16 3.89
N ALA C 412 -22.63 47.76 3.93
CA ALA C 412 -22.31 48.93 3.10
C ALA C 412 -22.53 48.67 1.62
N THR C 413 -22.23 47.46 1.17
CA THR C 413 -22.39 47.13 -0.23
C THR C 413 -23.85 47.05 -0.56
N ALA C 414 -24.62 46.47 0.37
CA ALA C 414 -26.07 46.36 0.29
C ALA C 414 -26.68 47.77 0.13
N PHE C 415 -26.22 48.69 0.99
CA PHE C 415 -26.67 50.09 0.99
C PHE C 415 -26.30 50.81 -0.28
N MET C 416 -25.09 50.62 -0.79
CA MET C 416 -24.72 51.23 -2.09
C MET C 416 -25.58 50.72 -3.23
N GLY C 417 -25.99 49.46 -3.22
CA GLY C 417 -26.87 49.00 -4.28
C GLY C 417 -28.25 49.69 -4.22
N TYR C 418 -28.69 50.03 -3.00
CA TYR C 418 -29.96 50.73 -2.80
C TYR C 418 -29.85 52.13 -3.36
N LEU C 419 -28.81 52.85 -2.91
CA LEU C 419 -28.53 54.19 -3.36
C LEU C 419 -28.38 54.27 -4.87
N LEU C 420 -27.71 53.30 -5.46
CA LEU C 420 -27.55 53.24 -6.92
C LEU C 420 -28.76 52.62 -7.64
N GLU C 421 -29.75 52.18 -6.86
CA GLU C 421 -31.00 51.64 -7.39
C GLU C 421 -30.71 50.52 -8.41
N ILE C 422 -29.75 49.67 -8.05
CA ILE C 422 -29.43 48.46 -8.82
C ILE C 422 -29.64 47.27 -7.91
N ASN C 423 -29.58 46.08 -8.51
CA ASN C 423 -29.56 44.82 -7.75
C ASN C 423 -28.10 44.43 -7.36
N PRO C 424 -27.76 44.50 -6.05
CA PRO C 424 -26.38 44.29 -5.68
C PRO C 424 -26.07 42.80 -5.46
N PHE C 425 -27.05 41.95 -5.75
CA PHE C 425 -26.98 40.55 -5.36
C PHE C 425 -26.95 39.58 -6.55
N ASP C 426 -26.88 40.12 -7.78
CA ASP C 426 -26.76 39.30 -8.97
C ASP C 426 -25.44 39.56 -9.71
N GLN C 427 -25.21 38.79 -10.78
CA GLN C 427 -23.97 38.91 -11.56
C GLN C 427 -24.18 38.43 -13.00
N PRO C 428 -25.08 39.11 -13.73
CA PRO C 428 -25.39 38.69 -15.12
C PRO C 428 -24.24 38.77 -16.13
N GLY C 429 -23.29 39.66 -15.87
CA GLY C 429 -22.19 39.92 -16.83
C GLY C 429 -21.17 38.80 -16.98
N VAL C 430 -21.26 37.78 -16.12
CA VAL C 430 -20.30 36.67 -16.13
C VAL C 430 -20.73 35.54 -17.06
N GLU C 431 -22.01 35.53 -17.40
CA GLU C 431 -22.59 34.39 -18.10
C GLU C 431 -22.12 34.17 -19.55
N LEU C 432 -21.82 35.25 -20.26
CA LEU C 432 -21.38 35.15 -21.66
C LEU C 432 -20.02 34.44 -21.81
N GLY C 433 -19.05 34.82 -20.98
CA GLY C 433 -17.71 34.20 -21.04
C GLY C 433 -17.78 32.71 -20.81
N LYS C 434 -18.60 32.32 -19.82
CA LYS C 434 -18.81 30.90 -19.51
C LYS C 434 -19.38 30.12 -20.70
N LYS C 435 -20.35 30.73 -21.38
CA LYS C 435 -20.99 30.10 -22.53
C LYS C 435 -19.96 29.87 -23.62
N ILE C 436 -19.14 30.89 -23.89
CA ILE C 436 -18.10 30.79 -24.93
C ILE C 436 -17.08 29.68 -24.53
N THR C 437 -16.59 29.75 -23.30
CA THR C 437 -15.67 28.74 -22.76
C THR C 437 -16.23 27.33 -22.89
N PHE C 438 -17.45 27.07 -22.42
CA PHE C 438 -18.04 25.71 -22.53
C PHE C 438 -18.13 25.22 -23.96
N ALA C 439 -18.36 26.16 -24.88
CA ALA C 439 -18.42 25.84 -26.28
C ALA C 439 -17.05 25.47 -26.77
N LEU C 440 -16.05 26.26 -26.40
CA LEU C 440 -14.63 25.92 -26.68
C LEU C 440 -14.26 24.53 -26.09
N MET C 441 -14.82 24.19 -24.94
CA MET C 441 -14.53 22.90 -24.28
C MET C 441 -15.35 21.76 -24.83
N GLY C 442 -16.17 22.03 -25.85
CA GLY C 442 -16.97 20.99 -26.48
C GLY C 442 -18.10 20.50 -25.63
N ARG C 443 -18.61 21.35 -24.73
CA ARG C 443 -19.66 20.90 -23.83
C ARG C 443 -21.00 20.81 -24.57
N GLU C 444 -21.67 19.66 -24.46
CA GLU C 444 -22.94 19.39 -25.15
C GLU C 444 -23.97 20.49 -24.93
N GLY C 445 -24.47 21.03 -26.04
CA GLY C 445 -25.46 22.10 -26.00
C GLY C 445 -24.90 23.52 -25.95
N TYR C 446 -23.57 23.64 -26.10
CA TYR C 446 -22.89 24.95 -26.13
C TYR C 446 -22.29 25.15 -27.50
N THR C 447 -22.82 26.13 -28.23
CA THR C 447 -22.63 26.21 -29.68
C THR C 447 -21.98 27.52 -30.16
N TYR C 448 -21.79 28.50 -29.27
CA TYR C 448 -21.13 29.75 -29.65
C TYR C 448 -19.92 29.47 -30.53
N GLU C 449 -19.83 30.18 -31.66
CA GLU C 449 -18.66 30.12 -32.56
C GLU C 449 -18.02 31.52 -32.61
N ILE C 450 -16.73 31.60 -32.27
CA ILE C 450 -15.98 32.86 -32.37
C ILE C 450 -15.67 33.06 -33.86
N LYS C 451 -16.09 34.21 -34.42
CA LYS C 451 -15.92 34.50 -35.84
C LYS C 451 -14.46 34.87 -36.15
N GLU C 452 -14.00 34.56 -37.37
CA GLU C 452 -12.71 35.07 -37.87
C GLU C 452 -12.76 36.62 -37.99
N ARG C 453 -11.71 37.31 -37.53
CA ARG C 453 -11.72 38.78 -37.43
C ARG C 453 -11.31 39.39 -38.76
N SER C 454 -11.90 40.54 -39.08
CA SER C 454 -11.49 41.34 -40.24
C SER C 454 -10.09 41.90 -39.95
N LYS C 455 -10.02 42.86 -39.02
CA LYS C 455 -8.75 43.45 -38.63
C LYS C 455 -8.05 42.49 -37.64
N LYS C 456 -6.84 42.05 -38.02
CA LYS C 456 -5.90 41.33 -37.17
C LYS C 456 -4.65 42.18 -37.05
N VAL C 457 -4.38 42.70 -35.86
CA VAL C 457 -3.18 43.46 -35.59
C VAL C 457 -2.22 42.67 -34.64
N ILE C 458 -1.33 41.85 -35.24
CA ILE C 458 -0.44 40.98 -34.47
C ILE C 458 1.06 41.24 -34.75
N ILE C 459 1.89 41.07 -33.72
CA ILE C 459 3.36 41.17 -33.83
C ILE C 459 3.87 39.86 -33.19
N GLU C 460 4.47 38.96 -34.00
CA GLU C 460 4.63 37.54 -33.64
C GLU C 460 6.06 37.01 -33.77
S SO4 D . 0.09 -12.55 -21.79
O1 SO4 D . -0.43 -11.43 -22.59
O2 SO4 D . -0.86 -12.96 -20.76
O3 SO4 D . 0.33 -13.64 -22.73
O4 SO4 D . 1.32 -12.26 -21.07
S SO4 E . 16.64 8.83 3.58
O1 SO4 E . 15.65 9.81 3.12
O2 SO4 E . 17.28 8.22 2.41
O3 SO4 E . 17.60 9.58 4.38
O4 SO4 E . 15.93 7.82 4.36
CL CL F . 5.17 -25.08 -2.18
CL CL G . 20.42 10.30 -21.24
O1 2PE H . 11.32 -45.70 1.85
C2 2PE H . 10.08 -45.11 2.23
C3 2PE H . 8.94 -45.54 1.31
O4 2PE H . 7.70 -44.97 1.75
C5 2PE H . 6.58 -45.42 1.00
C6 2PE H . 6.30 -44.36 -0.04
O7 2PE H . 5.65 -44.85 -1.21
C8 2PE H . 6.16 -44.34 -2.45
C9 2PE H . 7.30 -45.20 -2.99
O10 2PE H . 7.70 -44.73 -4.30
S SO4 I . 2.36 -4.71 35.34
O1 SO4 I . 0.94 -4.82 35.08
O2 SO4 I . 3.15 -5.68 34.56
O3 SO4 I . 2.80 -3.37 35.00
O4 SO4 I . 2.60 -4.94 36.77
S SO4 J . 12.45 -28.41 20.45
O1 SO4 J . 11.41 -27.38 20.44
O2 SO4 J . 11.76 -29.69 20.43
O3 SO4 J . 13.30 -28.29 19.25
O4 SO4 J . 13.30 -28.39 21.66
CL CL K . 4.37 -12.15 35.10
O1 2PE L . 6.67 -9.57 11.09
C2 2PE L . 7.09 -9.25 9.76
C3 2PE L . 8.33 -10.05 9.40
O4 2PE L . 9.42 -9.65 10.21
C5 2PE L . 10.59 -10.45 10.03
C6 2PE L . 11.22 -10.34 8.65
O7 2PE L . 11.74 -9.02 8.41
C8 2PE L . 12.77 -8.97 7.40
C9 2PE L . 12.26 -9.39 6.01
O10 2PE L . 12.52 -8.35 5.07
C11 2PE L . 11.87 -8.47 3.81
C12 2PE L . 11.55 -7.06 3.33
O13 2PE L . 10.66 -6.41 4.26
C14 2PE L . 10.00 -5.21 3.82
C15 2PE L . 8.52 -5.24 4.18
O16 2PE L . 7.78 -6.17 3.36
C17 2PE L . 6.44 -6.42 3.81
C18 2PE L . 5.61 -7.04 2.67
O19 2PE L . 5.61 -6.26 1.48
C20 2PE L . 5.55 -4.81 1.64
C21 2PE L . 5.31 -4.06 0.32
O22 2PE L . 5.53 -4.90 -0.83
C23 2PE L . 6.80 -4.78 -1.47
C24 2PE L . 6.82 -5.53 -2.80
O25 2PE L . 8.07 -5.30 -3.51
C26 2PE L . 9.06 -6.23 -3.04
C27 2PE L . 10.46 -5.69 -3.22
O28 2PE L . 10.76 -5.72 -4.62
S SO4 M . -21.29 28.63 -11.57
O1 SO4 M . -22.42 29.54 -11.76
O2 SO4 M . -21.70 27.29 -12.03
O3 SO4 M . -20.17 29.14 -12.37
O4 SO4 M . -20.88 28.67 -10.16
S SO4 N . 5.71 18.00 11.34
O1 SO4 N . 4.34 18.42 11.68
O2 SO4 N . 5.68 16.80 10.52
O3 SO4 N . 6.36 19.04 10.55
O4 SO4 N . 6.43 17.70 12.58
CL CL O . -5.14 46.49 -8.33
O1 2PE P . -3.76 29.02 1.60
C2 2PE P . -2.92 29.23 0.44
C3 2PE P . -3.12 28.10 -0.56
O4 2PE P . -2.45 28.17 -1.84
C5 2PE P . -1.04 28.42 -1.85
C6 2PE P . -0.31 27.20 -2.41
O7 2PE P . 0.64 27.61 -3.43
C8 2PE P . 1.95 27.04 -3.27
C9 2PE P . 2.77 27.84 -2.26
O10 2PE P . 3.13 29.16 -2.74
C11 2PE P . 3.52 30.10 -1.73
C12 2PE P . 4.29 29.46 -0.55
O13 2PE P . 4.48 30.40 0.51
C14 2PE P . 3.36 30.55 1.39
C15 2PE P . 3.59 31.77 2.27
O16 2PE P . 2.42 32.59 2.49
C17 2PE P . 2.54 34.00 2.34
C18 2PE P . 3.78 34.55 3.04
O19 2PE P . 4.10 33.79 4.22
C20 2PE P . 5.47 33.33 4.37
C21 2PE P . 6.46 34.47 4.54
O22 2PE P . 7.24 34.65 3.34
C23 2PE P . 6.89 35.78 2.53
C24 2PE P . 8.14 36.55 2.11
O25 2PE P . 8.29 36.49 0.69
C26 2PE P . 8.86 35.24 0.27
C27 2PE P . 8.87 35.11 -1.25
O28 2PE P . 10.23 35.16 -1.74
#